data_8G85
#
_entry.id   8G85
#
_cell.length_a   1.00
_cell.length_b   1.00
_cell.length_c   1.00
_cell.angle_alpha   90.00
_cell.angle_beta   90.00
_cell.angle_gamma   90.00
#
_symmetry.space_group_name_H-M   'P 1'
#
loop_
_entity.id
_entity.type
_entity.pdbx_description
1 polymer 'Envelope glycoprotein gp120'
2 polymer 'Envelope glycoprotein gp41'
3 polymer 'vFP52.02 Heavy'
4 polymer 'vFP52.02 Light'
5 branched alpha-D-mannopyranose-(1-3)-alpha-D-mannopyranose-(1-6)-beta-D-mannopyranose-(1-4)-2-acetamido-2-deoxy-beta-D-glucopyranose-(1-4)-2-acetamido-2-deoxy-beta-D-glucopyranose
6 branched 2-acetamido-2-deoxy-beta-D-glucopyranose-(1-4)-2-acetamido-2-deoxy-beta-D-glucopyranose
7 branched alpha-D-mannopyranose-(1-3)-beta-D-mannopyranose-(1-4)-2-acetamido-2-deoxy-beta-D-glucopyranose-(1-4)-2-acetamido-2-deoxy-beta-D-glucopyranose
8 branched alpha-D-mannopyranose-(1-3)-[alpha-D-mannopyranose-(1-6)]beta-D-mannopyranose-(1-4)-2-acetamido-2-deoxy-beta-D-glucopyranose-(1-4)-2-acetamido-2-deoxy-beta-D-glucopyranose
9 branched alpha-D-mannopyranose-(1-6)-beta-D-mannopyranose-(1-4)-2-acetamido-2-deoxy-beta-D-glucopyranose-(1-4)-2-acetamido-2-deoxy-beta-D-glucopyranose
10 branched beta-D-mannopyranose-(1-4)-2-acetamido-2-deoxy-beta-D-glucopyranose-(1-4)-2-acetamido-2-deoxy-beta-D-glucopyranose
11 non-polymer 2-acetamido-2-deoxy-beta-D-glucopyranose
#
loop_
_entity_poly.entity_id
_entity_poly.type
_entity_poly.pdbx_seq_one_letter_code
_entity_poly.pdbx_strand_id
1 'polypeptide(L)'
;AENLWVTVYYGVPVWKDAETTLFCASDAKAYETEKHNVWATHACVPTDPNPQEIHLENVTEEFNMWKNNMVEQMHTDIIS
LWDQSLKPCVKLTPLCVTLQCTNVTNNITDDMRGELKNCSFNMTTELRDKKQKVYSLFYRLDVVQINENQGNRSNNSNKE
YRLINCNTSACTQACPKVSFEPIPIHYCAPAGFAILKCKDKKFNGTGPCPSVSTVQCTHGIKPVVSTQLLLNGSLAEEEV
MIRSENITNNAKNILVQFNTPVQINCTRPNNNTRKSIRIGPGQAFYATGDIIGDIRQAHCNVSKATWNETLGKVVKQLRK
HFGNNTIIRFANSSGGDLEVTTHSFNCGGEFFYCNTSGLFNSTWISNTSVQGSNSTGSNDSITLPCRIKQIINMWQRIGQ
CMYAPPIQGVIRCVSNITGLILTRDGGSTNSTTETFRPGGGDMRDNWRSELYKYKVVKIEPLGVAPTRCKRRVVGRRRRR
R
;
G,D,J
2 'polypeptide(L)'
;AVGIGAVFLGFLGAAGSTMGAASMTLTVQARNLLSGIVQQQSNLLRAPEAQQHLLKLTVWGIKQLQARVLAVERYLRDQQ
LLGIWGCSGKLICCTNVPWNSSWSNRNLSEIWDNMTWLQWDKEISNYTQIIYGLLEESQNQQEKNEQDLLALD
;
B,E,K
3 'polypeptide(L)'
;DVQLQESGPGLVKPSQSLSLTCSVTGYSITSAYYWNWIRQFPGKKLEWMGYLLYDGSTGYNPSLKNRISITRDTSKNQFF
LKLNSVTPEDTATYYCSREGNNRSYWGQGTTLIVSS
;
H,A,F
4 'polypeptide(L)'
;DIVMTQSHRFMSTSVGDRVSITCKASQSVDTAVAWYQQKPGQSPKLLIYWASTRHPGVPDRFTGSGSGTDFILTISNVQS
EDLADYFCHQFDRYPLTFGDGTKLELK
;
L,C,I
#
# COMPACT_ATOMS: atom_id res chain seq x y z
N GLU A 2 -50.96 5.81 3.98
CA GLU A 2 -51.24 7.20 3.68
C GLU A 2 -49.99 8.06 3.82
N ASN A 3 -49.38 8.01 5.00
CA ASN A 3 -48.17 8.77 5.27
C ASN A 3 -46.97 8.12 4.57
N LEU A 4 -46.17 8.94 3.91
CA LEU A 4 -44.98 8.45 3.23
C LEU A 4 -43.88 8.14 4.24
N TRP A 5 -43.16 7.05 4.00
CA TRP A 5 -42.05 6.63 4.86
C TRP A 5 -40.76 6.67 4.06
N VAL A 6 -39.66 6.94 4.77
CA VAL A 6 -38.38 7.19 4.12
C VAL A 6 -37.74 5.88 3.69
N THR A 7 -37.09 5.91 2.53
CA THR A 7 -36.37 4.79 1.94
C THR A 7 -34.89 5.13 1.82
N VAL A 8 -34.11 4.20 1.28
CA VAL A 8 -32.70 4.40 1.01
C VAL A 8 -32.45 4.09 -0.46
N TYR A 9 -31.89 5.06 -1.19
CA TYR A 9 -31.50 4.89 -2.57
C TYR A 9 -29.98 4.92 -2.67
N TYR A 10 -29.40 3.86 -3.22
CA TYR A 10 -27.96 3.73 -3.34
C TYR A 10 -27.54 3.86 -4.79
N GLY A 11 -26.45 4.60 -5.01
CA GLY A 11 -25.90 4.78 -6.34
C GLY A 11 -26.48 5.95 -7.11
N VAL A 12 -27.30 6.78 -6.48
CA VAL A 12 -27.90 7.90 -7.22
C VAL A 12 -26.83 8.97 -7.47
N PRO A 13 -26.82 9.66 -8.62
CA PRO A 13 -25.82 10.71 -8.83
C PRO A 13 -26.03 11.96 -7.99
N VAL A 14 -25.20 12.13 -6.97
CA VAL A 14 -25.14 13.36 -6.18
C VAL A 14 -23.68 13.80 -6.11
N TRP A 15 -23.41 15.05 -6.43
CA TRP A 15 -22.05 15.57 -6.47
C TRP A 15 -21.70 16.32 -5.19
N LYS A 16 -20.40 16.47 -4.97
CA LYS A 16 -19.87 17.26 -3.86
C LYS A 16 -18.51 17.78 -4.26
N ASP A 17 -18.29 19.08 -4.10
CA ASP A 17 -17.04 19.72 -4.51
C ASP A 17 -15.94 19.32 -3.54
N ALA A 18 -15.03 18.46 -3.99
CA ALA A 18 -13.94 17.97 -3.17
C ALA A 18 -12.68 17.87 -4.01
N GLU A 19 -11.54 17.77 -3.33
CA GLU A 19 -10.24 17.67 -3.97
C GLU A 19 -9.60 16.33 -3.64
N THR A 20 -9.08 15.66 -4.67
CA THR A 20 -8.34 14.42 -4.53
C THR A 20 -7.11 14.47 -5.42
N THR A 21 -6.22 13.51 -5.25
CA THR A 21 -5.04 13.43 -6.09
C THR A 21 -5.42 13.00 -7.51
N LEU A 22 -4.62 13.44 -8.47
CA LEU A 22 -4.88 13.16 -9.87
C LEU A 22 -3.93 12.07 -10.36
N PHE A 23 -3.95 11.79 -11.66
CA PHE A 23 -3.12 10.73 -12.21
C PHE A 23 -2.82 11.03 -13.67
N CYS A 24 -1.56 10.86 -14.05
CA CYS A 24 -1.11 11.12 -15.41
C CYS A 24 -1.68 10.08 -16.39
N ALA A 25 -1.75 10.49 -17.65
CA ALA A 25 -2.16 9.60 -18.73
C ALA A 25 -1.59 10.15 -20.04
N SER A 26 -0.84 9.31 -20.75
CA SER A 26 -0.17 9.74 -21.98
C SER A 26 -0.38 8.69 -23.06
N ASP A 27 -0.31 9.14 -24.31
CA ASP A 27 -0.47 8.27 -25.46
C ASP A 27 0.85 7.60 -25.81
N ALA A 28 0.86 6.86 -26.91
CA ALA A 28 2.05 6.17 -27.37
C ALA A 28 3.03 7.14 -28.01
N HIS A 36 13.98 8.11 -24.32
CA HIS A 36 13.09 8.40 -23.20
C HIS A 36 12.39 9.74 -23.39
N ASN A 37 12.13 10.43 -22.28
CA ASN A 37 11.40 11.70 -22.30
C ASN A 37 11.79 12.47 -21.05
N VAL A 38 11.11 13.60 -20.83
CA VAL A 38 11.28 14.37 -19.60
C VAL A 38 9.99 14.46 -18.79
N TRP A 39 8.82 14.27 -19.40
CA TRP A 39 7.56 14.21 -18.67
C TRP A 39 7.02 12.79 -18.56
N ALA A 40 6.97 12.05 -19.66
CA ALA A 40 6.40 10.71 -19.63
C ALA A 40 7.41 9.69 -19.11
N THR A 41 8.55 9.56 -19.82
CA THR A 41 9.63 8.60 -19.51
C THR A 41 9.12 7.16 -19.46
N HIS A 42 8.08 6.86 -20.24
CA HIS A 42 7.40 5.55 -20.28
C HIS A 42 6.96 5.11 -18.89
N ALA A 43 6.45 6.05 -18.10
CA ALA A 43 5.99 5.78 -16.75
C ALA A 43 4.49 5.95 -16.56
N CYS A 44 3.87 6.89 -17.28
CA CYS A 44 2.42 7.06 -17.21
C CYS A 44 1.73 5.88 -17.87
N VAL A 45 0.61 5.46 -17.29
CA VAL A 45 -0.14 4.33 -17.86
C VAL A 45 -0.80 4.78 -19.15
N PRO A 46 -0.61 4.06 -20.26
CA PRO A 46 -1.23 4.47 -21.53
C PRO A 46 -2.74 4.22 -21.49
N THR A 47 -3.50 5.31 -21.37
CA THR A 47 -4.95 5.21 -21.28
C THR A 47 -5.54 4.92 -22.66
N ASP A 48 -6.74 4.36 -22.64
CA ASP A 48 -7.50 4.24 -23.88
C ASP A 48 -8.03 5.62 -24.29
N PRO A 49 -7.80 6.04 -25.54
CA PRO A 49 -8.16 7.42 -25.94
C PRO A 49 -9.63 7.56 -26.32
N ASN A 50 -10.51 7.27 -25.36
CA ASN A 50 -11.96 7.35 -25.56
C ASN A 50 -12.57 8.32 -24.53
N PRO A 51 -12.58 9.62 -24.83
CA PRO A 51 -13.20 10.57 -23.91
C PRO A 51 -14.72 10.42 -23.88
N GLN A 52 -15.22 9.84 -22.80
CA GLN A 52 -16.66 9.60 -22.64
C GLN A 52 -17.32 10.92 -22.27
N GLU A 53 -17.59 11.73 -23.30
CA GLU A 53 -18.15 13.06 -23.12
C GLU A 53 -19.67 12.96 -23.21
N ILE A 54 -20.28 12.64 -22.08
CA ILE A 54 -21.74 12.55 -21.99
C ILE A 54 -22.25 13.95 -21.67
N HIS A 55 -22.94 14.58 -22.62
CA HIS A 55 -23.50 15.89 -22.40
C HIS A 55 -24.68 15.82 -21.44
N LEU A 56 -24.72 16.75 -20.48
CA LEU A 56 -25.73 16.76 -19.44
C LEU A 56 -26.66 17.94 -19.65
N GLU A 57 -27.96 17.68 -19.63
CA GLU A 57 -28.97 18.71 -19.84
C GLU A 57 -29.57 19.15 -18.52
N ASN A 58 -29.98 20.43 -18.48
CA ASN A 58 -30.57 21.08 -17.30
C ASN A 58 -29.66 21.02 -16.09
N VAL A 59 -28.35 21.10 -16.32
CA VAL A 59 -27.36 21.06 -15.24
C VAL A 59 -26.58 22.36 -15.26
N THR A 60 -26.64 23.10 -14.16
CA THR A 60 -25.85 24.32 -13.97
C THR A 60 -24.95 24.11 -12.77
N GLU A 61 -23.64 24.01 -13.03
CA GLU A 61 -22.65 23.81 -11.98
C GLU A 61 -21.71 25.01 -11.94
N GLU A 62 -21.47 25.53 -10.74
CA GLU A 62 -20.66 26.74 -10.57
C GLU A 62 -19.19 26.37 -10.59
N PHE A 63 -18.48 26.84 -11.61
CA PHE A 63 -17.04 26.65 -11.69
C PHE A 63 -16.32 27.78 -10.95
N ASN A 64 -15.05 27.53 -10.63
CA ASN A 64 -14.28 28.47 -9.83
C ASN A 64 -12.80 28.30 -10.15
N MET A 65 -12.21 29.27 -10.84
CA MET A 65 -10.77 29.33 -10.99
C MET A 65 -10.16 30.14 -9.86
N TRP A 66 -8.83 30.08 -9.77
CA TRP A 66 -7.96 30.73 -8.76
C TRP A 66 -8.16 30.14 -7.36
N LYS A 67 -9.09 29.21 -7.22
CA LYS A 67 -9.22 28.35 -6.06
C LYS A 67 -9.13 26.89 -6.45
N ASN A 68 -9.08 26.59 -7.74
CA ASN A 68 -8.94 25.22 -8.23
C ASN A 68 -7.55 24.71 -7.88
N ASN A 69 -7.49 23.54 -7.24
CA ASN A 69 -6.23 22.95 -6.85
C ASN A 69 -5.61 22.08 -7.94
N MET A 70 -6.27 21.96 -9.09
CA MET A 70 -5.67 21.23 -10.21
C MET A 70 -4.44 21.94 -10.74
N VAL A 71 -4.49 23.26 -10.86
CA VAL A 71 -3.31 24.02 -11.28
C VAL A 71 -2.26 24.07 -10.18
N GLU A 72 -2.66 23.93 -8.91
CA GLU A 72 -1.69 23.79 -7.85
C GLU A 72 -1.08 22.40 -7.84
N GLN A 73 -1.88 21.38 -8.14
CA GLN A 73 -1.36 20.02 -8.27
C GLN A 73 -0.44 19.89 -9.47
N MET A 74 -0.80 20.53 -10.59
CA MET A 74 0.00 20.39 -11.82
C MET A 74 1.34 21.10 -11.69
N HIS A 75 1.37 22.26 -11.04
CA HIS A 75 2.63 22.95 -10.82
C HIS A 75 3.55 22.16 -9.89
N THR A 76 2.98 21.53 -8.86
CA THR A 76 3.75 20.68 -7.97
C THR A 76 4.21 19.41 -8.69
N ASP A 77 3.40 18.93 -9.64
CA ASP A 77 3.67 17.65 -10.29
C ASP A 77 4.93 17.70 -11.14
N ILE A 78 5.04 18.70 -12.02
CA ILE A 78 6.15 18.72 -12.97
C ILE A 78 7.41 19.35 -12.39
N ILE A 79 7.33 19.99 -11.22
CA ILE A 79 8.54 20.36 -10.50
C ILE A 79 9.29 19.11 -10.06
N SER A 80 8.57 18.12 -9.52
CA SER A 80 9.21 16.86 -9.15
C SER A 80 9.63 16.06 -10.38
N LEU A 81 8.94 16.23 -11.51
CA LEU A 81 9.36 15.57 -12.74
C LEU A 81 10.64 16.17 -13.30
N TRP A 82 10.83 17.47 -13.13
CA TRP A 82 12.05 18.12 -13.60
C TRP A 82 13.27 17.65 -12.80
N ASP A 83 13.12 17.50 -11.49
CA ASP A 83 14.22 17.04 -10.64
C ASP A 83 14.44 15.53 -10.75
N GLN A 84 13.45 14.78 -11.24
CA GLN A 84 13.60 13.34 -11.34
C GLN A 84 14.54 12.96 -12.49
N SER A 85 14.45 13.67 -13.61
CA SER A 85 15.27 13.38 -14.78
C SER A 85 16.65 14.01 -14.71
N LEU A 86 16.95 14.78 -13.67
CA LEU A 86 18.25 15.43 -13.53
C LEU A 86 19.15 14.73 -12.52
N LYS A 87 18.62 13.83 -11.71
CA LYS A 87 19.37 13.15 -10.66
C LYS A 87 20.28 12.03 -11.20
N PRO A 88 19.83 11.03 -11.98
CA PRO A 88 20.69 9.84 -12.19
C PRO A 88 21.91 10.08 -13.07
N CYS A 89 22.10 11.27 -13.63
CA CYS A 89 23.29 11.51 -14.45
C CYS A 89 24.15 12.63 -13.88
N VAL A 90 25.17 13.04 -14.65
CA VAL A 90 26.33 13.77 -14.12
C VAL A 90 25.98 15.20 -13.77
N LYS A 91 26.67 15.73 -12.76
CA LYS A 91 26.63 17.14 -12.37
C LYS A 91 27.92 17.82 -12.81
N LEU A 92 28.07 19.10 -12.46
CA LEU A 92 29.21 19.92 -12.89
C LEU A 92 29.92 20.56 -11.70
N THR A 93 30.28 19.73 -10.72
CA THR A 93 31.14 20.17 -9.62
C THR A 93 32.46 20.84 -10.04
N PRO A 94 33.30 20.28 -10.92
CA PRO A 94 34.63 20.87 -11.12
C PRO A 94 34.69 22.02 -12.13
N LEU A 95 33.57 22.62 -12.53
CA LEU A 95 33.64 23.78 -13.43
C LEU A 95 33.93 25.08 -12.71
N CYS A 96 33.95 25.09 -11.37
CA CYS A 96 34.28 26.31 -10.63
C CYS A 96 35.79 26.49 -10.53
N VAL A 97 36.38 26.83 -11.67
CA VAL A 97 37.81 27.08 -11.82
C VAL A 97 37.95 28.47 -12.41
N THR A 98 38.96 29.22 -11.96
CA THR A 98 39.22 30.55 -12.49
C THR A 98 39.51 30.50 -13.98
N LEU A 99 38.85 31.38 -14.72
CA LEU A 99 38.88 31.36 -16.18
C LEU A 99 39.87 32.38 -16.72
N GLN A 100 40.13 32.28 -18.03
CA GLN A 100 40.92 33.26 -18.78
C GLN A 100 40.12 33.58 -20.05
N CYS A 101 39.25 34.57 -19.94
CA CYS A 101 38.30 34.89 -21.01
C CYS A 101 38.78 36.10 -21.81
N THR A 102 38.49 36.07 -23.12
CA THR A 102 38.81 37.16 -24.03
C THR A 102 37.68 37.30 -25.04
N ASN A 103 37.55 38.50 -25.60
CA ASN A 103 36.49 38.77 -26.56
C ASN A 103 36.71 37.98 -27.85
N VAL A 104 35.61 37.44 -28.38
CA VAL A 104 35.65 36.73 -29.64
C VAL A 104 35.70 37.76 -30.77
N THR A 105 36.71 37.64 -31.64
CA THR A 105 36.90 38.57 -32.75
C THR A 105 36.87 37.87 -34.10
N ASN A 106 36.25 36.70 -34.19
CA ASN A 106 36.21 35.92 -35.43
C ASN A 106 34.87 36.14 -36.11
N ASN A 107 34.85 37.10 -37.05
CA ASN A 107 33.70 37.44 -37.89
C ASN A 107 32.48 37.82 -37.04
N ILE A 108 32.63 38.92 -36.30
CA ILE A 108 31.61 39.38 -35.37
C ILE A 108 30.94 40.62 -35.95
N THR A 109 29.76 40.92 -35.42
CA THR A 109 29.00 42.09 -35.82
C THR A 109 29.18 43.21 -34.78
N ASP A 110 28.65 44.39 -35.11
CA ASP A 110 28.80 45.55 -34.24
C ASP A 110 27.91 45.47 -33.01
N ASP A 111 26.78 44.77 -33.08
CA ASP A 111 25.84 44.72 -31.97
C ASP A 111 26.23 43.67 -30.93
N MET A 112 26.78 42.53 -31.37
CA MET A 112 27.17 41.46 -30.46
C MET A 112 28.62 41.56 -30.00
N ARG A 113 29.19 42.76 -29.98
CA ARG A 113 30.56 42.96 -29.53
C ARG A 113 30.62 42.78 -28.02
N GLY A 114 31.22 41.67 -27.58
CA GLY A 114 31.31 41.35 -26.18
C GLY A 114 30.30 40.36 -25.66
N GLU A 115 29.45 39.81 -26.53
CA GLU A 115 28.48 38.82 -26.09
C GLU A 115 29.13 37.47 -25.81
N LEU A 116 30.08 37.07 -26.65
CA LEU A 116 30.73 35.77 -26.53
C LEU A 116 32.11 35.92 -25.93
N LYS A 117 32.44 35.06 -24.97
CA LYS A 117 33.73 35.07 -24.29
C LYS A 117 34.48 33.78 -24.60
N ASN A 118 35.74 33.91 -25.00
CA ASN A 118 36.59 32.76 -25.30
C ASN A 118 37.39 32.42 -24.04
N CYS A 119 36.91 31.45 -23.28
CA CYS A 119 37.45 31.14 -21.97
C CYS A 119 38.19 29.80 -21.98
N SER A 120 39.35 29.78 -21.33
CA SER A 120 40.14 28.58 -21.15
C SER A 120 40.44 28.40 -19.66
N PHE A 121 40.56 27.15 -19.23
CA PHE A 121 40.70 26.85 -17.82
C PHE A 121 41.57 25.60 -17.67
N ASN A 122 41.68 25.10 -16.44
CA ASN A 122 42.50 23.95 -16.10
C ASN A 122 41.64 22.82 -15.52
N MET A 123 40.54 22.51 -16.20
CA MET A 123 39.63 21.46 -15.76
C MET A 123 40.30 20.09 -15.81
N THR A 124 39.97 19.25 -14.83
CA THR A 124 40.63 17.98 -14.62
C THR A 124 40.20 16.95 -15.67
N THR A 125 41.07 15.97 -15.87
CA THR A 125 40.84 14.91 -16.85
C THR A 125 40.31 13.66 -16.14
N GLU A 126 40.26 12.54 -16.87
CA GLU A 126 39.76 11.29 -16.33
C GLU A 126 40.66 10.71 -15.25
N LEU A 127 41.92 11.12 -15.19
CA LEU A 127 42.84 10.71 -14.14
C LEU A 127 42.93 11.80 -13.09
N ARG A 128 42.85 11.41 -11.81
CA ARG A 128 42.79 12.39 -10.73
C ARG A 128 44.10 13.13 -10.49
N ASP A 129 45.22 12.64 -11.02
CA ASP A 129 46.51 13.27 -10.77
C ASP A 129 47.02 14.06 -11.96
N LYS A 130 46.21 14.23 -13.00
CA LYS A 130 46.58 15.01 -14.17
C LYS A 130 45.49 16.05 -14.46
N LYS A 131 45.88 17.07 -15.23
CA LYS A 131 44.95 18.13 -15.61
C LYS A 131 45.17 18.47 -17.07
N GLN A 132 44.13 19.02 -17.70
CA GLN A 132 44.17 19.41 -19.10
C GLN A 132 43.63 20.82 -19.27
N LYS A 133 44.06 21.47 -20.34
CA LYS A 133 43.62 22.82 -20.68
C LYS A 133 42.56 22.73 -21.78
N VAL A 134 41.34 23.16 -21.46
CA VAL A 134 40.21 23.06 -22.36
C VAL A 134 39.64 24.45 -22.60
N TYR A 135 39.48 24.83 -23.86
CA TYR A 135 38.92 26.11 -24.23
C TYR A 135 37.47 25.94 -24.68
N SER A 136 36.66 26.96 -24.40
CA SER A 136 35.25 26.92 -24.76
C SER A 136 34.75 28.35 -24.91
N LEU A 137 33.60 28.48 -25.56
CA LEU A 137 32.94 29.76 -25.75
C LEU A 137 31.77 29.89 -24.77
N PHE A 138 31.76 30.97 -24.00
CA PHE A 138 30.71 31.22 -23.02
C PHE A 138 30.08 32.59 -23.29
N TYR A 139 28.77 32.66 -23.09
CA TYR A 139 28.06 33.91 -23.26
C TYR A 139 28.36 34.85 -22.10
N ARG A 140 28.12 36.15 -22.33
CA ARG A 140 28.41 37.15 -21.31
C ARG A 140 27.41 37.14 -20.16
N LEU A 141 26.30 36.42 -20.29
CA LEU A 141 25.31 36.32 -19.22
C LEU A 141 25.59 35.15 -18.28
N ASP A 142 26.70 34.45 -18.46
CA ASP A 142 27.05 33.31 -17.62
C ASP A 142 28.39 33.47 -16.91
N VAL A 143 29.13 34.54 -17.18
CA VAL A 143 30.43 34.77 -16.57
C VAL A 143 30.48 36.18 -16.00
N VAL A 144 31.10 36.31 -14.83
CA VAL A 144 31.32 37.59 -14.18
C VAL A 144 32.78 37.68 -13.77
N GLN A 145 33.24 38.92 -13.54
CA GLN A 145 34.62 39.14 -13.14
C GLN A 145 34.84 38.70 -11.69
N ILE A 146 36.10 38.39 -11.38
CA ILE A 146 36.48 37.99 -10.03
C ILE A 146 37.04 39.19 -9.28
N GLU A 160 40.45 35.50 -14.34
CA GLU A 160 39.84 36.78 -14.63
C GLU A 160 38.32 36.70 -14.56
N TYR A 161 37.78 35.50 -14.78
CA TYR A 161 36.34 35.30 -14.80
C TYR A 161 36.01 33.99 -14.08
N ARG A 162 34.72 33.82 -13.79
CA ARG A 162 34.22 32.58 -13.20
C ARG A 162 32.74 32.45 -13.57
N LEU A 163 32.20 31.26 -13.38
CA LEU A 163 30.79 31.01 -13.64
C LEU A 163 29.93 31.79 -12.66
N ILE A 164 28.73 32.15 -13.13
CA ILE A 164 27.84 33.02 -12.36
C ILE A 164 27.22 32.33 -11.16
N ASN A 165 27.33 31.00 -11.07
CA ASN A 165 26.70 30.23 -10.00
C ASN A 165 27.70 29.43 -9.17
N CYS A 166 28.94 29.90 -9.07
CA CYS A 166 29.91 29.27 -8.17
C CYS A 166 29.65 29.62 -6.72
N ASN A 167 28.97 30.72 -6.43
CA ASN A 167 28.51 31.02 -5.09
C ASN A 167 27.13 30.43 -4.82
N THR A 168 26.56 29.72 -5.78
CA THR A 168 25.32 28.98 -5.66
C THR A 168 25.68 27.50 -5.78
N SER A 169 24.70 26.61 -5.58
CA SER A 169 24.96 25.18 -5.52
C SER A 169 25.42 24.62 -6.87
N ALA A 170 25.99 23.41 -6.81
CA ALA A 170 26.50 22.75 -8.00
C ALA A 170 25.35 22.38 -8.94
N CYS A 171 25.67 22.27 -10.22
CA CYS A 171 24.66 22.25 -11.27
C CYS A 171 24.79 21.00 -12.13
N THR A 172 23.65 20.60 -12.71
CA THR A 172 23.58 19.38 -13.52
C THR A 172 24.00 19.67 -14.96
N GLN A 173 23.84 18.67 -15.82
CA GLN A 173 24.35 18.71 -17.18
C GLN A 173 23.24 18.71 -18.23
N ALA A 174 22.01 18.37 -17.83
CA ALA A 174 20.77 18.28 -18.60
C ALA A 174 20.72 17.05 -19.51
N CYS A 175 21.84 16.32 -19.62
CA CYS A 175 21.93 14.94 -20.06
C CYS A 175 21.27 14.69 -21.41
N PRO A 176 21.91 15.12 -22.52
CA PRO A 176 21.19 15.35 -23.78
C PRO A 176 20.60 14.12 -24.47
N LYS A 177 20.64 12.94 -23.85
CA LYS A 177 19.87 11.81 -24.38
C LYS A 177 18.37 12.06 -24.26
N VAL A 178 17.95 12.82 -23.25
CA VAL A 178 16.55 13.21 -23.10
C VAL A 178 16.32 14.52 -23.84
N SER A 179 15.05 14.83 -24.08
CA SER A 179 14.64 16.03 -24.79
C SER A 179 13.61 16.79 -23.97
N PHE A 180 13.41 18.06 -24.32
CA PHE A 180 12.45 18.92 -23.64
C PHE A 180 11.24 19.22 -24.52
N GLU A 181 10.97 18.38 -25.50
CA GLU A 181 9.81 18.59 -26.37
C GLU A 181 8.53 18.32 -25.58
N PRO A 182 7.53 19.20 -25.66
CA PRO A 182 6.30 18.99 -24.89
C PRO A 182 5.49 17.81 -25.42
N ILE A 183 4.94 17.04 -24.48
CA ILE A 183 4.18 15.83 -24.81
C ILE A 183 2.83 15.94 -24.09
N PRO A 184 1.72 15.63 -24.77
CA PRO A 184 0.39 15.75 -24.13
C PRO A 184 0.24 14.84 -22.92
N ILE A 185 -0.37 15.37 -21.86
CA ILE A 185 -0.51 14.68 -20.59
C ILE A 185 -1.94 14.90 -20.08
N HIS A 186 -2.57 13.84 -19.61
CA HIS A 186 -3.97 13.87 -19.19
C HIS A 186 -4.07 13.58 -17.70
N TYR A 187 -4.81 14.42 -16.98
CA TYR A 187 -5.00 14.29 -15.54
C TYR A 187 -6.41 13.86 -15.23
N CYS A 188 -6.55 12.74 -14.52
CA CYS A 188 -7.87 12.27 -14.09
C CYS A 188 -7.81 11.37 -12.87
N ALA A 189 -8.95 11.27 -12.21
CA ALA A 189 -9.12 10.88 -10.83
C ALA A 189 -9.39 9.39 -10.73
N PRO A 190 -9.24 8.79 -9.52
CA PRO A 190 -9.63 7.39 -9.35
C PRO A 190 -11.15 7.18 -9.40
N ALA A 191 -11.56 5.93 -9.17
CA ALA A 191 -12.98 5.60 -9.14
C ALA A 191 -13.67 6.27 -7.96
N GLY A 192 -14.94 6.61 -8.15
CA GLY A 192 -15.69 7.35 -7.17
C GLY A 192 -15.62 8.85 -7.32
N PHE A 193 -14.84 9.36 -8.27
CA PHE A 193 -14.75 10.77 -8.57
C PHE A 193 -15.08 11.00 -10.04
N ALA A 194 -15.14 12.27 -10.43
CA ALA A 194 -15.48 12.64 -11.79
C ALA A 194 -14.88 14.00 -12.12
N ILE A 195 -14.81 14.28 -13.43
CA ILE A 195 -14.33 15.56 -13.93
C ILE A 195 -15.43 16.19 -14.77
N LEU A 196 -15.78 17.43 -14.44
CA LEU A 196 -16.83 18.16 -15.13
C LEU A 196 -16.21 19.30 -15.93
N LYS A 197 -16.60 19.40 -17.19
CA LYS A 197 -16.16 20.47 -18.08
C LYS A 197 -17.36 21.03 -18.83
N CYS A 198 -17.24 22.28 -19.27
CA CYS A 198 -18.32 22.89 -20.03
C CYS A 198 -17.73 23.71 -21.18
N LYS A 199 -18.52 23.84 -22.25
CA LYS A 199 -18.08 24.40 -23.52
C LYS A 199 -18.84 25.68 -23.87
N ASP A 200 -19.04 26.55 -22.88
CA ASP A 200 -19.71 27.81 -23.15
C ASP A 200 -18.76 28.75 -23.89
N LYS A 201 -19.26 29.38 -24.95
CA LYS A 201 -18.44 30.29 -25.74
C LYS A 201 -18.17 31.59 -25.00
N LYS A 202 -19.13 32.07 -24.20
CA LYS A 202 -19.00 33.31 -23.46
C LYS A 202 -18.65 33.07 -21.99
N PHE A 203 -17.84 32.05 -21.71
CA PHE A 203 -17.53 31.67 -20.35
C PHE A 203 -16.53 32.64 -19.73
N ASN A 204 -16.87 33.18 -18.56
CA ASN A 204 -15.97 34.02 -17.80
C ASN A 204 -15.11 33.16 -16.86
N GLY A 205 -14.43 33.80 -15.92
CA GLY A 205 -13.61 33.10 -14.96
C GLY A 205 -14.38 32.25 -13.97
N THR A 206 -15.17 32.89 -13.11
CA THR A 206 -15.94 32.21 -12.07
C THR A 206 -17.41 32.53 -12.24
N GLY A 207 -18.21 31.50 -12.51
CA GLY A 207 -19.64 31.68 -12.64
C GLY A 207 -20.35 30.39 -12.98
N PRO A 208 -21.67 30.39 -12.93
CA PRO A 208 -22.44 29.19 -13.32
C PRO A 208 -22.41 29.01 -14.82
N CYS A 209 -22.05 27.81 -15.26
CA CYS A 209 -21.92 27.53 -16.68
C CYS A 209 -23.08 26.65 -17.13
N PRO A 210 -23.79 27.01 -18.20
CA PRO A 210 -25.02 26.31 -18.57
C PRO A 210 -24.85 25.13 -19.52
N SER A 211 -23.63 24.67 -19.78
CA SER A 211 -23.39 23.58 -20.72
C SER A 211 -22.44 22.56 -20.12
N VAL A 212 -22.69 22.16 -18.88
CA VAL A 212 -21.79 21.27 -18.16
C VAL A 212 -21.88 19.86 -18.72
N SER A 213 -20.74 19.30 -19.09
CA SER A 213 -20.62 17.92 -19.51
C SER A 213 -19.68 17.19 -18.56
N THR A 214 -19.63 15.87 -18.70
CA THR A 214 -18.73 15.04 -17.91
C THR A 214 -17.85 14.24 -18.84
N VAL A 215 -16.64 13.94 -18.38
CA VAL A 215 -15.64 13.23 -19.18
C VAL A 215 -14.80 12.44 -18.21
N GLN A 216 -14.25 11.30 -18.68
CA GLN A 216 -13.32 10.54 -17.86
C GLN A 216 -12.09 11.38 -17.53
N CYS A 217 -11.39 11.87 -18.57
CA CYS A 217 -10.37 12.91 -18.45
C CYS A 217 -10.04 13.53 -19.81
N THR A 218 -9.11 14.47 -19.75
CA THR A 218 -9.06 15.60 -20.66
C THR A 218 -8.47 15.22 -22.02
N HIS A 219 -8.28 16.24 -22.84
CA HIS A 219 -7.57 16.12 -24.10
C HIS A 219 -6.08 16.38 -23.85
N GLY A 220 -5.31 16.56 -24.93
CA GLY A 220 -3.89 16.79 -24.79
C GLY A 220 -3.58 18.13 -24.16
N ILE A 221 -2.76 18.13 -23.11
CA ILE A 221 -2.32 19.34 -22.43
C ILE A 221 -0.81 19.46 -22.62
N LYS A 222 -0.37 20.57 -23.17
CA LYS A 222 1.05 20.76 -23.45
C LYS A 222 1.72 21.43 -22.26
N PRO A 223 2.74 20.82 -21.67
CA PRO A 223 3.41 21.41 -20.49
C PRO A 223 4.46 22.46 -20.83
N VAL A 224 4.38 23.04 -22.04
CA VAL A 224 5.38 23.98 -22.51
C VAL A 224 5.47 25.20 -21.58
N VAL A 225 6.69 25.70 -21.41
CA VAL A 225 7.01 26.68 -20.38
C VAL A 225 7.17 28.06 -21.03
N SER A 226 6.61 29.07 -20.37
CA SER A 226 6.72 30.45 -20.81
C SER A 226 6.45 31.37 -19.62
N THR A 227 6.87 32.62 -19.77
CA THR A 227 6.68 33.61 -18.72
C THR A 227 5.86 34.83 -19.14
N GLN A 228 5.91 35.21 -20.42
CA GLN A 228 5.24 36.43 -20.88
C GLN A 228 4.12 36.15 -21.85
N LEU A 229 4.37 35.39 -22.92
CA LEU A 229 3.38 35.08 -23.93
C LEU A 229 3.12 33.59 -23.90
N LEU A 230 1.84 33.20 -23.97
CA LEU A 230 1.51 31.78 -24.04
C LEU A 230 1.72 31.24 -25.44
N LEU A 231 2.35 30.08 -25.54
CA LEU A 231 2.62 29.42 -26.80
C LEU A 231 1.99 28.04 -26.82
N ASN A 232 1.50 27.65 -28.01
CA ASN A 232 0.98 26.31 -28.29
C ASN A 232 -0.17 25.92 -27.37
N GLY A 233 -0.99 26.90 -26.99
CA GLY A 233 -2.15 26.65 -26.16
C GLY A 233 -3.39 26.36 -26.97
N SER A 234 -4.50 26.22 -26.27
CA SER A 234 -5.79 25.98 -26.92
C SER A 234 -6.41 27.30 -27.35
N LEU A 235 -6.88 27.34 -28.59
CA LEU A 235 -7.51 28.55 -29.12
C LEU A 235 -8.89 28.75 -28.50
N ALA A 236 -9.35 30.00 -28.55
CA ALA A 236 -10.69 30.31 -28.07
C ALA A 236 -11.74 29.76 -29.03
N GLU A 237 -12.97 29.67 -28.52
CA GLU A 237 -14.05 29.08 -29.30
C GLU A 237 -14.50 30.02 -30.42
N GLU A 238 -15.02 31.19 -30.06
CA GLU A 238 -15.52 32.14 -31.05
C GLU A 238 -14.80 33.47 -31.00
N GLU A 239 -14.65 34.07 -29.82
CA GLU A 239 -14.08 35.40 -29.68
C GLU A 239 -13.00 35.39 -28.59
N VAL A 240 -12.18 36.44 -28.62
CA VAL A 240 -11.14 36.62 -27.61
C VAL A 240 -11.80 36.94 -26.27
N MET A 241 -11.46 36.17 -25.24
CA MET A 241 -12.03 36.33 -23.91
C MET A 241 -11.00 36.98 -22.99
N ILE A 242 -11.39 38.08 -22.34
CA ILE A 242 -10.56 38.74 -21.33
C ILE A 242 -10.98 38.13 -20.00
N ARG A 243 -10.23 37.13 -19.56
CA ARG A 243 -10.61 36.28 -18.45
C ARG A 243 -9.71 36.58 -17.26
N SER A 244 -10.28 37.20 -16.23
CA SER A 244 -9.54 37.56 -15.03
C SER A 244 -10.50 37.75 -13.87
N GLU A 245 -9.94 37.80 -12.67
CA GLU A 245 -10.68 38.08 -11.45
C GLU A 245 -10.76 39.60 -11.25
N ASN A 246 -11.02 40.02 -10.00
CA ASN A 246 -11.30 41.39 -9.56
C ASN A 246 -10.41 42.42 -10.24
N ILE A 247 -11.04 43.32 -11.00
CA ILE A 247 -10.33 44.09 -12.02
C ILE A 247 -9.99 45.51 -11.57
N THR A 248 -10.62 46.01 -10.51
CA THR A 248 -10.19 47.29 -9.94
C THR A 248 -8.84 47.16 -9.26
N ASN A 249 -8.50 45.96 -8.79
CA ASN A 249 -7.17 45.70 -8.27
C ASN A 249 -6.15 45.67 -9.42
N ASN A 250 -4.98 46.22 -9.15
CA ASN A 250 -3.89 46.24 -10.11
C ASN A 250 -2.84 45.17 -9.85
N ALA A 251 -2.90 44.50 -8.69
CA ALA A 251 -1.89 43.52 -8.32
C ALA A 251 -2.11 42.15 -8.95
N LYS A 252 -3.26 41.91 -9.58
CA LYS A 252 -3.57 40.61 -10.16
C LYS A 252 -3.46 40.66 -11.68
N ASN A 253 -2.93 39.58 -12.26
CA ASN A 253 -2.71 39.51 -13.69
C ASN A 253 -4.02 39.37 -14.45
N ILE A 254 -3.98 39.75 -15.72
CA ILE A 254 -5.12 39.63 -16.63
C ILE A 254 -4.73 38.64 -17.72
N LEU A 255 -5.51 37.57 -17.85
CA LEU A 255 -5.22 36.51 -18.80
C LEU A 255 -6.07 36.69 -20.06
N VAL A 256 -5.40 36.65 -21.21
CA VAL A 256 -6.05 36.83 -22.51
C VAL A 256 -5.83 35.58 -23.34
N GLN A 257 -6.91 35.05 -23.92
CA GLN A 257 -6.85 33.87 -24.76
C GLN A 257 -7.24 34.24 -26.18
N PHE A 258 -6.38 33.89 -27.14
CA PHE A 258 -6.62 34.21 -28.53
C PHE A 258 -7.54 33.18 -29.19
N ASN A 259 -8.22 33.63 -30.25
CA ASN A 259 -8.99 32.75 -31.11
C ASN A 259 -8.31 32.49 -32.45
N THR A 260 -7.65 33.51 -33.01
CA THR A 260 -6.85 33.36 -34.21
C THR A 260 -5.38 33.46 -33.82
N PRO A 261 -4.60 32.39 -33.98
CA PRO A 261 -3.21 32.41 -33.49
C PRO A 261 -2.31 33.24 -34.38
N VAL A 262 -1.20 33.67 -33.79
CA VAL A 262 -0.16 34.44 -34.48
C VAL A 262 1.07 33.55 -34.60
N GLN A 263 1.50 33.29 -35.83
CA GLN A 263 2.63 32.41 -36.07
C GLN A 263 3.92 33.17 -35.78
N ILE A 264 4.80 32.56 -34.98
CA ILE A 264 6.06 33.16 -34.58
C ILE A 264 7.19 32.24 -35.02
N ASN A 265 8.21 32.81 -35.68
CA ASN A 265 9.38 32.08 -36.12
C ASN A 265 10.59 32.57 -35.32
N CYS A 266 11.25 31.66 -34.60
CA CYS A 266 12.45 31.99 -33.85
C CYS A 266 13.57 31.06 -34.29
N THR A 267 14.73 31.63 -34.62
CA THR A 267 15.82 30.85 -35.18
C THR A 267 17.16 31.42 -34.74
N ARG A 268 18.22 30.69 -35.06
CA ARG A 268 19.60 31.06 -34.80
C ARG A 268 20.51 30.42 -35.83
N PRO A 269 21.11 31.19 -36.74
CA PRO A 269 21.82 30.59 -37.88
C PRO A 269 23.26 30.22 -37.60
N ASN A 270 23.64 30.16 -36.33
CA ASN A 270 25.03 29.87 -35.96
C ASN A 270 25.38 28.41 -36.23
N ASN A 271 26.60 28.19 -36.72
CA ASN A 271 27.12 26.84 -36.94
C ASN A 271 27.90 26.40 -35.70
N ASN A 272 27.15 26.11 -34.64
CA ASN A 272 27.76 25.70 -33.38
C ASN A 272 28.35 24.31 -33.46
N THR A 273 29.57 24.17 -32.94
CA THR A 273 30.27 22.90 -32.86
C THR A 273 30.39 22.49 -31.40
N ARG A 274 30.07 21.23 -31.11
CA ARG A 274 30.04 20.72 -29.75
C ARG A 274 31.26 19.82 -29.51
N LYS A 275 31.97 20.09 -28.42
CA LYS A 275 33.15 19.32 -28.04
C LYS A 275 32.82 18.51 -26.80
N SER A 276 33.15 17.21 -26.84
CA SER A 276 32.90 16.30 -25.73
C SER A 276 34.19 16.16 -24.93
N ILE A 277 34.18 16.64 -23.69
CA ILE A 277 35.34 16.62 -22.81
C ILE A 277 34.98 15.84 -21.55
N ARG A 278 35.82 14.89 -21.17
CA ARG A 278 35.57 14.06 -20.00
C ARG A 278 36.09 14.78 -18.76
N ILE A 279 35.24 14.84 -17.72
CA ILE A 279 35.64 15.44 -16.45
C ILE A 279 36.19 14.40 -15.47
N GLY A 280 36.00 13.12 -15.73
CA GLY A 280 36.42 12.08 -14.82
C GLY A 280 36.06 10.70 -15.34
N PRO A 281 35.95 9.73 -14.42
CA PRO A 281 35.62 8.36 -14.83
C PRO A 281 34.18 8.22 -15.32
N GLY A 282 34.02 8.02 -16.63
CA GLY A 282 32.71 7.80 -17.20
C GLY A 282 31.78 8.99 -17.17
N GLN A 283 32.32 10.19 -17.02
CA GLN A 283 31.53 11.42 -16.88
C GLN A 283 31.96 12.39 -17.96
N ALA A 284 31.15 12.52 -19.00
CA ALA A 284 31.46 13.42 -20.11
C ALA A 284 30.84 14.80 -19.85
N PHE A 285 31.30 15.78 -20.62
CA PHE A 285 30.80 17.14 -20.54
C PHE A 285 30.91 17.78 -21.92
N TYR A 286 29.85 18.44 -22.34
CA TYR A 286 29.77 19.04 -23.68
C TYR A 286 29.76 20.56 -23.55
N ALA A 287 30.64 21.22 -24.32
CA ALA A 287 30.80 22.66 -24.28
C ALA A 287 30.83 23.21 -25.70
N THR A 288 30.64 24.53 -25.81
CA THR A 288 30.66 25.19 -27.10
C THR A 288 32.09 25.27 -27.62
N GLY A 289 32.30 24.77 -28.83
CA GLY A 289 33.60 24.84 -29.48
C GLY A 289 33.75 26.12 -30.28
N ASP A 290 34.71 26.10 -31.20
CA ASP A 290 34.95 27.24 -32.08
C ASP A 290 33.80 27.41 -33.06
N ILE A 291 33.50 28.66 -33.39
CA ILE A 291 32.40 28.99 -34.28
C ILE A 291 32.87 28.92 -35.72
N ILE A 292 31.95 28.63 -36.63
CA ILE A 292 32.22 28.57 -38.06
C ILE A 292 31.24 29.50 -38.76
N GLY A 293 31.76 30.41 -39.57
CA GLY A 293 30.91 31.32 -40.32
C GLY A 293 30.82 32.70 -39.70
N ASP A 294 29.64 33.29 -39.76
CA ASP A 294 29.40 34.65 -39.27
C ASP A 294 28.62 34.62 -37.96
N ILE A 295 28.93 35.57 -37.09
CA ILE A 295 28.25 35.71 -35.81
C ILE A 295 27.06 36.64 -35.99
N ARG A 296 25.86 36.11 -35.76
CA ARG A 296 24.63 36.88 -35.86
C ARG A 296 23.75 36.57 -34.67
N GLN A 297 22.80 37.45 -34.39
CA GLN A 297 21.91 37.30 -33.26
C GLN A 297 20.85 36.23 -33.56
N ALA A 298 20.04 35.93 -32.55
CA ALA A 298 18.87 35.08 -32.69
C ALA A 298 17.65 35.99 -32.70
N HIS A 299 16.97 36.05 -33.84
CA HIS A 299 15.86 36.97 -34.03
C HIS A 299 14.54 36.21 -34.13
N CYS A 300 13.50 36.75 -33.51
CA CYS A 300 12.16 36.19 -33.57
C CYS A 300 11.27 37.09 -34.44
N ASN A 301 10.48 36.47 -35.31
CA ASN A 301 9.71 37.18 -36.31
C ASN A 301 8.22 36.96 -36.08
N VAL A 302 7.47 38.06 -36.00
CA VAL A 302 6.01 38.04 -36.04
C VAL A 302 5.57 39.07 -37.08
N SER A 303 4.49 38.76 -37.79
CA SER A 303 4.02 39.64 -38.85
C SER A 303 3.34 40.87 -38.26
N LYS A 304 3.58 42.02 -38.88
CA LYS A 304 2.98 43.27 -38.40
C LYS A 304 1.51 43.36 -38.75
N ALA A 305 1.03 42.59 -39.72
CA ALA A 305 -0.37 42.65 -40.12
C ALA A 305 -1.26 41.93 -39.11
N THR A 306 -0.96 40.66 -38.82
CA THR A 306 -1.81 39.89 -37.92
C THR A 306 -1.63 40.30 -36.47
N TRP A 307 -0.48 40.88 -36.10
CA TRP A 307 -0.30 41.34 -34.73
C TRP A 307 -1.11 42.60 -34.47
N ASN A 308 -1.15 43.52 -35.45
CA ASN A 308 -2.02 44.68 -35.34
C ASN A 308 -3.49 44.30 -35.43
N GLU A 309 -3.80 43.24 -36.18
CA GLU A 309 -5.18 42.76 -36.25
C GLU A 309 -5.62 42.14 -34.94
N THR A 310 -4.74 41.37 -34.28
CA THR A 310 -5.10 40.75 -33.01
C THR A 310 -4.94 41.70 -31.82
N LEU A 311 -4.24 42.83 -31.99
CA LEU A 311 -4.21 43.82 -30.94
C LEU A 311 -5.53 44.60 -30.89
N GLY A 312 -6.09 44.94 -32.05
CA GLY A 312 -7.38 45.59 -32.09
C GLY A 312 -8.51 44.71 -31.61
N LYS A 313 -8.42 43.40 -31.88
CA LYS A 313 -9.43 42.46 -31.42
C LYS A 313 -9.37 42.25 -29.91
N VAL A 314 -8.22 42.54 -29.28
CA VAL A 314 -8.11 42.42 -27.83
C VAL A 314 -8.64 43.67 -27.14
N VAL A 315 -8.24 44.86 -27.60
CA VAL A 315 -8.69 46.10 -26.98
C VAL A 315 -10.17 46.35 -27.24
N LYS A 316 -10.75 45.71 -28.26
CA LYS A 316 -12.20 45.73 -28.43
C LYS A 316 -12.88 45.01 -27.26
N GLN A 317 -12.28 43.91 -26.79
CA GLN A 317 -12.81 43.20 -25.65
C GLN A 317 -12.31 43.73 -24.32
N LEU A 318 -11.26 44.57 -24.32
CA LEU A 318 -10.84 45.25 -23.11
C LEU A 318 -11.75 46.42 -22.77
N ARG A 319 -12.52 46.93 -23.74
CA ARG A 319 -13.40 48.06 -23.51
C ARG A 319 -14.72 47.66 -22.86
N LYS A 320 -15.00 46.36 -22.74
CA LYS A 320 -16.22 45.93 -22.09
C LYS A 320 -16.17 46.13 -20.58
N HIS A 321 -14.99 45.98 -19.98
CA HIS A 321 -14.82 46.15 -18.54
C HIS A 321 -14.42 47.56 -18.15
N PHE A 322 -14.33 48.48 -19.11
CA PHE A 322 -13.91 49.85 -18.83
C PHE A 322 -14.77 50.79 -19.67
N GLY A 323 -14.36 52.06 -19.75
CA GLY A 323 -15.10 53.04 -20.50
C GLY A 323 -14.92 52.89 -22.00
N ASN A 324 -15.82 53.55 -22.74
CA ASN A 324 -15.75 53.54 -24.20
C ASN A 324 -14.85 54.64 -24.75
N ASN A 325 -14.69 55.75 -24.03
CA ASN A 325 -13.89 56.87 -24.48
C ASN A 325 -12.50 56.90 -23.85
N THR A 326 -12.13 55.86 -23.11
CA THR A 326 -10.82 55.80 -22.47
C THR A 326 -9.74 55.52 -23.49
N ILE A 327 -8.50 55.76 -23.09
CA ILE A 327 -7.33 55.55 -23.93
C ILE A 327 -6.54 54.37 -23.39
N ILE A 328 -6.42 53.32 -24.19
CA ILE A 328 -5.69 52.10 -23.82
C ILE A 328 -4.30 52.19 -24.43
N ARG A 329 -3.27 52.11 -23.59
CA ARG A 329 -1.89 52.23 -24.02
C ARG A 329 -1.12 50.97 -23.68
N PHE A 330 -0.15 50.64 -24.53
CA PHE A 330 0.71 49.49 -24.33
C PHE A 330 2.15 49.94 -24.12
N ALA A 331 2.79 49.38 -23.10
CA ALA A 331 4.18 49.70 -22.78
C ALA A 331 4.91 48.39 -22.53
N ASN A 332 6.24 48.48 -22.40
CA ASN A 332 7.06 47.30 -22.21
C ASN A 332 7.04 46.88 -20.73
N SER A 333 7.88 45.93 -20.37
CA SER A 333 7.90 45.44 -19.01
C SER A 333 8.57 46.44 -18.07
N SER A 334 8.37 46.24 -16.78
CA SER A 334 8.91 47.14 -15.76
C SER A 334 10.40 46.97 -15.54
N GLY A 335 11.01 45.91 -16.08
CA GLY A 335 12.43 45.68 -15.90
C GLY A 335 12.74 44.95 -14.61
N GLY A 336 14.04 44.69 -14.42
CA GLY A 336 14.51 43.98 -13.25
C GLY A 336 15.21 42.69 -13.59
N ASP A 337 14.63 41.56 -13.15
CA ASP A 337 15.23 40.27 -13.42
C ASP A 337 15.02 39.86 -14.87
N LEU A 338 15.90 38.98 -15.36
CA LEU A 338 15.86 38.54 -16.74
C LEU A 338 14.84 37.43 -16.98
N GLU A 339 14.33 36.81 -15.91
CA GLU A 339 13.35 35.74 -16.08
C GLU A 339 11.99 36.29 -16.47
N VAL A 340 11.56 37.38 -15.86
CA VAL A 340 10.21 37.90 -16.05
C VAL A 340 10.14 38.90 -17.21
N THR A 341 11.17 39.73 -17.34
CA THR A 341 11.13 40.84 -18.29
C THR A 341 11.18 40.34 -19.74
N THR A 342 12.07 39.40 -20.02
CA THR A 342 12.27 38.91 -21.38
C THR A 342 11.37 37.72 -21.68
N HIS A 343 11.09 37.51 -22.96
CA HIS A 343 10.32 36.36 -23.42
C HIS A 343 11.14 35.09 -23.25
N SER A 344 10.57 34.09 -22.59
CA SER A 344 11.24 32.82 -22.35
C SER A 344 10.39 31.68 -22.89
N PHE A 345 11.04 30.76 -23.60
CA PHE A 345 10.36 29.58 -24.13
C PHE A 345 11.38 28.46 -24.32
N ASN A 346 10.90 27.32 -24.81
CA ASN A 346 11.61 26.05 -24.80
C ASN A 346 11.54 25.38 -26.17
N CYS A 347 11.88 26.11 -27.22
CA CYS A 347 11.87 25.57 -28.57
C CYS A 347 13.30 25.39 -29.07
N GLY A 348 13.57 24.21 -29.63
CA GLY A 348 14.86 23.92 -30.22
C GLY A 348 15.88 23.30 -29.28
N GLY A 349 15.58 23.20 -27.99
CA GLY A 349 16.48 22.61 -27.03
C GLY A 349 17.41 23.58 -26.32
N GLU A 350 17.61 24.77 -26.87
CA GLU A 350 18.39 25.82 -26.24
C GLU A 350 17.48 27.01 -25.96
N PHE A 351 17.61 27.58 -24.76
CA PHE A 351 16.63 28.53 -24.26
C PHE A 351 16.89 29.92 -24.83
N PHE A 352 15.81 30.64 -25.12
CA PHE A 352 15.87 31.99 -25.66
C PHE A 352 15.28 32.96 -24.65
N TYR A 353 16.03 34.02 -24.34
CA TYR A 353 15.55 35.13 -23.53
C TYR A 353 15.47 36.35 -24.44
N CYS A 354 14.25 36.71 -24.85
CA CYS A 354 14.02 37.61 -25.97
C CYS A 354 13.52 38.96 -25.50
N ASN A 355 14.18 40.03 -25.96
CA ASN A 355 13.67 41.37 -25.78
C ASN A 355 12.37 41.54 -26.56
N THR A 356 11.37 42.14 -25.92
CA THR A 356 10.00 42.15 -26.43
C THR A 356 9.39 43.54 -26.34
N SER A 357 10.21 44.56 -26.56
CA SER A 357 9.73 45.93 -26.58
C SER A 357 9.16 46.35 -27.93
N GLY A 358 9.36 45.54 -28.97
CA GLY A 358 8.94 45.88 -30.31
C GLY A 358 7.53 45.49 -30.68
N LEU A 359 6.76 44.93 -29.76
CA LEU A 359 5.39 44.51 -30.04
C LEU A 359 4.35 45.41 -29.39
N PHE A 360 4.78 46.34 -28.52
CA PHE A 360 3.88 47.15 -27.70
C PHE A 360 4.04 48.62 -28.02
N ASN A 361 4.27 48.95 -29.29
CA ASN A 361 4.37 50.32 -29.75
C ASN A 361 3.01 50.77 -30.28
N SER A 362 2.03 50.81 -29.39
CA SER A 362 0.66 51.07 -29.80
C SER A 362 -0.03 51.98 -28.78
N THR A 363 -0.78 52.95 -29.29
CA THR A 363 -1.67 53.77 -28.49
C THR A 363 -3.06 53.70 -29.11
N TRP A 364 -4.05 53.27 -28.34
CA TRP A 364 -5.39 53.01 -28.84
C TRP A 364 -6.34 54.08 -28.32
N ILE A 365 -6.97 54.80 -29.25
CA ILE A 365 -7.92 55.86 -28.91
C ILE A 365 -9.28 55.50 -29.48
N SER A 366 -10.27 56.35 -29.26
CA SER A 366 -11.61 56.13 -29.80
C SER A 366 -11.62 56.28 -31.31
N ASN A 367 -12.35 55.38 -31.97
CA ASN A 367 -12.48 55.32 -33.43
C ASN A 367 -11.12 55.24 -34.15
N ASN A 379 7.53 44.84 -44.45
CA ASN A 379 6.44 45.27 -43.59
C ASN A 379 5.62 44.09 -43.10
N ASP A 380 6.05 42.89 -43.47
CA ASP A 380 5.36 41.66 -43.10
C ASP A 380 6.05 40.91 -41.96
N SER A 381 6.97 41.56 -41.25
CA SER A 381 7.67 40.92 -40.15
C SER A 381 8.14 41.97 -39.16
N ILE A 382 8.27 41.56 -37.90
CA ILE A 382 8.81 42.39 -36.84
C ILE A 382 9.99 41.65 -36.22
N THR A 383 11.14 42.31 -36.18
CA THR A 383 12.36 41.71 -35.66
C THR A 383 12.46 41.92 -34.15
N LEU A 384 12.87 40.87 -33.45
CA LEU A 384 13.05 40.91 -32.00
C LEU A 384 14.43 40.39 -31.64
N PRO A 385 15.31 41.21 -31.08
CA PRO A 385 16.61 40.69 -30.63
C PRO A 385 16.47 39.89 -29.35
N CYS A 386 17.31 38.87 -29.21
CA CYS A 386 17.23 37.94 -28.09
C CYS A 386 18.62 37.68 -27.52
N ARG A 387 18.63 37.30 -26.25
CA ARG A 387 19.84 36.89 -25.56
C ARG A 387 19.72 35.41 -25.20
N ILE A 388 20.82 34.69 -25.34
CA ILE A 388 20.84 33.25 -25.09
C ILE A 388 21.66 33.00 -23.83
N LYS A 389 21.06 32.31 -22.86
CA LYS A 389 21.68 32.02 -21.58
C LYS A 389 21.90 30.52 -21.46
N GLN A 390 23.02 30.13 -20.87
CA GLN A 390 23.32 28.73 -20.63
C GLN A 390 23.12 28.31 -19.19
N ILE A 391 23.57 29.11 -18.23
CA ILE A 391 23.21 28.90 -16.84
C ILE A 391 21.76 29.34 -16.68
N ILE A 392 20.86 28.38 -16.48
CA ILE A 392 19.43 28.63 -16.48
C ILE A 392 18.90 28.47 -15.07
N ASN A 393 18.25 29.51 -14.58
CA ASN A 393 17.52 29.47 -13.32
C ASN A 393 16.06 29.23 -13.63
N MET A 394 15.54 28.07 -13.22
CA MET A 394 14.14 27.69 -13.40
C MET A 394 13.40 28.25 -12.18
N TRP A 395 12.22 27.69 -11.80
CA TRP A 395 11.28 28.25 -10.81
C TRP A 395 11.96 28.77 -9.55
N GLN A 396 11.31 29.75 -8.92
CA GLN A 396 11.92 30.79 -8.10
C GLN A 396 12.80 30.34 -6.94
N ARG A 397 12.85 29.04 -6.65
CA ARG A 397 13.86 28.52 -5.75
C ARG A 397 15.25 28.74 -6.35
N ILE A 398 16.23 29.02 -5.49
CA ILE A 398 17.55 29.46 -5.95
C ILE A 398 18.59 28.34 -5.94
N GLY A 399 18.31 27.21 -5.28
CA GLY A 399 19.29 26.16 -5.12
C GLY A 399 19.44 25.20 -6.27
N GLN A 400 18.72 25.40 -7.38
CA GLN A 400 18.75 24.50 -8.51
C GLN A 400 19.30 25.21 -9.74
N CYS A 401 20.10 24.50 -10.52
CA CYS A 401 20.64 24.99 -11.79
C CYS A 401 20.00 24.26 -12.96
N MET A 402 20.42 24.66 -14.15
CA MET A 402 20.04 23.99 -15.39
C MET A 402 21.06 24.40 -16.45
N TYR A 403 21.84 23.44 -16.94
CA TYR A 403 22.89 23.73 -17.92
C TYR A 403 22.54 23.02 -19.23
N ALA A 404 21.99 23.77 -20.17
CA ALA A 404 21.62 23.21 -21.46
C ALA A 404 22.87 22.97 -22.30
N PRO A 405 23.11 21.74 -22.76
CA PRO A 405 24.30 21.51 -23.58
C PRO A 405 24.15 22.10 -24.96
N PRO A 406 25.25 22.43 -25.63
CA PRO A 406 25.17 22.95 -27.00
C PRO A 406 24.68 21.89 -27.97
N ILE A 407 24.03 22.34 -29.05
CA ILE A 407 23.41 21.48 -30.04
C ILE A 407 23.99 21.82 -31.41
N GLN A 408 24.32 20.78 -32.19
CA GLN A 408 24.84 20.98 -33.53
C GLN A 408 23.78 21.60 -34.44
N GLY A 409 24.24 22.35 -35.43
CA GLY A 409 23.36 22.82 -36.47
C GLY A 409 22.66 24.14 -36.17
N VAL A 410 21.54 24.33 -36.85
CA VAL A 410 20.77 25.55 -36.78
C VAL A 410 19.40 25.24 -36.18
N ILE A 411 19.02 25.97 -35.14
CA ILE A 411 17.72 25.86 -34.52
C ILE A 411 16.71 26.62 -35.37
N ARG A 412 15.63 25.93 -35.76
CA ARG A 412 14.52 26.53 -36.48
C ARG A 412 13.22 26.14 -35.80
N CYS A 413 12.41 27.13 -35.45
CA CYS A 413 11.19 26.90 -34.68
C CYS A 413 10.00 27.56 -35.36
N VAL A 414 8.88 26.85 -35.37
CA VAL A 414 7.61 27.36 -35.86
C VAL A 414 6.60 27.15 -34.74
N SER A 415 6.20 28.24 -34.09
CA SER A 415 5.29 28.19 -32.95
C SER A 415 4.12 29.14 -33.18
N ASN A 416 3.15 29.08 -32.26
CA ASN A 416 1.96 29.91 -32.31
C ASN A 416 1.87 30.74 -31.04
N ILE A 417 1.46 31.99 -31.18
CA ILE A 417 1.16 32.84 -30.04
C ILE A 417 -0.35 32.79 -29.83
N THR A 418 -0.78 32.10 -28.77
CA THR A 418 -2.20 31.87 -28.50
C THR A 418 -2.64 32.48 -27.18
N GLY A 419 -1.91 33.44 -26.64
CA GLY A 419 -2.31 34.05 -25.38
C GLY A 419 -1.42 35.21 -25.02
N LEU A 420 -1.83 35.92 -23.96
CA LEU A 420 -1.09 37.03 -23.41
C LEU A 420 -1.27 37.04 -21.90
N ILE A 421 -0.32 37.68 -21.21
CA ILE A 421 -0.40 37.92 -19.77
C ILE A 421 -0.14 39.40 -19.55
N LEU A 422 -1.10 40.10 -18.94
CA LEU A 422 -1.02 41.53 -18.72
C LEU A 422 -1.19 41.84 -17.24
N THR A 423 -0.41 42.79 -16.74
CA THR A 423 -0.49 43.24 -15.36
C THR A 423 -0.74 44.73 -15.33
N ARG A 424 -1.80 45.14 -14.65
CA ARG A 424 -2.20 46.53 -14.60
C ARG A 424 -1.33 47.30 -13.60
N ASP A 425 -1.24 48.61 -13.81
CA ASP A 425 -0.49 49.49 -12.93
C ASP A 425 -1.43 50.41 -12.17
N GLY A 426 -1.03 50.76 -10.95
CA GLY A 426 -1.83 51.61 -10.08
C GLY A 426 -1.58 53.08 -10.33
N GLY A 427 -2.14 53.89 -9.46
CA GLY A 427 -1.99 55.33 -9.57
C GLY A 427 -2.80 55.96 -10.68
N SER A 428 -3.88 55.31 -11.10
CA SER A 428 -4.72 55.86 -12.16
C SER A 428 -5.52 57.05 -11.65
N THR A 429 -5.50 58.14 -12.40
CA THR A 429 -6.20 59.37 -12.02
C THR A 429 -7.39 59.59 -12.94
N ASN A 430 -8.57 59.70 -12.34
CA ASN A 430 -9.84 60.03 -13.01
C ASN A 430 -10.25 59.01 -14.07
N SER A 431 -9.70 57.78 -13.97
CA SER A 431 -10.02 56.65 -14.85
C SER A 431 -9.81 56.99 -16.33
N THR A 432 -8.71 57.70 -16.61
CA THR A 432 -8.35 58.07 -17.96
C THR A 432 -6.87 57.78 -18.21
N THR A 433 -6.53 57.54 -19.47
CA THR A 433 -5.19 57.17 -19.93
C THR A 433 -4.66 55.95 -19.16
N GLU A 434 -5.46 54.90 -19.15
CA GLU A 434 -5.15 53.69 -18.41
C GLU A 434 -4.44 52.70 -19.32
N THR A 435 -3.30 52.18 -18.87
CA THR A 435 -2.44 51.36 -19.70
C THR A 435 -2.32 49.95 -19.14
N PHE A 436 -1.90 49.03 -20.00
CA PHE A 436 -1.68 47.64 -19.65
C PHE A 436 -0.22 47.28 -19.92
N ARG A 437 0.39 46.55 -18.99
CA ARG A 437 1.79 46.15 -19.09
C ARG A 437 1.93 44.65 -18.88
N PRO A 438 2.90 44.02 -19.51
CA PRO A 438 3.15 42.60 -19.25
C PRO A 438 3.89 42.40 -17.94
N GLY A 439 3.99 41.13 -17.55
CA GLY A 439 4.71 40.79 -16.33
C GLY A 439 4.34 39.45 -15.76
N GLY A 440 4.09 39.41 -14.45
CA GLY A 440 3.74 38.18 -13.79
C GLY A 440 4.92 37.49 -13.13
N GLY A 441 5.49 36.50 -13.82
CA GLY A 441 6.58 35.72 -13.29
C GLY A 441 6.15 34.45 -12.60
N ASP A 442 4.89 34.36 -12.20
CA ASP A 442 4.36 33.12 -11.64
C ASP A 442 4.00 32.17 -12.77
N MET A 443 4.53 30.95 -12.71
CA MET A 443 4.38 30.00 -13.80
C MET A 443 3.07 29.23 -13.73
N ARG A 444 2.28 29.40 -12.67
CA ARG A 444 1.00 28.71 -12.55
C ARG A 444 -0.03 29.25 -13.53
N ASP A 445 0.13 30.48 -14.01
CA ASP A 445 -0.83 31.08 -14.93
C ASP A 445 -0.75 30.50 -16.34
N ASN A 446 0.30 29.76 -16.67
CA ASN A 446 0.39 29.14 -17.98
C ASN A 446 -0.64 28.03 -18.16
N TRP A 447 -0.91 27.27 -17.09
CA TRP A 447 -1.82 26.14 -17.16
C TRP A 447 -3.24 26.49 -16.75
N ARG A 448 -3.50 27.73 -16.33
CA ARG A 448 -4.87 28.17 -16.14
C ARG A 448 -5.56 28.46 -17.46
N SER A 449 -4.81 28.68 -18.53
CA SER A 449 -5.39 28.81 -19.86
C SER A 449 -5.84 27.46 -20.42
N GLU A 450 -5.27 26.37 -19.93
CA GLU A 450 -5.64 25.02 -20.37
C GLU A 450 -6.62 24.34 -19.43
N LEU A 451 -6.58 24.65 -18.14
CA LEU A 451 -7.45 24.04 -17.14
C LEU A 451 -8.56 24.97 -16.69
N TYR A 452 -9.03 25.84 -17.57
CA TYR A 452 -10.11 26.77 -17.23
C TYR A 452 -11.49 26.14 -17.34
N LYS A 453 -11.59 24.92 -17.88
CA LYS A 453 -12.88 24.26 -18.07
C LYS A 453 -13.12 23.14 -17.07
N TYR A 454 -12.07 22.47 -16.61
CA TYR A 454 -12.20 21.25 -15.84
C TYR A 454 -12.24 21.54 -14.33
N LYS A 455 -13.04 20.75 -13.63
CA LYS A 455 -13.06 20.74 -12.17
C LYS A 455 -13.28 19.31 -11.72
N VAL A 456 -12.89 19.03 -10.47
CA VAL A 456 -13.01 17.71 -9.89
C VAL A 456 -14.13 17.70 -8.86
N VAL A 457 -14.95 16.66 -8.89
CA VAL A 457 -16.07 16.49 -7.97
C VAL A 457 -16.01 15.10 -7.38
N LYS A 458 -16.67 14.95 -6.22
CA LYS A 458 -16.73 13.68 -5.51
C LYS A 458 -18.15 13.13 -5.58
N ILE A 459 -18.28 11.89 -6.00
CA ILE A 459 -19.58 11.25 -6.15
C ILE A 459 -20.05 10.74 -4.79
N GLU A 460 -21.24 11.17 -4.38
CA GLU A 460 -21.87 10.67 -3.16
C GLU A 460 -23.04 9.78 -3.55
N PRO A 461 -22.88 8.46 -3.52
CA PRO A 461 -23.95 7.59 -4.05
C PRO A 461 -25.08 7.34 -3.07
N LEU A 462 -24.79 7.40 -1.77
CA LEU A 462 -25.80 7.10 -0.76
C LEU A 462 -26.76 8.27 -0.60
N GLY A 463 -28.04 7.94 -0.43
CA GLY A 463 -29.05 8.96 -0.25
C GLY A 463 -30.37 8.34 0.17
N VAL A 464 -31.28 9.20 0.59
CA VAL A 464 -32.60 8.78 1.03
C VAL A 464 -33.65 9.40 0.09
N ALA A 465 -34.89 8.90 0.22
CA ALA A 465 -36.04 9.38 -0.55
C ALA A 465 -37.32 8.84 0.08
N PRO A 466 -38.38 9.65 0.20
CA PRO A 466 -39.66 9.12 0.68
C PRO A 466 -40.58 8.62 -0.43
N THR A 467 -41.08 7.39 -0.29
CA THR A 467 -42.15 6.87 -1.13
C THR A 467 -42.92 5.83 -0.33
N ARG A 468 -43.78 5.07 -1.01
CA ARG A 468 -44.72 4.16 -0.34
C ARG A 468 -44.12 2.75 -0.27
N CYS A 469 -43.46 2.47 0.85
CA CYS A 469 -43.06 1.11 1.22
C CYS A 469 -43.49 0.75 2.63
N LYS A 470 -43.27 -0.53 2.95
CA LYS A 470 -43.39 -1.09 4.28
C LYS A 470 -42.53 -2.34 4.28
N ARG A 471 -41.57 -2.40 5.20
CA ARG A 471 -40.66 -3.53 5.25
C ARG A 471 -41.40 -4.79 5.70
N ARG A 472 -41.28 -5.86 4.90
CA ARG A 472 -42.02 -7.08 5.16
C ARG A 472 -41.40 -7.82 6.32
N VAL A 473 -42.14 -7.95 7.43
CA VAL A 473 -41.62 -8.64 8.61
C VAL A 473 -41.70 -10.15 8.39
N ALA B 1 -36.81 4.59 -32.12
CA ALA B 1 -36.11 4.41 -30.86
C ALA B 1 -34.94 3.44 -31.02
N VAL B 2 -34.59 3.15 -32.27
CA VAL B 2 -33.50 2.24 -32.59
C VAL B 2 -32.46 2.98 -33.41
N GLY B 3 -31.33 2.30 -33.66
CA GLY B 3 -30.24 2.88 -34.41
C GLY B 3 -29.54 4.00 -33.64
N ILE B 4 -29.64 5.22 -34.15
CA ILE B 4 -29.05 6.36 -33.45
C ILE B 4 -29.94 6.84 -32.30
N GLY B 5 -31.21 6.43 -32.26
CA GLY B 5 -32.14 6.81 -31.23
C GLY B 5 -32.21 5.91 -30.02
N ALA B 6 -31.35 4.90 -29.94
CA ALA B 6 -31.37 3.98 -28.81
C ALA B 6 -30.77 4.63 -27.57
N VAL B 7 -31.01 4.00 -26.42
CA VAL B 7 -30.57 4.53 -25.14
C VAL B 7 -29.20 3.95 -24.80
N PHE B 8 -28.20 4.81 -24.75
CA PHE B 8 -26.83 4.47 -24.39
C PHE B 8 -26.27 5.49 -23.41
N LEU B 9 -27.04 5.70 -22.32
CA LEU B 9 -26.82 6.82 -21.41
C LEU B 9 -25.44 6.76 -20.74
N GLY B 10 -25.03 5.59 -20.27
CA GLY B 10 -23.72 5.45 -19.69
C GLY B 10 -23.60 6.06 -18.30
N PHE B 11 -22.36 6.38 -17.93
CA PHE B 11 -22.06 6.85 -16.59
C PHE B 11 -22.42 8.33 -16.43
N LEU B 12 -23.09 8.64 -15.32
CA LEU B 12 -23.49 9.99 -14.91
C LEU B 12 -24.39 10.69 -15.91
N GLY B 13 -25.10 9.93 -16.75
CA GLY B 13 -25.96 10.56 -17.74
C GLY B 13 -27.29 11.04 -17.21
N ALA B 14 -27.79 10.40 -16.14
CA ALA B 14 -29.09 10.75 -15.58
C ALA B 14 -29.00 11.76 -14.45
N ALA B 15 -27.93 12.56 -14.41
CA ALA B 15 -27.75 13.53 -13.35
C ALA B 15 -28.55 14.81 -13.57
N GLY B 16 -29.22 14.95 -14.71
CA GLY B 16 -30.05 16.10 -14.96
C GLY B 16 -31.51 15.76 -15.15
N SER B 17 -31.83 14.48 -15.08
CA SER B 17 -33.20 14.01 -15.28
C SER B 17 -34.01 14.15 -14.00
N THR B 18 -35.25 13.69 -14.04
CA THR B 18 -36.15 13.80 -12.90
C THR B 18 -35.87 12.71 -11.88
N MET B 19 -36.73 12.65 -10.85
CA MET B 19 -36.58 11.65 -9.80
C MET B 19 -36.86 10.25 -10.33
N GLY B 20 -37.97 10.07 -11.03
CA GLY B 20 -38.33 8.75 -11.53
C GLY B 20 -37.51 8.29 -12.71
N ALA B 21 -36.94 9.23 -13.47
CA ALA B 21 -36.08 8.86 -14.59
C ALA B 21 -34.70 8.42 -14.11
N ALA B 22 -34.20 9.01 -13.03
CA ALA B 22 -32.89 8.66 -12.51
C ALA B 22 -32.91 7.42 -11.63
N SER B 23 -34.09 6.96 -11.19
CA SER B 23 -34.16 5.80 -10.30
C SER B 23 -33.94 4.50 -11.04
N MET B 24 -34.09 4.49 -12.36
CA MET B 24 -33.85 3.28 -13.15
C MET B 24 -32.40 3.10 -13.57
N THR B 25 -31.55 4.10 -13.33
CA THR B 25 -30.17 4.08 -13.79
C THR B 25 -29.17 3.92 -12.66
N LEU B 26 -29.58 3.32 -11.55
CA LEU B 26 -28.67 3.16 -10.42
C LEU B 26 -27.62 2.08 -10.66
N THR B 27 -27.86 1.18 -11.61
CA THR B 27 -26.89 0.10 -11.88
C THR B 27 -25.63 0.65 -12.55
N VAL B 28 -25.80 1.50 -13.56
CA VAL B 28 -24.66 1.99 -14.33
C VAL B 28 -23.81 2.97 -13.53
N GLN B 29 -24.39 3.66 -12.54
CA GLN B 29 -23.63 4.61 -11.74
C GLN B 29 -22.69 3.91 -10.78
N ALA B 30 -23.17 2.86 -10.11
CA ALA B 30 -22.35 2.12 -9.16
C ALA B 30 -21.35 1.21 -9.83
N ARG B 31 -21.44 1.02 -11.15
CA ARG B 31 -20.48 0.19 -11.86
C ARG B 31 -19.10 0.82 -11.90
N ASN B 32 -19.03 2.15 -11.93
CA ASN B 32 -17.78 2.88 -12.04
C ASN B 32 -17.23 3.34 -10.70
N LEU B 33 -17.58 2.65 -9.61
CA LEU B 33 -17.08 3.00 -8.30
C LEU B 33 -15.86 2.19 -7.88
N LEU B 34 -15.45 1.20 -8.66
CA LEU B 34 -14.27 0.42 -8.31
C LEU B 34 -13.27 0.30 -9.45
N SER B 35 -13.73 0.19 -10.69
CA SER B 35 -12.85 -0.05 -11.83
C SER B 35 -12.37 1.28 -12.42
N GLY B 36 -11.67 1.20 -13.55
CA GLY B 36 -11.11 2.35 -14.23
C GLY B 36 -9.60 2.36 -14.27
N ILE B 37 -8.95 1.79 -13.25
CA ILE B 37 -7.49 1.75 -13.18
C ILE B 37 -7.14 0.27 -13.21
N VAL B 38 -7.95 -0.51 -13.96
CA VAL B 38 -7.75 -1.95 -14.03
C VAL B 38 -6.55 -2.35 -14.87
N GLN B 39 -5.97 -1.42 -15.63
CA GLN B 39 -4.81 -1.70 -16.47
C GLN B 39 -3.65 -0.83 -16.01
N GLN B 40 -2.50 -1.46 -15.78
CA GLN B 40 -1.31 -0.74 -15.33
C GLN B 40 -0.36 -0.47 -16.49
N LEU B 57 10.20 3.62 -9.20
CA LEU B 57 10.02 5.06 -9.37
C LEU B 57 9.26 5.64 -8.18
N THR B 58 9.76 6.76 -7.65
CA THR B 58 9.12 7.38 -6.50
C THR B 58 7.81 8.07 -6.88
N VAL B 59 7.80 8.80 -7.99
CA VAL B 59 6.63 9.59 -8.36
C VAL B 59 5.59 8.68 -8.99
N TRP B 60 4.34 8.87 -8.61
CA TRP B 60 3.23 7.92 -8.79
C TRP B 60 3.58 6.53 -8.24
N GLY B 61 4.40 6.48 -7.19
CA GLY B 61 4.62 5.25 -6.48
C GLY B 61 3.78 5.23 -5.22
N ILE B 62 3.79 6.35 -4.50
CA ILE B 62 2.89 6.53 -3.38
C ILE B 62 1.56 7.12 -3.85
N LYS B 63 1.59 7.90 -4.94
CA LYS B 63 0.38 8.52 -5.46
C LYS B 63 -0.56 7.48 -6.05
N GLN B 64 -0.02 6.42 -6.65
CA GLN B 64 -0.87 5.39 -7.24
C GLN B 64 -1.54 4.54 -6.16
N LEU B 65 -0.81 4.20 -5.10
CA LEU B 65 -1.39 3.36 -4.05
C LEU B 65 -2.37 4.15 -3.19
N GLN B 66 -2.05 5.42 -2.90
CA GLN B 66 -2.99 6.27 -2.18
C GLN B 66 -4.24 6.58 -3.00
N ALA B 67 -4.15 6.47 -4.33
CA ALA B 67 -5.31 6.67 -5.19
C ALA B 67 -6.35 5.59 -5.00
N ARG B 68 -5.91 4.34 -4.83
CA ARG B 68 -6.85 3.22 -4.83
C ARG B 68 -7.44 2.97 -3.46
N VAL B 69 -6.61 2.96 -2.41
CA VAL B 69 -7.09 2.65 -1.06
C VAL B 69 -8.02 3.74 -0.55
N LEU B 70 -7.84 4.98 -0.99
CA LEU B 70 -8.80 6.02 -0.70
C LEU B 70 -10.15 5.72 -1.36
N ALA B 71 -10.11 5.19 -2.59
CA ALA B 71 -11.34 4.86 -3.30
C ALA B 71 -12.00 3.59 -2.76
N VAL B 72 -11.20 2.64 -2.30
CA VAL B 72 -11.76 1.40 -1.75
C VAL B 72 -12.46 1.66 -0.43
N GLU B 73 -11.87 2.50 0.43
CA GLU B 73 -12.41 2.75 1.76
C GLU B 73 -13.75 3.49 1.71
N ARG B 74 -13.94 4.37 0.71
CA ARG B 74 -15.24 5.04 0.57
C ARG B 74 -16.32 4.07 0.12
N TYR B 75 -15.99 3.13 -0.78
CA TYR B 75 -16.98 2.16 -1.24
C TYR B 75 -17.36 1.20 -0.12
N LEU B 76 -16.38 0.78 0.68
CA LEU B 76 -16.66 -0.11 1.80
C LEU B 76 -17.46 0.58 2.88
N ARG B 77 -17.22 1.88 3.10
CA ARG B 77 -17.99 2.63 4.09
C ARG B 77 -19.44 2.79 3.67
N ASP B 78 -19.70 2.87 2.37
CA ASP B 78 -21.09 2.96 1.91
C ASP B 78 -21.80 1.62 2.03
N GLN B 79 -21.11 0.51 1.74
CA GLN B 79 -21.73 -0.80 1.82
C GLN B 79 -21.91 -1.24 3.27
N GLN B 80 -20.96 -0.90 4.14
CA GLN B 80 -21.10 -1.24 5.56
C GLN B 80 -22.20 -0.44 6.23
N LEU B 81 -22.34 0.83 5.85
CA LEU B 81 -23.45 1.64 6.35
C LEU B 81 -24.78 1.14 5.80
N LEU B 82 -24.79 0.61 4.58
CA LEU B 82 -25.99 -0.03 4.06
C LEU B 82 -26.26 -1.35 4.76
N GLY B 83 -25.20 -2.10 5.09
CA GLY B 83 -25.36 -3.38 5.76
C GLY B 83 -25.80 -3.26 7.21
N ILE B 84 -25.51 -2.13 7.85
CA ILE B 84 -26.00 -1.88 9.19
C ILE B 84 -27.52 -1.73 9.17
N TRP B 85 -28.04 -1.05 8.15
CA TRP B 85 -29.48 -0.82 8.02
C TRP B 85 -30.24 -2.02 7.49
N GLY B 86 -29.55 -3.09 7.12
CA GLY B 86 -30.22 -4.27 6.61
C GLY B 86 -30.58 -4.22 5.14
N CYS B 87 -30.03 -3.27 4.40
CA CYS B 87 -30.29 -3.13 2.96
C CYS B 87 -29.10 -3.57 2.11
N SER B 88 -28.24 -4.42 2.66
CA SER B 88 -27.07 -4.88 1.91
C SER B 88 -27.48 -5.81 0.79
N GLY B 89 -26.84 -5.66 -0.37
CA GLY B 89 -27.15 -6.46 -1.53
C GLY B 89 -28.29 -5.94 -2.38
N LYS B 90 -28.95 -4.87 -1.97
CA LYS B 90 -30.07 -4.30 -2.70
C LYS B 90 -29.71 -2.90 -3.20
N LEU B 91 -30.23 -2.57 -4.38
CA LEU B 91 -30.04 -1.26 -4.98
C LEU B 91 -31.13 -0.28 -4.60
N ILE B 92 -32.38 -0.73 -4.56
CA ILE B 92 -33.51 0.09 -4.11
C ILE B 92 -34.14 -0.66 -2.94
N CYS B 93 -33.70 -0.34 -1.73
CA CYS B 93 -34.23 -0.94 -0.51
C CYS B 93 -35.03 0.10 0.27
N CYS B 94 -36.10 -0.36 0.91
CA CYS B 94 -36.94 0.56 1.65
C CYS B 94 -37.38 -0.05 2.97
N THR B 95 -37.29 0.76 4.03
CA THR B 95 -37.53 0.37 5.41
C THR B 95 -38.92 0.85 5.85
N ASN B 96 -39.21 0.68 7.14
CA ASN B 96 -40.51 1.01 7.72
C ASN B 96 -40.35 1.91 8.94
N VAL B 97 -39.54 2.95 8.83
CA VAL B 97 -39.31 3.90 9.91
C VAL B 97 -40.04 5.20 9.56
N PRO B 98 -40.79 5.80 10.49
CA PRO B 98 -41.42 7.09 10.19
C PRO B 98 -40.41 8.23 10.24
N TRP B 99 -40.78 9.32 9.58
CA TRP B 99 -39.97 10.53 9.52
C TRP B 99 -40.87 11.73 9.73
N ASN B 100 -40.38 12.72 10.47
CA ASN B 100 -41.18 13.91 10.75
C ASN B 100 -41.26 14.80 9.52
N SER B 101 -42.44 15.38 9.30
CA SER B 101 -42.72 16.13 8.09
C SER B 101 -42.11 17.52 8.07
N SER B 102 -41.48 17.96 9.17
CA SER B 102 -40.88 19.29 9.21
C SER B 102 -39.68 19.43 8.28
N TRP B 103 -39.07 18.31 7.87
CA TRP B 103 -37.96 18.39 6.92
C TRP B 103 -38.43 18.81 5.54
N SER B 104 -39.58 18.29 5.09
CA SER B 104 -40.14 18.67 3.80
C SER B 104 -41.63 18.39 3.82
N ASN B 105 -42.43 19.45 3.74
CA ASN B 105 -43.89 19.34 3.71
C ASN B 105 -44.41 19.34 2.27
N ARG B 106 -43.93 18.38 1.49
CA ARG B 106 -44.30 18.26 0.09
C ARG B 106 -44.82 16.86 -0.20
N ASN B 107 -45.87 16.79 -1.02
CA ASN B 107 -46.45 15.52 -1.40
C ASN B 107 -45.61 14.85 -2.48
N LEU B 108 -45.97 13.61 -2.83
CA LEU B 108 -45.18 12.84 -3.78
C LEU B 108 -45.32 13.38 -5.20
N SER B 109 -46.44 14.03 -5.51
CA SER B 109 -46.67 14.52 -6.87
C SER B 109 -45.77 15.69 -7.21
N GLU B 110 -45.42 16.51 -6.22
CA GLU B 110 -44.61 17.70 -6.44
C GLU B 110 -43.12 17.44 -6.29
N ILE B 111 -42.70 16.20 -6.03
CA ILE B 111 -41.29 15.91 -5.81
C ILE B 111 -40.76 14.85 -6.79
N TRP B 112 -41.54 13.80 -7.04
CA TRP B 112 -41.02 12.62 -7.72
C TRP B 112 -41.13 12.69 -9.24
N ASP B 113 -41.58 13.80 -9.82
CA ASP B 113 -41.71 13.90 -11.27
C ASP B 113 -41.24 15.22 -11.85
N ASN B 114 -40.75 16.16 -11.04
CA ASN B 114 -40.45 17.49 -11.57
C ASN B 114 -39.16 18.11 -11.03
N MET B 115 -38.31 17.38 -10.33
CA MET B 115 -37.08 17.97 -9.82
C MET B 115 -35.95 16.95 -9.84
N THR B 116 -34.72 17.47 -9.74
CA THR B 116 -33.50 16.71 -9.91
C THR B 116 -32.88 16.44 -8.54
N TRP B 117 -32.19 15.29 -8.42
CA TRP B 117 -31.53 14.89 -7.18
C TRP B 117 -30.47 15.89 -6.72
N LEU B 118 -29.90 16.69 -7.63
CA LEU B 118 -28.85 17.63 -7.24
C LEU B 118 -29.39 18.74 -6.36
N GLN B 119 -30.53 19.34 -6.74
CA GLN B 119 -31.13 20.36 -5.89
C GLN B 119 -31.88 19.76 -4.71
N TRP B 120 -32.12 18.46 -4.70
CA TRP B 120 -32.80 17.84 -3.58
C TRP B 120 -31.88 17.67 -2.38
N ASP B 121 -30.57 17.50 -2.63
CA ASP B 121 -29.64 17.23 -1.53
C ASP B 121 -29.46 18.46 -0.64
N LYS B 122 -29.41 19.65 -1.23
CA LYS B 122 -29.15 20.87 -0.47
C LYS B 122 -30.30 21.22 0.47
N GLU B 123 -31.50 20.73 0.21
CA GLU B 123 -32.65 21.00 1.07
C GLU B 123 -32.74 20.05 2.26
N ILE B 124 -31.95 18.97 2.27
CA ILE B 124 -32.06 17.97 3.32
C ILE B 124 -30.65 17.71 3.83
N SER B 125 -29.67 18.48 3.33
CA SER B 125 -28.29 18.36 3.80
C SER B 125 -28.14 18.76 5.26
N ASN B 126 -29.08 19.53 5.80
CA ASN B 126 -29.08 19.85 7.22
C ASN B 126 -29.39 18.63 8.07
N TYR B 127 -30.15 17.67 7.53
CA TYR B 127 -30.72 16.58 8.33
C TYR B 127 -30.22 15.20 7.93
N THR B 128 -29.07 15.10 7.24
CA THR B 128 -28.54 13.79 6.89
C THR B 128 -28.02 13.05 8.12
N GLN B 129 -27.44 13.76 9.08
CA GLN B 129 -26.95 13.12 10.29
C GLN B 129 -28.11 12.59 11.15
N ILE B 130 -29.22 13.33 11.17
CA ILE B 130 -30.37 12.89 11.94
C ILE B 130 -31.04 11.69 11.29
N ILE B 131 -31.21 11.71 9.97
CA ILE B 131 -31.99 10.67 9.30
C ILE B 131 -31.18 9.38 9.17
N TYR B 132 -29.84 9.46 9.19
CA TYR B 132 -29.03 8.26 9.18
C TYR B 132 -29.07 7.56 10.53
N GLY B 133 -29.03 8.34 11.62
CA GLY B 133 -29.01 7.77 12.96
C GLY B 133 -30.31 7.13 13.39
N LEU B 134 -31.40 7.45 12.71
CA LEU B 134 -32.69 6.82 12.98
C LEU B 134 -32.85 5.48 12.29
N LEU B 135 -31.84 5.03 11.54
CA LEU B 135 -31.95 3.81 10.77
C LEU B 135 -31.35 2.60 11.48
N GLU B 136 -30.24 2.78 12.21
CA GLU B 136 -29.68 1.64 12.94
C GLU B 136 -30.51 1.33 14.19
N GLU B 137 -31.16 2.34 14.77
CA GLU B 137 -32.08 2.09 15.87
C GLU B 137 -33.35 1.40 15.36
N SER B 138 -33.75 1.70 14.12
CA SER B 138 -34.90 1.03 13.54
C SER B 138 -34.58 -0.43 13.19
N GLN B 139 -33.45 -0.65 12.52
CA GLN B 139 -33.12 -1.99 12.00
C GLN B 139 -32.84 -2.99 13.13
N ASN B 140 -32.17 -2.55 14.19
CA ASN B 140 -31.88 -3.43 15.32
C ASN B 140 -33.13 -3.83 16.08
N GLN B 141 -34.23 -3.10 15.92
CA GLN B 141 -35.46 -3.40 16.62
C GLN B 141 -36.22 -4.59 16.05
N GLN B 142 -36.23 -4.80 14.73
CA GLN B 142 -36.81 -6.04 14.21
C GLN B 142 -36.00 -7.25 14.63
N GLU B 143 -34.66 -7.11 14.63
CA GLU B 143 -33.80 -8.20 15.07
C GLU B 143 -34.00 -8.50 16.55
N LYS B 144 -34.28 -7.49 17.36
CA LYS B 144 -34.69 -7.73 18.74
C LYS B 144 -36.06 -8.40 18.79
N ASN B 145 -37.00 -7.93 17.95
CA ASN B 145 -38.33 -8.54 17.91
C ASN B 145 -38.30 -9.92 17.26
N GLU B 146 -37.38 -10.14 16.32
CA GLU B 146 -37.21 -11.48 15.76
C GLU B 146 -36.69 -12.46 16.80
N GLN B 147 -35.81 -11.99 17.70
CA GLN B 147 -35.27 -12.88 18.72
C GLN B 147 -36.31 -13.25 19.77
N ASP B 148 -37.22 -12.33 20.11
CA ASP B 148 -38.25 -12.63 21.09
C ASP B 148 -39.33 -13.54 20.52
N LEU B 149 -39.78 -13.26 19.29
CA LEU B 149 -40.92 -13.98 18.72
C LEU B 149 -40.53 -15.40 18.32
N LEU B 150 -39.38 -15.56 17.67
CA LEU B 150 -39.01 -16.85 17.09
C LEU B 150 -38.48 -17.83 18.13
N ALA B 151 -38.03 -17.34 19.28
CA ALA B 151 -37.54 -18.23 20.34
C ALA B 151 -38.70 -18.91 21.06
N GLU C 2 -40.17 -26.44 -17.13
CA GLU C 2 -39.55 -27.53 -17.87
C GLU C 2 -38.29 -27.04 -18.58
N ASN C 3 -38.37 -25.84 -19.14
CA ASN C 3 -37.21 -25.23 -19.79
C ASN C 3 -36.15 -24.88 -18.76
N LEU C 4 -34.89 -24.96 -19.18
CA LEU C 4 -33.76 -24.75 -18.29
C LEU C 4 -33.59 -23.28 -17.95
N TRP C 5 -32.80 -23.01 -16.92
CA TRP C 5 -32.62 -21.67 -16.39
C TRP C 5 -31.15 -21.46 -16.03
N VAL C 6 -30.74 -20.19 -15.99
CA VAL C 6 -29.34 -19.86 -15.71
C VAL C 6 -29.16 -19.73 -14.20
N THR C 7 -27.97 -20.10 -13.73
CA THR C 7 -27.59 -20.01 -12.33
C THR C 7 -26.31 -19.20 -12.19
N VAL C 8 -25.96 -18.89 -10.95
CA VAL C 8 -24.69 -18.25 -10.61
C VAL C 8 -23.98 -19.14 -9.60
N TYR C 9 -22.72 -19.47 -9.87
CA TYR C 9 -21.87 -20.21 -8.95
C TYR C 9 -20.65 -19.36 -8.64
N TYR C 10 -20.39 -19.15 -7.35
CA TYR C 10 -19.27 -18.33 -6.89
C TYR C 10 -18.26 -19.22 -6.18
N GLY C 11 -17.04 -19.26 -6.71
CA GLY C 11 -16.01 -20.13 -6.18
C GLY C 11 -15.77 -21.35 -7.04
N VAL C 12 -15.73 -21.16 -8.35
CA VAL C 12 -15.59 -22.27 -9.30
C VAL C 12 -14.15 -22.29 -9.82
N PRO C 13 -13.54 -23.48 -10.00
CA PRO C 13 -12.19 -23.53 -10.57
C PRO C 13 -12.19 -23.21 -12.07
N VAL C 14 -11.75 -22.00 -12.42
CA VAL C 14 -11.60 -21.58 -13.81
C VAL C 14 -10.21 -20.97 -13.96
N TRP C 15 -9.46 -21.43 -14.95
CA TRP C 15 -8.09 -20.98 -15.19
C TRP C 15 -8.00 -20.24 -16.51
N LYS C 16 -7.38 -19.06 -16.48
CA LYS C 16 -6.95 -18.36 -17.68
C LYS C 16 -5.50 -17.94 -17.50
N ASP C 17 -4.72 -18.08 -18.58
CA ASP C 17 -3.28 -17.83 -18.53
C ASP C 17 -3.03 -16.33 -18.44
N ALA C 18 -2.81 -15.84 -17.21
CA ALA C 18 -2.45 -14.45 -16.97
C ALA C 18 -1.25 -14.41 -16.04
N GLU C 19 -0.39 -13.41 -16.24
CA GLU C 19 0.86 -13.31 -15.51
C GLU C 19 0.94 -11.96 -14.80
N THR C 20 1.31 -12.00 -13.53
CA THR C 20 1.48 -10.81 -12.71
C THR C 20 2.80 -10.93 -11.95
N THR C 21 3.08 -9.93 -11.11
CA THR C 21 4.30 -9.95 -10.31
C THR C 21 4.23 -11.03 -9.24
N LEU C 22 5.39 -11.53 -8.84
CA LEU C 22 5.51 -12.57 -7.84
C LEU C 22 5.91 -11.97 -6.51
N PHE C 23 6.18 -12.83 -5.52
CA PHE C 23 6.57 -12.38 -4.20
C PHE C 23 7.64 -13.32 -3.65
N CYS C 24 8.66 -12.73 -3.02
CA CYS C 24 9.79 -13.49 -2.50
C CYS C 24 9.42 -14.26 -1.24
N ALA C 25 10.16 -15.33 -0.99
CA ALA C 25 10.10 -16.09 0.24
C ALA C 25 11.42 -16.81 0.43
N SER C 26 11.77 -17.06 1.69
CA SER C 26 13.03 -17.69 2.00
C SER C 26 12.93 -18.41 3.34
N ASP C 27 13.87 -19.31 3.57
CA ASP C 27 13.93 -20.07 4.81
C ASP C 27 14.80 -19.32 5.83
N ALA C 28 14.99 -19.94 6.99
CA ALA C 28 15.80 -19.35 8.05
C ALA C 28 17.23 -19.87 8.00
N HIS C 36 22.42 -11.44 7.22
CA HIS C 36 22.50 -10.47 6.13
C HIS C 36 23.21 -11.07 4.92
N ASN C 37 22.59 -10.96 3.75
CA ASN C 37 23.18 -11.47 2.52
C ASN C 37 22.69 -10.61 1.36
N VAL C 38 23.36 -10.76 0.21
CA VAL C 38 23.05 -9.95 -0.95
C VAL C 38 21.70 -10.34 -1.56
N TRP C 39 21.31 -11.61 -1.47
CA TRP C 39 20.10 -12.06 -2.15
C TRP C 39 18.85 -11.81 -1.31
N ALA C 40 18.89 -12.17 -0.03
CA ALA C 40 17.71 -12.09 0.82
C ALA C 40 17.59 -10.74 1.52
N THR C 41 18.69 -10.23 2.07
CA THR C 41 18.79 -8.98 2.84
C THR C 41 17.88 -8.96 4.07
N HIS C 42 17.45 -10.14 4.53
CA HIS C 42 16.53 -10.31 5.66
C HIS C 42 15.25 -9.50 5.47
N ALA C 43 14.74 -9.49 4.23
CA ALA C 43 13.56 -8.71 3.89
C ALA C 43 12.41 -9.53 3.34
N CYS C 44 12.66 -10.71 2.78
CA CYS C 44 11.58 -11.59 2.35
C CYS C 44 10.86 -12.14 3.57
N VAL C 45 9.56 -12.35 3.43
CA VAL C 45 8.77 -12.94 4.51
C VAL C 45 9.16 -14.41 4.66
N PRO C 46 9.56 -14.86 5.86
CA PRO C 46 9.93 -16.27 6.04
C PRO C 46 8.70 -17.16 5.90
N THR C 47 8.66 -17.91 4.80
CA THR C 47 7.50 -18.72 4.49
C THR C 47 7.41 -19.93 5.42
N ASP C 48 6.18 -20.37 5.66
CA ASP C 48 5.98 -21.65 6.31
C ASP C 48 6.45 -22.77 5.38
N PRO C 49 7.23 -23.73 5.90
CA PRO C 49 7.88 -24.69 5.01
C PRO C 49 7.00 -25.84 4.57
N ASN C 50 5.77 -25.54 4.14
CA ASN C 50 4.80 -26.57 3.74
C ASN C 50 4.28 -26.29 2.33
N PRO C 51 5.02 -26.69 1.31
CA PRO C 51 4.48 -26.61 -0.06
C PRO C 51 3.44 -27.69 -0.27
N GLN C 52 2.20 -27.40 0.13
CA GLN C 52 1.11 -28.37 0.08
C GLN C 52 0.81 -28.74 -1.36
N GLU C 53 1.14 -29.97 -1.73
CA GLU C 53 1.22 -30.40 -3.11
C GLU C 53 -0.02 -31.23 -3.42
N ILE C 54 -1.08 -30.55 -3.87
CA ILE C 54 -2.35 -31.20 -4.16
C ILE C 54 -2.32 -31.71 -5.59
N HIS C 55 -2.46 -33.02 -5.75
CA HIS C 55 -2.46 -33.63 -7.07
C HIS C 55 -3.81 -33.41 -7.74
N LEU C 56 -3.78 -33.00 -9.01
CA LEU C 56 -4.99 -32.74 -9.78
C LEU C 56 -5.01 -33.73 -10.95
N GLU C 57 -5.90 -34.70 -10.89
CA GLU C 57 -6.05 -35.65 -11.98
C GLU C 57 -7.07 -35.14 -12.99
N ASN C 58 -7.15 -35.86 -14.12
CA ASN C 58 -8.09 -35.62 -15.22
C ASN C 58 -7.93 -34.25 -15.87
N VAL C 59 -6.78 -33.59 -15.71
CA VAL C 59 -6.56 -32.26 -16.24
C VAL C 59 -5.25 -32.25 -17.03
N THR C 60 -5.30 -31.60 -18.21
CA THR C 60 -4.14 -31.41 -19.06
C THR C 60 -4.03 -29.94 -19.39
N GLU C 61 -2.97 -29.30 -18.91
CA GLU C 61 -2.72 -27.88 -19.15
C GLU C 61 -1.54 -27.71 -20.09
N GLU C 62 -1.65 -26.79 -21.03
CA GLU C 62 -0.64 -26.59 -22.06
C GLU C 62 0.44 -25.64 -21.52
N PHE C 63 1.50 -26.22 -20.98
CA PHE C 63 2.63 -25.42 -20.53
C PHE C 63 3.41 -24.88 -21.73
N ASN C 64 4.07 -23.75 -21.53
CA ASN C 64 4.83 -23.11 -22.60
C ASN C 64 5.95 -22.29 -21.98
N MET C 65 7.16 -22.86 -21.96
CA MET C 65 8.33 -22.08 -21.60
C MET C 65 8.81 -21.29 -22.82
N TRP C 66 9.82 -20.45 -22.59
CA TRP C 66 10.34 -19.38 -23.45
C TRP C 66 9.34 -18.25 -23.67
N LYS C 67 8.14 -18.34 -23.10
CA LYS C 67 7.18 -17.24 -23.07
C LYS C 67 6.71 -16.94 -21.66
N ASN C 68 7.16 -17.70 -20.66
CA ASN C 68 6.78 -17.47 -19.29
C ASN C 68 7.46 -16.20 -18.79
N ASN C 69 6.70 -15.37 -18.09
CA ASN C 69 7.21 -14.11 -17.57
C ASN C 69 7.85 -14.24 -16.19
N MET C 70 7.82 -15.44 -15.59
CA MET C 70 8.52 -15.64 -14.32
C MET C 70 10.03 -15.65 -14.53
N VAL C 71 10.50 -16.09 -15.70
CA VAL C 71 11.92 -16.02 -16.02
C VAL C 71 12.36 -14.57 -16.14
N GLU C 72 11.55 -13.74 -16.83
CA GLU C 72 11.83 -12.31 -16.92
C GLU C 72 11.60 -11.60 -15.60
N GLN C 73 10.83 -12.20 -14.69
CA GLN C 73 10.62 -11.61 -13.37
C GLN C 73 11.89 -11.69 -12.53
N MET C 74 12.52 -12.87 -12.49
CA MET C 74 13.71 -13.07 -11.67
C MET C 74 14.96 -12.43 -12.26
N HIS C 75 15.04 -12.28 -13.58
CA HIS C 75 16.17 -11.56 -14.15
C HIS C 75 16.13 -10.09 -13.77
N THR C 76 14.94 -9.49 -13.79
CA THR C 76 14.81 -8.07 -13.46
C THR C 76 14.93 -7.85 -11.96
N ASP C 77 14.46 -8.82 -11.15
CA ASP C 77 14.40 -8.62 -9.72
C ASP C 77 15.80 -8.60 -9.08
N ILE C 78 16.68 -9.52 -9.51
CA ILE C 78 18.00 -9.56 -8.90
C ILE C 78 18.91 -8.46 -9.40
N ILE C 79 18.58 -7.79 -10.51
CA ILE C 79 19.25 -6.54 -10.84
C ILE C 79 18.89 -5.46 -9.83
N SER C 80 17.61 -5.38 -9.46
CA SER C 80 17.18 -4.46 -8.41
C SER C 80 17.72 -4.86 -7.05
N LEU C 81 17.99 -6.15 -6.83
CA LEU C 81 18.63 -6.61 -5.61
C LEU C 81 20.14 -6.38 -5.62
N TRP C 82 20.73 -6.15 -6.78
CA TRP C 82 22.17 -6.02 -6.88
C TRP C 82 22.61 -4.59 -6.58
N ASP C 83 21.97 -3.61 -7.21
CA ASP C 83 22.26 -2.21 -6.94
C ASP C 83 21.79 -1.77 -5.56
N GLN C 84 20.81 -2.47 -4.99
CA GLN C 84 20.38 -2.15 -3.62
C GLN C 84 21.43 -2.54 -2.60
N SER C 85 22.19 -3.61 -2.87
CA SER C 85 23.21 -4.10 -1.97
C SER C 85 24.58 -3.48 -2.22
N LEU C 86 24.67 -2.51 -3.13
CA LEU C 86 25.93 -1.84 -3.43
C LEU C 86 25.99 -0.39 -2.96
N LYS C 87 24.86 0.20 -2.57
CA LYS C 87 24.81 1.59 -2.09
C LYS C 87 25.61 1.87 -0.82
N PRO C 88 25.58 1.06 0.25
CA PRO C 88 26.40 1.40 1.43
C PRO C 88 27.88 1.09 1.29
N CYS C 89 28.36 0.72 0.11
CA CYS C 89 29.79 0.45 -0.09
C CYS C 89 30.51 1.77 -0.37
N VAL C 90 31.77 1.67 -0.78
CA VAL C 90 32.61 2.84 -0.99
C VAL C 90 32.90 2.99 -2.48
N LYS C 91 32.81 4.21 -2.99
CA LYS C 91 33.12 4.47 -4.39
C LYS C 91 34.62 4.41 -4.62
N LEU C 92 35.02 3.84 -5.75
CA LEU C 92 36.43 3.68 -6.10
C LEU C 92 36.84 4.64 -7.21
N THR C 93 36.35 5.88 -7.13
CA THR C 93 36.76 6.92 -8.06
C THR C 93 38.27 7.23 -8.05
N PRO C 94 38.97 7.41 -6.92
CA PRO C 94 40.39 7.80 -6.99
C PRO C 94 41.34 6.68 -7.36
N LEU C 95 40.87 5.54 -7.87
CA LEU C 95 41.77 4.48 -8.34
C LEU C 95 42.28 4.72 -9.75
N CYS C 96 41.84 5.78 -10.43
CA CYS C 96 42.34 6.13 -11.75
C CYS C 96 43.54 7.07 -11.72
N VAL C 97 44.33 7.03 -10.66
CA VAL C 97 45.63 7.70 -10.66
C VAL C 97 46.59 6.86 -11.48
N THR C 98 47.72 7.43 -11.88
CA THR C 98 48.66 6.73 -12.72
C THR C 98 49.35 5.60 -11.96
N LEU C 99 49.88 4.64 -12.72
CA LEU C 99 50.50 3.45 -12.14
C LEU C 99 51.89 3.27 -12.71
N GLN C 100 52.74 2.59 -11.94
CA GLN C 100 54.09 2.22 -12.35
C GLN C 100 54.21 0.72 -12.08
N CYS C 101 53.83 -0.09 -13.07
CA CYS C 101 53.70 -1.53 -12.90
C CYS C 101 54.90 -2.25 -13.49
N THR C 102 55.45 -3.21 -12.74
CA THR C 102 56.52 -4.09 -13.19
C THR C 102 56.09 -5.53 -13.02
N ASN C 103 56.64 -6.41 -13.86
CA ASN C 103 56.32 -7.82 -13.78
C ASN C 103 56.93 -8.44 -12.52
N VAL C 104 56.33 -9.55 -12.08
CA VAL C 104 56.77 -10.24 -10.88
C VAL C 104 57.73 -11.38 -11.27
N THR C 105 58.81 -11.50 -10.51
CA THR C 105 59.80 -12.55 -10.74
C THR C 105 60.01 -13.43 -9.50
N ASN C 106 59.11 -13.35 -8.52
CA ASN C 106 59.27 -14.07 -7.25
C ASN C 106 58.62 -15.44 -7.38
N ASN C 107 59.43 -16.43 -7.80
CA ASN C 107 59.06 -17.84 -7.89
C ASN C 107 57.85 -18.06 -8.79
N ILE C 108 58.02 -17.72 -10.07
CA ILE C 108 56.95 -17.79 -11.06
C ILE C 108 57.41 -18.66 -12.22
N THR C 109 56.48 -19.46 -12.75
CA THR C 109 56.76 -20.31 -13.89
C THR C 109 56.56 -19.55 -15.20
N ASP C 110 56.85 -20.23 -16.31
CA ASP C 110 56.74 -19.62 -17.62
C ASP C 110 55.28 -19.47 -18.07
N ASP C 111 54.36 -20.25 -17.48
CA ASP C 111 52.97 -20.18 -17.89
C ASP C 111 52.26 -18.95 -17.36
N MET C 112 52.74 -18.35 -16.28
CA MET C 112 52.16 -17.14 -15.71
C MET C 112 52.96 -15.90 -16.04
N ARG C 113 53.79 -15.96 -17.09
CA ARG C 113 54.62 -14.82 -17.47
C ARG C 113 53.76 -13.69 -18.00
N GLY C 114 53.96 -12.50 -17.46
CA GLY C 114 53.15 -11.35 -17.83
C GLY C 114 51.70 -11.42 -17.41
N GLU C 115 51.44 -11.85 -16.17
CA GLU C 115 50.07 -11.95 -15.67
C GLU C 115 49.84 -11.15 -14.40
N LEU C 116 50.83 -11.05 -13.52
CA LEU C 116 50.73 -10.24 -12.31
C LEU C 116 51.69 -9.06 -12.41
N LYS C 117 51.18 -7.88 -12.09
CA LYS C 117 51.93 -6.62 -12.22
C LYS C 117 52.08 -5.98 -10.85
N ASN C 118 53.33 -5.64 -10.50
CA ASN C 118 53.62 -4.97 -9.23
C ASN C 118 53.58 -3.46 -9.48
N CYS C 119 52.47 -2.83 -9.12
CA CYS C 119 52.22 -1.43 -9.41
C CYS C 119 52.48 -0.56 -8.19
N SER C 120 52.45 0.76 -8.41
CA SER C 120 52.58 1.74 -7.34
C SER C 120 51.89 3.02 -7.79
N PHE C 121 51.35 3.77 -6.82
CA PHE C 121 50.57 4.95 -7.14
C PHE C 121 50.61 5.92 -5.96
N ASN C 122 49.88 7.03 -6.10
CA ASN C 122 49.93 8.12 -5.14
C ASN C 122 48.56 8.37 -4.53
N MET C 123 47.88 7.29 -4.15
CA MET C 123 46.53 7.37 -3.60
C MET C 123 46.55 8.05 -2.23
N THR C 124 45.46 8.75 -1.92
CA THR C 124 45.42 9.75 -0.85
C THR C 124 45.05 9.14 0.50
N THR C 125 45.67 9.69 1.55
CA THR C 125 45.36 9.34 2.93
C THR C 125 44.08 10.08 3.34
N GLU C 126 43.46 9.67 4.45
CA GLU C 126 42.22 10.28 4.93
C GLU C 126 42.36 11.78 5.21
N LEU C 127 43.56 12.25 5.54
CA LEU C 127 43.83 13.67 5.55
C LEU C 127 44.12 14.14 4.13
N ARG C 128 43.49 15.25 3.74
CA ARG C 128 43.55 15.69 2.35
C ARG C 128 44.95 16.18 1.96
N ASP C 129 45.67 16.78 2.89
CA ASP C 129 47.00 17.30 2.59
C ASP C 129 48.08 16.23 2.57
N LYS C 130 47.78 15.01 3.02
CA LYS C 130 48.76 13.96 3.14
C LYS C 130 48.50 12.86 2.12
N LYS C 131 49.57 12.36 1.51
CA LYS C 131 49.52 11.26 0.55
C LYS C 131 50.34 10.09 1.08
N GLN C 132 50.34 9.00 0.31
CA GLN C 132 51.10 7.81 0.70
C GLN C 132 51.49 7.04 -0.56
N LYS C 133 52.48 6.17 -0.41
CA LYS C 133 52.93 5.29 -1.49
C LYS C 133 52.43 3.88 -1.22
N VAL C 134 51.54 3.39 -2.07
CA VAL C 134 50.86 2.11 -1.88
C VAL C 134 51.15 1.23 -3.09
N TYR C 135 51.61 0.01 -2.84
CA TYR C 135 51.86 -0.96 -3.90
C TYR C 135 50.85 -2.09 -3.81
N SER C 136 50.44 -2.61 -4.97
CA SER C 136 49.48 -3.70 -5.03
C SER C 136 49.70 -4.48 -6.32
N LEU C 137 49.15 -5.70 -6.34
CA LEU C 137 49.29 -6.60 -7.48
C LEU C 137 47.95 -6.69 -8.21
N PHE C 138 47.93 -6.26 -9.46
CA PHE C 138 46.76 -6.35 -10.31
C PHE C 138 47.00 -7.35 -11.44
N TYR C 139 45.93 -8.01 -11.88
CA TYR C 139 46.03 -8.93 -12.99
C TYR C 139 46.21 -8.17 -14.30
N ARG C 140 46.64 -8.91 -15.34
CA ARG C 140 46.85 -8.29 -16.64
C ARG C 140 45.54 -7.86 -17.28
N LEU C 141 44.44 -8.55 -16.97
CA LEU C 141 43.13 -8.19 -17.50
C LEU C 141 42.53 -6.97 -16.81
N ASP C 142 43.13 -6.51 -15.71
CA ASP C 142 42.60 -5.37 -14.97
C ASP C 142 43.27 -4.05 -15.31
N VAL C 143 44.43 -4.08 -15.97
CA VAL C 143 45.18 -2.86 -16.29
C VAL C 143 45.42 -2.81 -17.79
N VAL C 144 45.43 -1.58 -18.31
CA VAL C 144 45.72 -1.33 -19.72
C VAL C 144 46.75 -0.22 -19.81
N GLN C 145 47.43 -0.18 -20.97
CA GLN C 145 48.47 0.82 -21.19
C GLN C 145 47.86 2.20 -21.41
N ILE C 146 48.71 3.21 -21.31
CA ILE C 146 48.30 4.59 -21.55
C ILE C 146 48.95 5.12 -22.83
N GLU C 160 52.51 4.46 -16.37
CA GLU C 160 52.59 3.57 -17.51
C GLU C 160 51.25 2.86 -17.76
N TYR C 161 50.64 2.39 -16.69
CA TYR C 161 49.39 1.63 -16.76
C TYR C 161 48.25 2.41 -16.13
N ARG C 162 47.03 2.03 -16.52
CA ARG C 162 45.81 2.57 -15.93
C ARG C 162 44.77 1.48 -15.87
N LEU C 163 43.76 1.68 -15.02
CA LEU C 163 42.70 0.69 -14.87
C LEU C 163 41.80 0.70 -16.10
N ILE C 164 41.14 -0.44 -16.34
CA ILE C 164 40.32 -0.61 -17.53
C ILE C 164 39.05 0.23 -17.44
N ASN C 165 38.51 0.44 -16.25
CA ASN C 165 37.23 1.12 -16.09
C ASN C 165 37.34 2.63 -16.10
N CYS C 166 38.54 3.19 -16.32
CA CYS C 166 38.72 4.63 -16.15
C CYS C 166 38.07 5.46 -17.25
N ASN C 167 37.63 4.82 -18.35
CA ASN C 167 36.75 5.46 -19.32
C ASN C 167 35.30 4.99 -19.17
N THR C 168 34.97 4.38 -18.05
CA THR C 168 33.61 3.97 -17.70
C THR C 168 33.38 4.47 -16.27
N SER C 169 32.24 4.16 -15.67
CA SER C 169 31.94 4.66 -14.33
C SER C 169 32.83 4.00 -13.29
N ALA C 170 32.89 4.63 -12.11
CA ALA C 170 33.73 4.16 -11.02
C ALA C 170 33.15 2.89 -10.39
N CYS C 171 33.90 2.32 -9.47
CA CYS C 171 33.55 1.01 -8.92
C CYS C 171 33.18 1.10 -7.44
N THR C 172 32.85 -0.06 -6.87
CA THR C 172 32.04 -0.11 -5.65
C THR C 172 32.66 -0.99 -4.56
N GLN C 173 33.38 -2.06 -4.97
CA GLN C 173 34.13 -3.02 -4.14
C GLN C 173 33.19 -3.95 -3.37
N ALA C 174 31.89 -3.67 -3.41
CA ALA C 174 30.79 -4.60 -3.12
C ALA C 174 30.77 -5.14 -1.69
N CYS C 175 31.34 -4.37 -0.72
CA CYS C 175 31.15 -4.59 0.72
C CYS C 175 31.46 -6.01 1.19
N PRO C 176 32.72 -6.40 1.31
CA PRO C 176 33.07 -7.82 1.47
C PRO C 176 32.64 -8.47 2.78
N LYS C 177 31.91 -7.78 3.65
CA LYS C 177 31.29 -8.46 4.79
C LYS C 177 30.22 -9.44 4.34
N VAL C 178 29.53 -9.14 3.24
CA VAL C 178 28.54 -10.04 2.68
C VAL C 178 29.25 -11.10 1.84
N SER C 179 28.52 -12.16 1.49
CA SER C 179 29.05 -13.26 0.69
C SER C 179 28.24 -13.41 -0.58
N PHE C 180 28.77 -14.20 -1.52
CA PHE C 180 28.12 -14.44 -2.80
C PHE C 180 27.60 -15.86 -2.93
N GLU C 181 27.42 -16.55 -1.82
CA GLU C 181 26.83 -17.89 -1.86
C GLU C 181 25.35 -17.77 -2.23
N PRO C 182 24.87 -18.55 -3.20
CA PRO C 182 23.49 -18.40 -3.66
C PRO C 182 22.50 -19.00 -2.68
N ILE C 183 21.80 -18.14 -1.95
CA ILE C 183 20.73 -18.57 -1.06
C ILE C 183 19.49 -18.88 -1.90
N PRO C 184 18.85 -20.04 -1.72
CA PRO C 184 17.65 -20.35 -2.50
C PRO C 184 16.52 -19.36 -2.25
N ILE C 185 15.82 -18.99 -3.33
CA ILE C 185 14.79 -17.97 -3.30
C ILE C 185 13.50 -18.59 -3.79
N HIS C 186 12.43 -18.39 -3.02
CA HIS C 186 11.12 -18.96 -3.33
C HIS C 186 10.23 -17.86 -3.90
N TYR C 187 9.66 -18.11 -5.07
CA TYR C 187 8.70 -17.19 -5.68
C TYR C 187 7.30 -17.75 -5.66
N CYS C 188 6.36 -16.94 -5.18
CA CYS C 188 4.97 -17.32 -5.05
C CYS C 188 4.00 -16.16 -4.90
N ALA C 189 2.99 -16.17 -5.77
CA ALA C 189 2.04 -15.08 -5.95
C ALA C 189 1.07 -14.98 -4.79
N PRO C 190 0.48 -13.79 -4.57
CA PRO C 190 -0.56 -13.66 -3.54
C PRO C 190 -1.88 -14.30 -3.93
N ALA C 191 -2.90 -14.06 -3.11
CA ALA C 191 -4.21 -14.67 -3.30
C ALA C 191 -4.84 -14.23 -4.62
N GLY C 192 -5.61 -15.13 -5.21
CA GLY C 192 -6.16 -14.94 -6.53
C GLY C 192 -5.36 -15.54 -7.66
N PHE C 193 -4.13 -15.98 -7.38
CA PHE C 193 -3.28 -16.61 -8.37
C PHE C 193 -2.70 -17.90 -7.81
N ALA C 194 -2.50 -18.88 -8.68
CA ALA C 194 -1.96 -20.18 -8.30
C ALA C 194 -0.85 -20.56 -9.27
N ILE C 195 0.02 -21.47 -8.80
CA ILE C 195 1.16 -21.94 -9.58
C ILE C 195 0.95 -23.42 -9.86
N LEU C 196 0.98 -23.79 -11.15
CA LEU C 196 0.85 -25.17 -11.57
C LEU C 196 2.19 -25.68 -12.09
N LYS C 197 2.53 -26.91 -11.74
CA LYS C 197 3.79 -27.51 -12.15
C LYS C 197 3.54 -28.84 -12.86
N CYS C 198 4.36 -29.12 -13.87
CA CYS C 198 4.29 -30.35 -14.63
C CYS C 198 5.19 -31.41 -13.99
N LYS C 199 4.78 -32.68 -14.13
CA LYS C 199 5.45 -33.78 -13.44
C LYS C 199 5.79 -34.93 -14.38
N ASP C 200 5.84 -34.69 -15.69
CA ASP C 200 6.10 -35.76 -16.64
C ASP C 200 7.59 -36.12 -16.58
N LYS C 201 7.87 -37.43 -16.55
CA LYS C 201 9.26 -37.89 -16.55
C LYS C 201 9.94 -37.60 -17.89
N LYS C 202 9.20 -37.75 -18.99
CA LYS C 202 9.71 -37.48 -20.32
C LYS C 202 9.27 -36.11 -20.83
N PHE C 203 9.22 -35.11 -19.95
CA PHE C 203 8.66 -33.81 -20.29
C PHE C 203 9.61 -33.04 -21.19
N ASN C 204 9.08 -32.62 -22.35
CA ASN C 204 9.77 -31.69 -23.23
C ASN C 204 9.47 -30.25 -22.81
N GLY C 205 9.79 -29.28 -23.66
CA GLY C 205 9.59 -27.89 -23.34
C GLY C 205 8.15 -27.42 -23.34
N THR C 206 7.49 -27.46 -24.50
CA THR C 206 6.15 -26.91 -24.68
C THR C 206 5.13 -28.04 -24.69
N GLY C 207 3.88 -27.69 -25.00
CA GLY C 207 2.84 -28.68 -25.15
C GLY C 207 2.12 -28.99 -23.85
N PRO C 208 1.11 -29.84 -23.93
CA PRO C 208 0.32 -30.17 -22.73
C PRO C 208 1.06 -31.11 -21.79
N CYS C 209 0.68 -31.05 -20.52
CA CYS C 209 1.21 -31.93 -19.49
C CYS C 209 0.07 -32.74 -18.88
N PRO C 210 0.13 -34.06 -18.88
CA PRO C 210 -0.94 -34.86 -18.26
C PRO C 210 -0.78 -35.09 -16.76
N SER C 211 0.14 -34.41 -16.09
CA SER C 211 0.39 -34.58 -14.67
C SER C 211 0.45 -33.22 -13.97
N VAL C 212 -0.54 -32.38 -14.24
CA VAL C 212 -0.60 -31.04 -13.69
C VAL C 212 -1.05 -31.11 -12.23
N SER C 213 -0.24 -30.57 -11.34
CA SER C 213 -0.61 -30.42 -9.94
C SER C 213 -0.38 -28.97 -9.53
N THR C 214 -0.86 -28.63 -8.34
CA THR C 214 -0.76 -27.28 -7.82
C THR C 214 0.08 -27.25 -6.56
N VAL C 215 0.84 -26.16 -6.42
CA VAL C 215 1.60 -25.87 -5.22
C VAL C 215 1.43 -24.40 -4.92
N GLN C 216 1.18 -24.07 -3.65
CA GLN C 216 0.98 -22.67 -3.30
C GLN C 216 2.27 -21.88 -3.38
N CYS C 217 3.42 -22.49 -3.09
CA CYS C 217 4.66 -21.73 -3.13
C CYS C 217 5.81 -22.70 -3.33
N THR C 218 6.67 -22.42 -4.31
CA THR C 218 7.54 -23.44 -4.91
C THR C 218 8.71 -23.79 -3.99
N HIS C 219 9.66 -24.56 -4.54
CA HIS C 219 10.82 -25.01 -3.81
C HIS C 219 11.98 -24.03 -3.97
N GLY C 220 13.15 -24.41 -3.46
CA GLY C 220 14.30 -23.53 -3.47
C GLY C 220 14.94 -23.47 -4.83
N ILE C 221 15.14 -22.26 -5.36
CA ILE C 221 15.77 -22.05 -6.66
C ILE C 221 17.07 -21.29 -6.43
N LYS C 222 18.17 -21.86 -6.87
CA LYS C 222 19.48 -21.24 -6.67
C LYS C 222 19.70 -20.16 -7.72
N PRO C 223 20.00 -18.92 -7.34
CA PRO C 223 20.21 -17.85 -8.32
C PRO C 223 21.63 -17.80 -8.88
N VAL C 224 22.36 -18.91 -8.78
CA VAL C 224 23.74 -18.97 -9.27
C VAL C 224 23.78 -18.72 -10.78
N VAL C 225 24.75 -17.93 -11.21
CA VAL C 225 24.88 -17.50 -12.60
C VAL C 225 26.10 -18.16 -13.23
N SER C 226 26.04 -18.37 -14.54
CA SER C 226 27.13 -18.92 -15.32
C SER C 226 26.87 -18.56 -16.78
N THR C 227 27.80 -18.95 -17.66
CA THR C 227 27.68 -18.66 -19.08
C THR C 227 27.53 -19.92 -19.91
N GLN C 228 28.47 -20.85 -19.82
CA GLN C 228 28.44 -22.06 -20.66
C GLN C 228 27.77 -23.22 -19.95
N LEU C 229 28.32 -23.63 -18.80
CA LEU C 229 27.90 -24.83 -18.11
C LEU C 229 27.06 -24.43 -16.89
N LEU C 230 25.91 -25.08 -16.71
CA LEU C 230 25.06 -24.81 -15.57
C LEU C 230 25.55 -25.59 -14.35
N LEU C 231 25.71 -24.88 -13.25
CA LEU C 231 26.22 -25.46 -12.01
C LEU C 231 25.17 -25.37 -10.91
N ASN C 232 25.17 -26.40 -10.05
CA ASN C 232 24.31 -26.48 -8.85
C ASN C 232 22.83 -26.34 -9.19
N GLY C 233 22.41 -26.98 -10.27
CA GLY C 233 21.04 -26.96 -10.72
C GLY C 233 20.24 -28.14 -10.22
N SER C 234 19.21 -28.49 -10.97
CA SER C 234 18.35 -29.63 -10.66
C SER C 234 18.50 -30.69 -11.74
N LEU C 235 18.46 -31.94 -11.32
CA LEU C 235 18.69 -33.07 -12.21
C LEU C 235 17.41 -33.51 -12.89
N ALA C 236 17.56 -34.15 -14.04
CA ALA C 236 16.42 -34.71 -14.75
C ALA C 236 15.95 -36.00 -14.07
N GLU C 237 14.77 -36.46 -14.47
CA GLU C 237 14.16 -37.61 -13.81
C GLU C 237 14.77 -38.92 -14.27
N GLU C 238 14.72 -39.21 -15.58
CA GLU C 238 15.13 -40.50 -16.11
C GLU C 238 16.38 -40.43 -16.97
N GLU C 239 16.38 -39.61 -18.03
CA GLU C 239 17.51 -39.53 -18.94
C GLU C 239 17.85 -38.06 -19.18
N VAL C 240 18.94 -37.83 -19.92
CA VAL C 240 19.32 -36.48 -20.32
C VAL C 240 18.29 -35.96 -21.31
N MET C 241 17.66 -34.84 -20.97
CA MET C 241 16.52 -34.32 -21.70
C MET C 241 16.94 -33.05 -22.42
N ILE C 242 16.55 -32.91 -23.69
CA ILE C 242 16.94 -31.78 -24.51
C ILE C 242 15.71 -30.89 -24.74
N ARG C 243 15.78 -29.66 -24.25
CA ARG C 243 14.63 -28.76 -24.23
C ARG C 243 14.93 -27.61 -25.18
N SER C 244 14.32 -27.67 -26.37
CA SER C 244 14.49 -26.64 -27.39
C SER C 244 13.20 -26.45 -28.15
N GLU C 245 13.02 -25.23 -28.67
CA GLU C 245 11.94 -24.92 -29.61
C GLU C 245 12.37 -25.35 -31.02
N ASN C 246 11.70 -24.82 -32.05
CA ASN C 246 11.89 -25.21 -33.45
C ASN C 246 13.37 -25.23 -33.86
N ILE C 247 13.84 -26.43 -34.23
CA ILE C 247 15.25 -26.77 -34.12
C ILE C 247 16.08 -26.21 -35.28
N THR C 248 15.46 -25.90 -36.42
CA THR C 248 16.19 -25.45 -37.59
C THR C 248 16.78 -24.05 -37.45
N ASN C 249 16.43 -23.31 -36.40
CA ASN C 249 17.20 -22.13 -36.03
C ASN C 249 18.60 -22.54 -35.58
N ASN C 250 19.61 -21.83 -36.10
CA ASN C 250 20.97 -21.97 -35.63
C ASN C 250 21.42 -20.79 -34.79
N ALA C 251 20.52 -19.83 -34.54
CA ALA C 251 20.81 -18.70 -33.69
C ALA C 251 20.15 -18.81 -32.31
N LYS C 252 19.63 -19.99 -31.96
CA LYS C 252 18.97 -20.20 -30.69
C LYS C 252 19.66 -21.32 -29.93
N ASN C 253 19.70 -21.17 -28.61
CA ASN C 253 20.51 -22.01 -27.75
C ASN C 253 19.78 -23.31 -27.41
N ILE C 254 20.49 -24.43 -27.55
CA ILE C 254 19.95 -25.75 -27.22
C ILE C 254 20.20 -26.00 -25.74
N LEU C 255 19.14 -26.12 -24.95
CA LEU C 255 19.26 -26.37 -23.52
C LEU C 255 19.27 -27.86 -23.26
N VAL C 256 20.35 -28.34 -22.63
CA VAL C 256 20.54 -29.74 -22.32
C VAL C 256 20.70 -29.87 -20.81
N GLN C 257 19.87 -30.71 -20.19
CA GLN C 257 19.92 -30.94 -18.75
C GLN C 257 20.37 -32.37 -18.49
N PHE C 258 21.36 -32.52 -17.60
CA PHE C 258 21.93 -33.82 -17.33
C PHE C 258 21.00 -34.67 -16.46
N ASN C 259 21.29 -35.98 -16.45
CA ASN C 259 20.64 -36.92 -15.54
C ASN C 259 21.53 -37.38 -14.41
N THR C 260 22.83 -37.16 -14.49
CA THR C 260 23.80 -37.52 -13.47
C THR C 260 24.64 -36.30 -13.11
N PRO C 261 25.12 -36.21 -11.88
CA PRO C 261 25.97 -35.06 -11.51
C PRO C 261 27.43 -35.31 -11.87
N VAL C 262 28.00 -34.40 -12.65
CA VAL C 262 29.42 -34.46 -13.00
C VAL C 262 30.16 -33.53 -12.05
N GLN C 263 30.99 -34.11 -11.19
CA GLN C 263 31.70 -33.34 -10.18
C GLN C 263 32.86 -32.58 -10.81
N ILE C 264 32.99 -31.30 -10.42
CA ILE C 264 34.05 -30.43 -10.91
C ILE C 264 34.85 -29.92 -9.72
N ASN C 265 36.17 -29.98 -9.84
CA ASN C 265 37.09 -29.59 -8.78
C ASN C 265 37.89 -28.37 -9.24
N CYS C 266 37.59 -27.22 -8.65
CA CYS C 266 38.28 -25.98 -8.99
C CYS C 266 38.96 -25.42 -7.74
N THR C 267 40.25 -25.09 -7.87
CA THR C 267 41.02 -24.56 -6.75
C THR C 267 41.90 -23.40 -7.22
N ARG C 268 42.27 -22.55 -6.27
CA ARG C 268 43.25 -21.50 -6.47
C ARG C 268 44.42 -21.74 -5.52
N PRO C 269 45.59 -22.13 -6.01
CA PRO C 269 46.65 -22.62 -5.11
C PRO C 269 47.56 -21.54 -4.55
N ASN C 270 47.14 -20.28 -4.62
CA ASN C 270 47.95 -19.16 -4.15
C ASN C 270 47.47 -18.74 -2.76
N ASN C 271 48.42 -18.57 -1.83
CA ASN C 271 48.12 -18.09 -0.48
C ASN C 271 48.12 -16.57 -0.52
N ASN C 272 46.94 -15.99 -0.72
CA ASN C 272 46.80 -14.54 -0.83
C ASN C 272 46.60 -13.91 0.53
N THR C 273 47.19 -12.74 0.72
CA THR C 273 46.98 -11.93 1.90
C THR C 273 46.26 -10.64 1.50
N ARG C 274 45.78 -9.91 2.51
CA ARG C 274 44.95 -8.73 2.29
C ARG C 274 45.60 -7.53 2.98
N LYS C 275 45.89 -6.49 2.21
CA LYS C 275 46.43 -5.25 2.75
C LYS C 275 45.31 -4.20 2.82
N SER C 276 44.94 -3.82 4.03
CA SER C 276 43.89 -2.83 4.24
C SER C 276 44.49 -1.44 4.32
N ILE C 277 44.35 -0.67 3.25
CA ILE C 277 44.85 0.70 3.18
C ILE C 277 43.68 1.62 2.89
N ARG C 278 43.50 2.64 3.72
CA ARG C 278 42.31 3.48 3.68
C ARG C 278 42.46 4.58 2.63
N ILE C 279 41.37 4.81 1.88
CA ILE C 279 41.34 5.84 0.85
C ILE C 279 40.86 7.19 1.36
N GLY C 280 40.11 7.23 2.46
CA GLY C 280 39.56 8.45 2.97
C GLY C 280 39.01 8.28 4.37
N PRO C 281 38.16 9.22 4.81
CA PRO C 281 37.63 9.15 6.17
C PRO C 281 36.62 8.03 6.34
N GLY C 282 37.01 6.98 7.06
CA GLY C 282 36.15 5.84 7.25
C GLY C 282 35.95 4.98 6.03
N GLN C 283 36.76 5.17 4.99
CA GLN C 283 36.62 4.48 3.72
C GLN C 283 37.85 3.58 3.52
N ALA C 284 37.62 2.28 3.49
CA ALA C 284 38.70 1.32 3.34
C ALA C 284 38.77 0.78 1.92
N PHE C 285 39.97 0.31 1.55
CA PHE C 285 40.19 -0.28 0.24
C PHE C 285 41.20 -1.41 0.41
N TYR C 286 40.74 -2.65 0.25
CA TYR C 286 41.55 -3.83 0.51
C TYR C 286 42.28 -4.22 -0.76
N ALA C 287 43.54 -3.80 -0.86
CA ALA C 287 44.37 -4.16 -1.99
C ALA C 287 44.99 -5.54 -1.78
N THR C 288 45.70 -6.01 -2.80
CA THR C 288 46.34 -7.32 -2.74
C THR C 288 47.76 -7.18 -2.23
N GLY C 289 48.09 -7.95 -1.20
CA GLY C 289 49.45 -7.97 -0.67
C GLY C 289 50.37 -8.84 -1.49
N ASP C 290 51.61 -8.94 -1.02
CA ASP C 290 52.59 -9.80 -1.69
C ASP C 290 52.24 -11.26 -1.50
N ILE C 291 52.59 -12.07 -2.51
CA ILE C 291 52.22 -13.48 -2.54
C ILE C 291 53.33 -14.29 -1.89
N ILE C 292 52.96 -15.07 -0.87
CA ILE C 292 53.89 -15.96 -0.19
C ILE C 292 53.83 -17.33 -0.85
N GLY C 293 54.99 -17.94 -1.05
CA GLY C 293 55.06 -19.23 -1.70
C GLY C 293 55.36 -19.12 -3.18
N ASP C 294 54.77 -19.99 -3.98
CA ASP C 294 54.99 -20.03 -5.41
C ASP C 294 53.79 -19.45 -6.16
N ILE C 295 54.04 -19.03 -7.40
CA ILE C 295 52.99 -18.53 -8.28
C ILE C 295 52.57 -19.67 -9.18
N ARG C 296 51.27 -20.00 -9.16
CA ARG C 296 50.76 -21.17 -9.87
C ARG C 296 49.43 -20.80 -10.52
N GLN C 297 49.02 -21.60 -11.48
CA GLN C 297 47.79 -21.36 -12.25
C GLN C 297 46.59 -21.95 -11.53
N ALA C 298 45.49 -21.19 -11.52
CA ALA C 298 44.21 -21.71 -11.09
C ALA C 298 43.64 -22.59 -12.19
N HIS C 299 43.14 -23.78 -11.81
CA HIS C 299 42.66 -24.75 -12.77
C HIS C 299 41.42 -25.45 -12.23
N CYS C 300 40.66 -26.04 -13.14
CA CYS C 300 39.47 -26.81 -12.81
C CYS C 300 39.66 -28.24 -13.27
N ASN C 301 39.35 -29.20 -12.39
CA ASN C 301 39.53 -30.62 -12.67
C ASN C 301 38.18 -31.31 -12.76
N VAL C 302 37.99 -32.09 -13.82
CA VAL C 302 36.82 -32.94 -14.00
C VAL C 302 37.27 -34.34 -14.37
N SER C 303 36.41 -35.31 -14.09
CA SER C 303 36.72 -36.71 -14.37
C SER C 303 36.57 -36.98 -15.86
N LYS C 304 37.61 -37.54 -16.47
CA LYS C 304 37.56 -37.87 -17.89
C LYS C 304 36.60 -39.03 -18.16
N ALA C 305 36.57 -40.02 -17.26
CA ALA C 305 35.71 -41.18 -17.45
C ALA C 305 34.24 -40.82 -17.27
N THR C 306 33.94 -39.93 -16.31
CA THR C 306 32.55 -39.54 -16.08
C THR C 306 32.05 -38.63 -17.20
N TRP C 307 32.89 -37.70 -17.67
CA TRP C 307 32.46 -36.77 -18.71
C TRP C 307 32.30 -37.47 -20.05
N ASN C 308 33.12 -38.49 -20.33
CA ASN C 308 32.93 -39.26 -21.56
C ASN C 308 31.66 -40.09 -21.51
N GLU C 309 31.28 -40.57 -20.32
CA GLU C 309 30.02 -41.28 -20.17
C GLU C 309 28.82 -40.33 -20.35
N THR C 310 28.94 -39.11 -19.82
CA THR C 310 27.84 -38.14 -19.93
C THR C 310 27.67 -37.66 -21.36
N LEU C 311 28.78 -37.46 -22.09
CA LEU C 311 28.68 -37.08 -23.49
C LEU C 311 28.12 -38.21 -24.35
N GLY C 312 28.31 -39.46 -23.93
CA GLY C 312 27.70 -40.58 -24.63
C GLY C 312 26.18 -40.58 -24.51
N LYS C 313 25.67 -40.16 -23.35
CA LYS C 313 24.22 -40.13 -23.17
C LYS C 313 23.59 -38.96 -23.90
N VAL C 314 24.32 -37.87 -24.09
CA VAL C 314 23.78 -36.70 -24.79
C VAL C 314 23.61 -36.98 -26.27
N VAL C 315 24.62 -37.60 -26.90
CA VAL C 315 24.59 -37.80 -28.35
C VAL C 315 23.57 -38.84 -28.76
N LYS C 316 23.19 -39.76 -27.87
CA LYS C 316 22.09 -40.66 -28.17
C LYS C 316 20.76 -39.92 -28.19
N GLN C 317 20.56 -38.99 -27.25
CA GLN C 317 19.37 -38.17 -27.25
C GLN C 317 19.42 -37.07 -28.30
N LEU C 318 20.63 -36.62 -28.67
CA LEU C 318 20.75 -35.64 -29.75
C LEU C 318 20.39 -36.26 -31.08
N ARG C 319 20.78 -37.51 -31.31
CA ARG C 319 20.47 -38.20 -32.56
C ARG C 319 19.01 -38.65 -32.64
N LYS C 320 18.25 -38.53 -31.54
CA LYS C 320 16.81 -38.75 -31.62
C LYS C 320 16.14 -37.64 -32.43
N HIS C 321 16.62 -36.41 -32.28
CA HIS C 321 16.07 -35.26 -32.99
C HIS C 321 16.65 -35.08 -34.38
N PHE C 322 17.65 -35.88 -34.75
CA PHE C 322 18.31 -35.76 -36.05
C PHE C 322 18.46 -37.13 -36.69
N GLY C 323 19.27 -37.21 -37.75
CA GLY C 323 19.52 -38.49 -38.39
C GLY C 323 20.36 -39.41 -37.53
N ASN C 324 20.29 -40.70 -37.86
CA ASN C 324 21.07 -41.70 -37.12
C ASN C 324 22.48 -41.82 -37.66
N ASN C 325 22.69 -41.53 -38.94
CA ASN C 325 23.99 -41.66 -39.57
C ASN C 325 24.75 -40.34 -39.64
N THR C 326 24.24 -39.29 -39.01
CA THR C 326 24.91 -38.00 -39.04
C THR C 326 26.15 -38.02 -38.13
N ILE C 327 27.00 -37.02 -38.32
CA ILE C 327 28.23 -36.87 -37.56
C ILE C 327 28.08 -35.62 -36.71
N ILE C 328 27.98 -35.80 -35.40
CA ILE C 328 27.89 -34.68 -34.46
C ILE C 328 29.29 -34.40 -33.93
N ARG C 329 29.75 -33.16 -34.11
CA ARG C 329 31.09 -32.75 -33.74
C ARG C 329 31.02 -31.68 -32.67
N PHE C 330 31.87 -31.80 -31.65
CA PHE C 330 31.97 -30.80 -30.60
C PHE C 330 33.18 -29.90 -30.86
N ALA C 331 33.06 -28.65 -30.43
CA ALA C 331 34.12 -27.68 -30.59
C ALA C 331 34.00 -26.64 -29.49
N ASN C 332 34.98 -25.76 -29.41
CA ASN C 332 35.01 -24.72 -28.38
C ASN C 332 34.13 -23.55 -28.81
N SER C 333 34.24 -22.43 -28.09
CA SER C 333 33.43 -21.25 -28.41
C SER C 333 33.92 -20.57 -29.67
N SER C 334 33.12 -19.64 -30.19
CA SER C 334 33.39 -18.96 -31.44
C SER C 334 34.18 -17.68 -31.26
N GLY C 335 34.77 -17.46 -30.09
CA GLY C 335 35.58 -16.28 -29.86
C GLY C 335 34.77 -15.07 -29.46
N GLY C 336 35.50 -14.00 -29.14
CA GLY C 336 34.93 -12.74 -28.71
C GLY C 336 35.59 -12.28 -27.43
N ASP C 337 34.89 -11.41 -26.71
CA ASP C 337 35.38 -10.93 -25.43
C ASP C 337 35.29 -12.02 -24.37
N LEU C 338 36.13 -11.89 -23.34
CA LEU C 338 36.22 -12.93 -22.30
C LEU C 338 34.98 -13.00 -21.43
N GLU C 339 34.13 -11.98 -21.45
CA GLU C 339 32.90 -12.01 -20.66
C GLU C 339 31.93 -13.07 -21.19
N VAL C 340 31.83 -13.21 -22.51
CA VAL C 340 30.86 -14.09 -23.12
C VAL C 340 31.49 -15.37 -23.70
N THR C 341 32.78 -15.37 -24.01
CA THR C 341 33.39 -16.53 -24.66
C THR C 341 33.59 -17.69 -23.69
N THR C 342 34.08 -17.40 -22.49
CA THR C 342 34.54 -18.42 -21.56
C THR C 342 33.53 -18.61 -20.43
N HIS C 343 33.86 -19.54 -19.54
CA HIS C 343 33.01 -19.93 -18.42
C HIS C 343 33.14 -18.93 -17.27
N SER C 344 32.16 -18.95 -16.37
CA SER C 344 32.17 -18.06 -15.22
C SER C 344 31.42 -18.71 -14.07
N PHE C 345 31.99 -18.60 -12.87
CA PHE C 345 31.32 -19.00 -11.64
C PHE C 345 31.88 -18.18 -10.49
N ASN C 346 31.16 -18.19 -9.36
CA ASN C 346 31.42 -17.29 -8.25
C ASN C 346 31.47 -18.03 -6.92
N CYS C 347 32.24 -19.11 -6.87
CA CYS C 347 32.44 -19.84 -5.62
C CYS C 347 33.73 -19.37 -4.97
N GLY C 348 33.66 -19.10 -3.66
CA GLY C 348 34.78 -18.57 -2.93
C GLY C 348 34.86 -17.06 -2.88
N GLY C 349 34.00 -16.36 -3.63
CA GLY C 349 34.01 -14.92 -3.66
C GLY C 349 34.92 -14.29 -4.70
N GLU C 350 35.73 -15.09 -5.39
CA GLU C 350 36.64 -14.59 -6.42
C GLU C 350 36.19 -15.11 -7.79
N PHE C 351 36.19 -14.22 -8.77
CA PHE C 351 35.71 -14.57 -10.10
C PHE C 351 36.69 -15.48 -10.82
N PHE C 352 36.15 -16.44 -11.57
CA PHE C 352 36.94 -17.38 -12.35
C PHE C 352 36.46 -17.37 -13.79
N TYR C 353 37.39 -17.18 -14.72
CA TYR C 353 37.11 -17.26 -16.15
C TYR C 353 37.95 -18.40 -16.72
N CYS C 354 37.27 -19.46 -17.15
CA CYS C 354 37.91 -20.74 -17.43
C CYS C 354 37.88 -21.04 -18.92
N ASN C 355 39.02 -21.48 -19.44
CA ASN C 355 39.14 -21.90 -20.84
C ASN C 355 38.61 -23.32 -20.95
N THR C 356 37.44 -23.48 -21.57
CA THR C 356 36.75 -24.77 -21.64
C THR C 356 36.96 -25.47 -22.98
N SER C 357 38.15 -25.33 -23.57
CA SER C 357 38.44 -26.01 -24.82
C SER C 357 38.90 -27.45 -24.63
N GLY C 358 39.05 -27.91 -23.39
CA GLY C 358 39.43 -29.28 -23.13
C GLY C 358 38.24 -30.20 -22.89
N LEU C 359 37.07 -29.60 -22.67
CA LEU C 359 35.84 -30.35 -22.44
C LEU C 359 34.95 -30.42 -23.68
N PHE C 360 35.42 -29.91 -24.82
CA PHE C 360 34.63 -29.97 -26.04
C PHE C 360 35.47 -30.35 -27.26
N ASN C 361 36.59 -31.04 -27.05
CA ASN C 361 37.45 -31.49 -28.14
C ASN C 361 37.16 -32.97 -28.38
N SER C 362 36.11 -33.23 -29.16
CA SER C 362 35.69 -34.59 -29.47
C SER C 362 34.79 -34.56 -30.70
N THR C 363 34.92 -35.60 -31.53
CA THR C 363 34.00 -35.85 -32.62
C THR C 363 33.35 -37.21 -32.41
N TRP C 364 32.12 -37.36 -32.91
CA TRP C 364 31.32 -38.54 -32.64
C TRP C 364 30.77 -39.12 -33.92
N ILE C 365 30.96 -40.43 -34.11
CA ILE C 365 30.39 -41.18 -35.21
C ILE C 365 29.50 -42.26 -34.65
N SER C 366 28.72 -42.89 -35.54
CA SER C 366 27.81 -43.95 -35.12
C SER C 366 28.60 -45.22 -34.80
N ASN C 367 27.98 -46.06 -33.96
CA ASN C 367 28.52 -47.33 -33.48
C ASN C 367 29.90 -47.19 -32.82
N ASN C 379 44.49 -39.62 -16.34
CA ASN C 379 43.21 -40.04 -16.89
C ASN C 379 42.07 -39.72 -15.92
N ASP C 380 42.42 -39.28 -14.71
CA ASP C 380 41.46 -38.97 -13.68
C ASP C 380 41.19 -37.47 -13.55
N SER C 381 41.75 -36.66 -14.44
CA SER C 381 41.58 -35.22 -14.36
C SER C 381 41.78 -34.60 -15.74
N ILE C 382 40.96 -33.60 -16.05
CA ILE C 382 41.12 -32.78 -17.25
C ILE C 382 41.43 -31.37 -16.77
N THR C 383 42.66 -30.92 -17.02
CA THR C 383 43.12 -29.63 -16.51
C THR C 383 42.66 -28.52 -17.44
N LEU C 384 41.66 -27.75 -17.01
CA LEU C 384 41.20 -26.60 -17.76
C LEU C 384 41.90 -25.35 -17.25
N PRO C 385 42.71 -24.67 -18.08
CA PRO C 385 43.31 -23.40 -17.63
C PRO C 385 42.23 -22.36 -17.37
N CYS C 386 42.42 -21.58 -16.30
CA CYS C 386 41.40 -20.64 -15.84
C CYS C 386 42.07 -19.32 -15.48
N ARG C 387 41.56 -18.23 -16.04
CA ARG C 387 42.04 -16.91 -15.72
C ARG C 387 41.21 -16.31 -14.58
N ILE C 388 41.85 -15.46 -13.79
CA ILE C 388 41.18 -14.77 -12.68
C ILE C 388 41.17 -13.28 -13.00
N LYS C 389 39.97 -12.72 -13.12
CA LYS C 389 39.78 -11.30 -13.37
C LYS C 389 39.12 -10.68 -12.15
N GLN C 390 39.74 -9.63 -11.61
CA GLN C 390 39.19 -9.00 -10.41
C GLN C 390 38.06 -8.04 -10.76
N ILE C 391 38.34 -7.04 -11.57
CA ILE C 391 37.31 -6.07 -11.95
C ILE C 391 36.44 -6.67 -13.04
N ILE C 392 35.13 -6.68 -12.81
CA ILE C 392 34.18 -7.41 -13.64
C ILE C 392 33.05 -6.47 -14.05
N ASN C 393 32.69 -6.49 -15.32
CA ASN C 393 31.38 -6.03 -15.77
C ASN C 393 30.46 -7.24 -15.71
N MET C 394 29.59 -7.27 -14.71
CA MET C 394 28.91 -8.51 -14.33
C MET C 394 27.88 -8.93 -15.38
N TRP C 395 26.87 -8.11 -15.59
CA TRP C 395 25.82 -8.42 -16.55
C TRP C 395 26.09 -7.68 -17.87
N GLN C 396 25.12 -7.74 -18.79
CA GLN C 396 25.25 -7.07 -20.07
C GLN C 396 25.21 -5.55 -19.96
N ARG C 397 24.75 -5.02 -18.83
CA ARG C 397 24.84 -3.60 -18.56
C ARG C 397 26.31 -3.20 -18.41
N ILE C 398 26.70 -2.14 -19.12
CA ILE C 398 28.12 -1.81 -19.26
C ILE C 398 28.56 -0.73 -18.28
N GLY C 399 27.64 0.06 -17.75
CA GLY C 399 28.02 1.18 -16.91
C GLY C 399 28.05 0.87 -15.42
N GLN C 400 28.65 -0.24 -15.04
CA GLN C 400 28.74 -0.64 -13.63
C GLN C 400 30.11 -1.26 -13.39
N CYS C 401 30.25 -1.93 -12.24
CA CYS C 401 31.52 -2.52 -11.85
C CYS C 401 31.28 -3.73 -10.97
N MET C 402 32.36 -4.50 -10.80
CA MET C 402 32.47 -5.54 -9.77
C MET C 402 33.95 -5.66 -9.42
N TYR C 403 34.38 -4.89 -8.42
CA TYR C 403 35.75 -4.99 -7.93
C TYR C 403 35.77 -5.97 -6.78
N ALA C 404 36.01 -7.23 -7.10
CA ALA C 404 36.06 -8.26 -6.08
C ALA C 404 37.34 -8.12 -5.27
N PRO C 405 37.24 -7.92 -3.95
CA PRO C 405 38.46 -7.87 -3.13
C PRO C 405 39.10 -9.24 -3.05
N PRO C 406 40.42 -9.30 -2.84
CA PRO C 406 41.08 -10.60 -2.72
C PRO C 406 40.64 -11.35 -1.47
N ILE C 407 40.60 -12.67 -1.59
CA ILE C 407 40.16 -13.54 -0.51
C ILE C 407 41.40 -14.14 0.15
N GLN C 408 41.50 -13.96 1.47
CA GLN C 408 42.65 -14.47 2.20
C GLN C 408 42.59 -15.99 2.30
N GLY C 409 43.69 -16.65 1.94
CA GLY C 409 43.75 -18.09 1.94
C GLY C 409 43.39 -18.69 0.59
N VAL C 410 43.61 -20.00 0.49
CA VAL C 410 43.31 -20.70 -0.76
C VAL C 410 41.80 -20.89 -0.90
N ILE C 411 41.38 -21.18 -2.14
CA ILE C 411 39.97 -21.35 -2.48
C ILE C 411 39.73 -22.80 -2.82
N ARG C 412 38.76 -23.41 -2.16
CA ARG C 412 38.32 -24.78 -2.44
C ARG C 412 36.90 -24.72 -2.97
N CYS C 413 36.66 -25.39 -4.10
CA CYS C 413 35.37 -25.35 -4.75
C CYS C 413 35.01 -26.72 -5.30
N VAL C 414 33.88 -27.26 -4.85
CA VAL C 414 33.33 -28.52 -5.34
C VAL C 414 31.89 -28.28 -5.77
N SER C 415 31.55 -28.63 -7.00
CA SER C 415 30.22 -28.38 -7.54
C SER C 415 29.85 -29.52 -8.49
N ASN C 416 28.60 -29.50 -8.94
CA ASN C 416 28.09 -30.45 -9.92
C ASN C 416 27.75 -29.74 -11.22
N ILE C 417 28.17 -30.31 -12.34
CA ILE C 417 27.71 -29.86 -13.64
C ILE C 417 26.37 -30.53 -13.93
N THR C 418 25.33 -29.71 -14.10
CA THR C 418 23.97 -30.22 -14.27
C THR C 418 23.32 -29.76 -15.57
N GLY C 419 24.01 -29.01 -16.41
CA GLY C 419 23.41 -28.51 -17.62
C GLY C 419 24.43 -27.95 -18.59
N LEU C 420 24.00 -27.82 -19.85
CA LEU C 420 24.80 -27.24 -20.91
C LEU C 420 23.95 -26.27 -21.72
N ILE C 421 24.61 -25.30 -22.33
CA ILE C 421 23.98 -24.40 -23.29
C ILE C 421 24.78 -24.52 -24.59
N LEU C 422 24.12 -25.01 -25.63
CA LEU C 422 24.77 -25.31 -26.90
C LEU C 422 24.13 -24.50 -28.02
N THR C 423 24.96 -23.90 -28.86
CA THR C 423 24.49 -23.17 -30.04
C THR C 423 24.97 -23.90 -31.28
N ARG C 424 24.01 -24.33 -32.11
CA ARG C 424 24.36 -25.05 -33.33
C ARG C 424 24.91 -24.10 -34.38
N ASP C 425 26.04 -24.46 -34.97
CA ASP C 425 26.67 -23.62 -35.97
C ASP C 425 25.99 -23.79 -37.31
N GLY C 426 25.97 -22.72 -38.09
CA GLY C 426 25.36 -22.73 -39.41
C GLY C 426 26.30 -23.25 -40.48
N GLY C 427 25.86 -23.10 -41.73
CA GLY C 427 26.64 -23.55 -42.86
C GLY C 427 26.56 -25.03 -43.16
N SER C 428 25.55 -25.72 -42.65
CA SER C 428 25.39 -27.14 -42.90
C SER C 428 24.91 -27.37 -44.32
N THR C 429 25.55 -28.32 -45.01
CA THR C 429 25.20 -28.66 -46.38
C THR C 429 24.46 -29.98 -46.41
N ASN C 430 23.31 -29.99 -47.09
CA ASN C 430 22.43 -31.16 -47.27
C ASN C 430 21.94 -31.76 -45.95
N SER C 431 21.87 -30.93 -44.91
CA SER C 431 21.34 -31.29 -43.59
C SER C 431 22.05 -32.51 -42.99
N THR C 432 23.39 -32.48 -43.06
CA THR C 432 24.19 -33.57 -42.50
C THR C 432 25.53 -33.03 -42.03
N THR C 433 26.15 -33.76 -41.12
CA THR C 433 27.46 -33.46 -40.52
C THR C 433 27.49 -32.06 -39.92
N GLU C 434 26.63 -31.84 -38.94
CA GLU C 434 26.57 -30.57 -38.23
C GLU C 434 27.38 -30.62 -36.94
N THR C 435 27.80 -29.45 -36.48
CA THR C 435 28.62 -29.32 -35.29
C THR C 435 27.89 -28.52 -34.22
N PHE C 436 28.24 -28.78 -32.97
CA PHE C 436 27.62 -28.13 -31.81
C PHE C 436 28.67 -27.36 -31.04
N ARG C 437 28.35 -26.11 -30.68
CA ARG C 437 29.26 -25.23 -29.98
C ARG C 437 28.57 -24.63 -28.77
N PRO C 438 29.31 -24.35 -27.70
CA PRO C 438 28.72 -23.71 -26.52
C PRO C 438 28.52 -22.22 -26.76
N GLY C 439 28.00 -21.55 -25.73
CA GLY C 439 27.69 -20.14 -25.83
C GLY C 439 26.91 -19.64 -24.63
N GLY C 440 25.82 -18.93 -24.89
CA GLY C 440 25.01 -18.39 -23.81
C GLY C 440 25.16 -16.90 -23.65
N GLY C 441 25.73 -16.48 -22.54
CA GLY C 441 25.93 -15.06 -22.26
C GLY C 441 24.73 -14.37 -21.65
N ASP C 442 23.57 -14.46 -22.31
CA ASP C 442 22.34 -13.94 -21.75
C ASP C 442 21.92 -14.80 -20.55
N MET C 443 21.51 -14.13 -19.48
CA MET C 443 21.18 -14.81 -18.23
C MET C 443 19.75 -15.32 -18.18
N ARG C 444 18.98 -15.15 -19.27
CA ARG C 444 17.64 -15.73 -19.32
C ARG C 444 17.69 -17.25 -19.27
N ASP C 445 18.62 -17.85 -20.03
CA ASP C 445 18.65 -19.29 -20.18
C ASP C 445 19.22 -20.01 -18.97
N ASN C 446 19.86 -19.29 -18.06
CA ASN C 446 20.43 -19.93 -16.87
C ASN C 446 19.34 -20.36 -15.89
N TRP C 447 18.18 -19.69 -15.92
CA TRP C 447 17.06 -20.04 -15.07
C TRP C 447 15.88 -20.62 -15.85
N ARG C 448 15.98 -20.71 -17.17
CA ARG C 448 14.93 -21.37 -17.94
C ARG C 448 14.95 -22.88 -17.70
N SER C 449 16.09 -23.43 -17.29
CA SER C 449 16.18 -24.82 -16.90
C SER C 449 15.74 -25.07 -15.47
N GLU C 450 15.44 -24.02 -14.70
CA GLU C 450 14.94 -24.16 -13.35
C GLU C 450 13.52 -23.65 -13.16
N LEU C 451 12.94 -23.00 -14.17
CA LEU C 451 11.55 -22.56 -14.16
C LEU C 451 10.81 -23.10 -15.38
N TYR C 452 11.27 -24.24 -15.91
CA TYR C 452 10.66 -24.79 -17.11
C TYR C 452 9.28 -25.39 -16.85
N LYS C 453 9.07 -25.96 -15.66
CA LYS C 453 7.84 -26.67 -15.36
C LYS C 453 6.78 -25.79 -14.71
N TYR C 454 7.08 -24.53 -14.42
CA TYR C 454 6.19 -23.68 -13.65
C TYR C 454 5.47 -22.67 -14.54
N LYS C 455 4.21 -22.43 -14.21
CA LYS C 455 3.42 -21.35 -14.80
C LYS C 455 2.46 -20.83 -13.75
N VAL C 456 1.98 -19.61 -13.95
CA VAL C 456 1.06 -18.97 -13.02
C VAL C 456 -0.23 -18.66 -13.76
N VAL C 457 -1.37 -18.93 -13.10
CA VAL C 457 -2.68 -18.74 -13.70
C VAL C 457 -3.51 -17.83 -12.79
N LYS C 458 -4.53 -17.22 -13.38
CA LYS C 458 -5.42 -16.30 -12.69
C LYS C 458 -6.78 -16.98 -12.51
N ILE C 459 -7.30 -16.90 -11.29
CA ILE C 459 -8.51 -17.64 -10.90
C ILE C 459 -9.69 -16.69 -10.88
N GLU C 460 -10.74 -17.02 -11.65
CA GLU C 460 -12.01 -16.32 -11.57
C GLU C 460 -13.01 -17.21 -10.84
N PRO C 461 -13.52 -16.81 -9.68
CA PRO C 461 -14.47 -17.65 -8.94
C PRO C 461 -15.89 -17.60 -9.47
N LEU C 462 -16.18 -16.75 -10.45
CA LEU C 462 -17.53 -16.60 -10.98
C LEU C 462 -17.77 -17.58 -12.13
N GLY C 463 -19.02 -17.99 -12.28
CA GLY C 463 -19.40 -18.89 -13.35
C GLY C 463 -20.90 -19.08 -13.37
N VAL C 464 -21.37 -19.72 -14.45
CA VAL C 464 -22.78 -19.98 -14.65
C VAL C 464 -22.97 -21.46 -14.97
N ALA C 465 -24.20 -21.94 -14.80
CA ALA C 465 -24.53 -23.34 -15.03
C ALA C 465 -26.02 -23.46 -15.29
N PRO C 466 -26.44 -24.38 -16.17
CA PRO C 466 -27.87 -24.59 -16.39
C PRO C 466 -28.50 -25.63 -15.47
N THR C 467 -29.59 -25.26 -14.80
CA THR C 467 -30.53 -26.20 -14.19
C THR C 467 -31.88 -25.49 -14.08
N ARG C 468 -32.83 -26.10 -13.36
CA ARG C 468 -34.20 -25.59 -13.29
C ARG C 468 -34.36 -24.72 -12.05
N CYS C 469 -34.81 -23.48 -12.24
CA CYS C 469 -34.99 -22.52 -11.16
C CYS C 469 -36.11 -21.53 -11.44
N LYS C 470 -36.85 -21.19 -10.39
CA LYS C 470 -37.68 -20.00 -10.33
C LYS C 470 -37.44 -19.33 -8.99
N ARG C 471 -37.15 -18.03 -9.00
CA ARG C 471 -36.93 -17.29 -7.76
C ARG C 471 -38.22 -17.21 -6.95
N ARG C 472 -38.09 -17.34 -5.64
CA ARG C 472 -39.25 -17.32 -4.75
C ARG C 472 -39.78 -15.91 -4.60
N VAL C 473 -40.76 -15.55 -5.44
CA VAL C 473 -41.31 -14.20 -5.41
C VAL C 473 -42.26 -14.05 -4.22
N ALA D 1 -13.11 -45.35 4.24
CA ALA D 1 -13.63 -43.99 4.10
C ALA D 1 -12.94 -43.04 5.06
N VAL D 2 -12.30 -43.60 6.09
CA VAL D 2 -11.60 -42.80 7.09
C VAL D 2 -10.13 -43.19 7.09
N GLY D 3 -9.34 -42.52 7.93
CA GLY D 3 -7.91 -42.79 8.00
C GLY D 3 -7.19 -42.31 6.76
N ILE D 4 -6.52 -43.24 6.06
CA ILE D 4 -5.89 -42.90 4.79
C ILE D 4 -6.92 -42.74 3.69
N GLY D 5 -8.12 -43.28 3.87
CA GLY D 5 -9.19 -43.12 2.89
C GLY D 5 -9.99 -41.85 3.02
N ALA D 6 -9.71 -41.04 4.04
CA ALA D 6 -10.39 -39.76 4.21
C ALA D 6 -9.93 -38.77 3.14
N VAL D 7 -10.87 -37.95 2.69
CA VAL D 7 -10.62 -36.98 1.63
C VAL D 7 -10.75 -35.58 2.22
N PHE D 8 -9.68 -34.79 2.09
CA PHE D 8 -9.68 -33.40 2.55
C PHE D 8 -9.69 -32.40 1.40
N LEU D 9 -9.55 -32.89 0.16
CA LEU D 9 -9.90 -32.20 -1.09
C LEU D 9 -8.95 -31.07 -1.46
N GLY D 10 -8.04 -30.69 -0.56
CA GLY D 10 -7.02 -29.67 -0.75
C GLY D 10 -7.57 -28.32 -1.21
N PHE D 11 -6.74 -27.63 -1.98
CA PHE D 11 -7.14 -26.41 -2.67
C PHE D 11 -7.05 -26.65 -4.17
N LEU D 12 -8.05 -26.16 -4.91
CA LEU D 12 -8.20 -26.37 -6.36
C LEU D 12 -8.29 -27.85 -6.73
N GLY D 13 -8.76 -28.68 -5.80
CA GLY D 13 -8.77 -30.11 -6.04
C GLY D 13 -9.90 -30.60 -6.92
N ALA D 14 -10.88 -29.75 -7.21
CA ALA D 14 -12.02 -30.12 -8.04
C ALA D 14 -11.86 -29.67 -9.49
N ALA D 15 -10.62 -29.46 -9.94
CA ALA D 15 -10.40 -29.04 -11.31
C ALA D 15 -10.70 -30.17 -12.30
N GLY D 16 -10.33 -31.39 -11.97
CA GLY D 16 -10.61 -32.53 -12.81
C GLY D 16 -11.89 -33.27 -12.51
N SER D 17 -12.50 -33.01 -11.36
CA SER D 17 -13.78 -33.62 -11.02
C SER D 17 -14.89 -33.01 -11.87
N THR D 18 -15.98 -33.77 -12.01
CA THR D 18 -17.09 -33.36 -12.85
C THR D 18 -17.84 -32.18 -12.24
N MET D 19 -18.70 -31.56 -13.05
CA MET D 19 -19.43 -30.38 -12.63
C MET D 19 -20.42 -30.70 -11.51
N GLY D 20 -21.05 -31.88 -11.57
CA GLY D 20 -21.93 -32.29 -10.49
C GLY D 20 -21.18 -32.58 -9.20
N ALA D 21 -19.99 -33.17 -9.31
CA ALA D 21 -19.21 -33.49 -8.12
C ALA D 21 -18.56 -32.24 -7.52
N ALA D 22 -18.40 -31.19 -8.31
CA ALA D 22 -17.81 -29.94 -7.85
C ALA D 22 -18.83 -28.97 -7.27
N SER D 23 -20.10 -29.36 -7.21
CA SER D 23 -21.14 -28.49 -6.66
C SER D 23 -21.09 -28.41 -5.14
N MET D 24 -20.33 -29.28 -4.48
CA MET D 24 -20.13 -29.21 -3.04
C MET D 24 -18.73 -28.74 -2.66
N THR D 25 -17.94 -28.27 -3.64
CA THR D 25 -16.57 -27.84 -3.42
C THR D 25 -16.42 -26.33 -3.47
N LEU D 26 -17.53 -25.59 -3.41
CA LEU D 26 -17.51 -24.15 -3.60
C LEU D 26 -16.90 -23.41 -2.42
N THR D 27 -16.91 -24.00 -1.22
CA THR D 27 -16.49 -23.29 -0.01
C THR D 27 -14.97 -23.10 0.02
N VAL D 28 -14.22 -24.14 -0.29
CA VAL D 28 -12.77 -24.10 -0.13
C VAL D 28 -12.10 -23.18 -1.14
N GLN D 29 -12.75 -22.92 -2.27
CA GLN D 29 -12.19 -22.01 -3.27
C GLN D 29 -12.22 -20.57 -2.81
N ALA D 30 -13.33 -20.12 -2.24
CA ALA D 30 -13.53 -18.71 -1.91
C ALA D 30 -12.68 -18.25 -0.73
N ARG D 31 -12.26 -19.16 0.15
CA ARG D 31 -11.50 -18.78 1.32
C ARG D 31 -10.05 -18.43 1.02
N ASN D 32 -9.57 -18.69 -0.20
CA ASN D 32 -8.20 -18.40 -0.58
C ASN D 32 -8.09 -17.16 -1.48
N LEU D 33 -9.09 -16.30 -1.48
CA LEU D 33 -9.07 -15.09 -2.30
C LEU D 33 -8.56 -13.86 -1.55
N LEU D 34 -8.28 -13.97 -0.26
CA LEU D 34 -7.81 -12.79 0.48
C LEU D 34 -6.54 -13.04 1.28
N SER D 35 -6.38 -14.22 1.87
CA SER D 35 -5.29 -14.45 2.81
C SER D 35 -4.04 -14.93 2.09
N GLY D 36 -2.95 -15.09 2.85
CA GLY D 36 -1.69 -15.57 2.30
C GLY D 36 -0.49 -14.75 2.73
N ILE D 37 -0.68 -13.45 2.90
CA ILE D 37 0.41 -12.54 3.28
C ILE D 37 0.05 -11.99 4.66
N VAL D 38 -0.57 -12.83 5.48
CA VAL D 38 -1.05 -12.40 6.80
C VAL D 38 0.09 -12.12 7.77
N GLN D 39 1.31 -12.57 7.48
CA GLN D 39 2.47 -12.33 8.33
C GLN D 39 3.52 -11.58 7.52
N GLN D 40 4.04 -10.49 8.10
CA GLN D 40 5.06 -9.69 7.44
C GLN D 40 6.46 -10.19 7.79
N LEU D 57 12.55 1.86 2.17
CA LEU D 57 12.62 0.59 1.47
C LEU D 57 11.67 0.57 0.27
N THR D 58 12.23 0.47 -0.93
CA THR D 58 11.46 0.46 -2.17
C THR D 58 11.21 -0.94 -2.69
N VAL D 59 12.24 -1.78 -2.74
CA VAL D 59 12.08 -3.15 -3.19
C VAL D 59 11.34 -3.95 -2.13
N TRP D 60 10.35 -4.74 -2.58
CA TRP D 60 9.49 -5.61 -1.77
C TRP D 60 8.61 -4.84 -0.79
N GLY D 61 8.59 -3.51 -0.89
CA GLY D 61 7.65 -2.71 -0.11
C GLY D 61 6.46 -2.31 -0.95
N ILE D 62 6.73 -1.77 -2.14
CA ILE D 62 5.65 -1.42 -3.05
C ILE D 62 5.14 -2.67 -3.77
N LYS D 63 5.99 -3.69 -3.90
CA LYS D 63 5.58 -4.93 -4.56
C LYS D 63 4.51 -5.69 -3.78
N GLN D 64 4.51 -5.57 -2.45
CA GLN D 64 3.40 -6.15 -1.68
C GLN D 64 2.17 -5.27 -1.74
N LEU D 65 2.34 -3.94 -1.66
CA LEU D 65 1.21 -3.03 -1.65
C LEU D 65 0.47 -3.03 -3.00
N GLN D 66 1.22 -3.11 -4.10
CA GLN D 66 0.59 -3.23 -5.41
C GLN D 66 -0.19 -4.54 -5.53
N ALA D 67 0.34 -5.62 -4.97
CA ALA D 67 -0.32 -6.92 -5.03
C ALA D 67 -1.46 -7.03 -4.02
N ARG D 68 -1.35 -6.37 -2.86
CA ARG D 68 -2.40 -6.48 -1.85
C ARG D 68 -3.67 -5.77 -2.28
N VAL D 69 -3.54 -4.57 -2.86
CA VAL D 69 -4.72 -3.83 -3.31
C VAL D 69 -5.35 -4.53 -4.51
N LEU D 70 -4.52 -5.08 -5.40
CA LEU D 70 -5.03 -5.79 -6.57
C LEU D 70 -5.80 -7.04 -6.17
N ALA D 71 -5.34 -7.75 -5.14
CA ALA D 71 -6.06 -8.94 -4.67
C ALA D 71 -7.35 -8.59 -3.95
N VAL D 72 -7.52 -7.34 -3.51
CA VAL D 72 -8.71 -6.94 -2.79
C VAL D 72 -9.77 -6.39 -3.74
N GLU D 73 -9.38 -5.48 -4.65
CA GLU D 73 -10.37 -4.83 -5.50
C GLU D 73 -10.91 -5.77 -6.58
N ARG D 74 -10.17 -6.81 -6.94
CA ARG D 74 -10.73 -7.83 -7.83
C ARG D 74 -11.76 -8.68 -7.11
N TYR D 75 -11.54 -8.95 -5.81
CA TYR D 75 -12.56 -9.63 -5.01
C TYR D 75 -13.78 -8.76 -4.83
N LEU D 76 -13.58 -7.47 -4.60
CA LEU D 76 -14.71 -6.54 -4.51
C LEU D 76 -15.40 -6.37 -5.86
N ARG D 77 -14.66 -6.50 -6.96
CA ARG D 77 -15.27 -6.43 -8.28
C ARG D 77 -16.20 -7.62 -8.51
N ASP D 78 -15.80 -8.81 -8.08
CA ASP D 78 -16.64 -9.99 -8.22
C ASP D 78 -17.72 -10.08 -7.15
N GLN D 79 -17.61 -9.30 -6.08
CA GLN D 79 -18.62 -9.31 -5.02
C GLN D 79 -19.67 -8.22 -5.24
N GLN D 80 -19.26 -7.05 -5.74
CA GLN D 80 -20.22 -6.02 -6.12
C GLN D 80 -21.10 -6.49 -7.27
N LEU D 81 -20.50 -7.16 -8.26
CA LEU D 81 -21.25 -7.70 -9.39
C LEU D 81 -22.24 -8.77 -8.95
N LEU D 82 -21.90 -9.53 -7.90
CA LEU D 82 -22.87 -10.46 -7.31
C LEU D 82 -24.03 -9.71 -6.68
N GLY D 83 -23.76 -8.57 -6.03
CA GLY D 83 -24.81 -7.83 -5.38
C GLY D 83 -25.74 -7.11 -6.33
N ILE D 84 -25.24 -6.76 -7.52
CA ILE D 84 -26.11 -6.17 -8.54
C ILE D 84 -27.11 -7.20 -9.05
N TRP D 85 -26.70 -8.46 -9.19
CA TRP D 85 -27.61 -9.51 -9.62
C TRP D 85 -28.57 -9.96 -8.54
N GLY D 86 -28.38 -9.50 -7.29
CA GLY D 86 -29.17 -9.99 -6.18
C GLY D 86 -28.64 -11.23 -5.51
N CYS D 87 -27.37 -11.59 -5.77
CA CYS D 87 -26.77 -12.81 -5.25
C CYS D 87 -25.78 -12.52 -4.14
N SER D 88 -25.96 -11.42 -3.41
CA SER D 88 -25.04 -11.07 -2.34
C SER D 88 -25.28 -11.97 -1.13
N GLY D 89 -24.20 -12.51 -0.57
CA GLY D 89 -24.31 -13.37 0.59
C GLY D 89 -24.66 -14.81 0.29
N LYS D 90 -24.68 -15.21 -0.98
CA LYS D 90 -24.99 -16.58 -1.36
C LYS D 90 -23.94 -17.10 -2.32
N LEU D 91 -23.70 -18.40 -2.26
CA LEU D 91 -22.74 -19.07 -3.12
C LEU D 91 -23.38 -19.70 -4.35
N ILE D 92 -24.50 -20.37 -4.19
CA ILE D 92 -25.21 -21.01 -5.30
C ILE D 92 -26.60 -20.39 -5.34
N CYS D 93 -26.78 -19.37 -6.17
CA CYS D 93 -28.07 -18.76 -6.42
C CYS D 93 -28.43 -18.89 -7.89
N CYS D 94 -29.69 -18.61 -8.21
CA CYS D 94 -30.17 -18.77 -9.58
C CYS D 94 -31.35 -17.85 -9.83
N THR D 95 -31.30 -17.16 -10.97
CA THR D 95 -32.21 -16.07 -11.30
C THR D 95 -33.27 -16.52 -12.31
N ASN D 96 -34.03 -15.56 -12.82
CA ASN D 96 -35.08 -15.81 -13.81
C ASN D 96 -34.69 -15.37 -15.22
N VAL D 97 -33.40 -15.30 -15.51
CA VAL D 97 -32.92 -14.95 -16.84
C VAL D 97 -33.00 -16.21 -17.70
N PRO D 98 -33.74 -16.20 -18.80
CA PRO D 98 -33.85 -17.41 -19.64
C PRO D 98 -32.66 -17.53 -20.58
N TRP D 99 -31.80 -18.50 -20.30
CA TRP D 99 -30.74 -18.84 -21.24
C TRP D 99 -31.34 -19.75 -22.33
N ASN D 100 -30.98 -19.47 -23.57
CA ASN D 100 -31.73 -19.96 -24.71
C ASN D 100 -30.97 -21.06 -25.47
N SER D 101 -31.61 -21.60 -26.50
CA SER D 101 -31.10 -22.78 -27.19
C SER D 101 -29.88 -22.48 -28.05
N SER D 102 -29.65 -21.22 -28.41
CA SER D 102 -28.51 -20.89 -29.26
C SER D 102 -27.19 -20.94 -28.50
N TRP D 103 -27.22 -20.72 -27.19
CA TRP D 103 -26.00 -20.64 -26.41
C TRP D 103 -25.35 -22.00 -26.22
N SER D 104 -26.15 -23.03 -25.92
CA SER D 104 -25.65 -24.39 -25.77
C SER D 104 -26.76 -25.36 -26.08
N ASN D 105 -26.59 -26.15 -27.14
CA ASN D 105 -27.61 -27.10 -27.57
C ASN D 105 -27.37 -28.48 -26.93
N ARG D 106 -27.41 -28.48 -25.60
CA ARG D 106 -27.21 -29.69 -24.82
C ARG D 106 -28.17 -29.69 -23.64
N ASN D 107 -28.59 -30.88 -23.23
CA ASN D 107 -29.46 -31.02 -22.09
C ASN D 107 -28.65 -30.97 -20.79
N LEU D 108 -29.36 -31.00 -19.66
CA LEU D 108 -28.71 -30.94 -18.36
C LEU D 108 -27.93 -32.22 -18.06
N SER D 109 -28.36 -33.34 -18.64
CA SER D 109 -27.64 -34.59 -18.42
C SER D 109 -26.33 -34.65 -19.20
N GLU D 110 -26.18 -33.85 -20.24
CA GLU D 110 -24.98 -33.83 -21.05
C GLU D 110 -23.98 -32.77 -20.60
N ILE D 111 -24.25 -32.07 -19.50
CA ILE D 111 -23.40 -30.99 -19.02
C ILE D 111 -22.84 -31.29 -17.63
N TRP D 112 -23.70 -31.76 -16.72
CA TRP D 112 -23.33 -31.84 -15.31
C TRP D 112 -22.39 -33.01 -15.02
N ASP D 113 -22.85 -34.24 -15.28
CA ASP D 113 -22.18 -35.43 -14.75
C ASP D 113 -21.35 -36.16 -15.81
N ASN D 114 -20.85 -35.46 -16.83
CA ASN D 114 -19.95 -36.10 -17.77
C ASN D 114 -18.79 -35.21 -18.21
N MET D 115 -18.66 -34.00 -17.68
CA MET D 115 -17.55 -33.12 -18.05
C MET D 115 -17.30 -32.15 -16.91
N THR D 116 -16.14 -31.52 -16.94
CA THR D 116 -15.67 -30.67 -15.84
C THR D 116 -15.79 -29.20 -16.19
N TRP D 117 -15.46 -28.35 -15.21
CA TRP D 117 -15.70 -26.92 -15.33
C TRP D 117 -14.66 -26.23 -16.20
N LEU D 118 -13.48 -26.83 -16.39
CA LEU D 118 -12.35 -26.09 -16.94
C LEU D 118 -12.54 -25.76 -18.41
N GLN D 119 -12.94 -26.74 -19.22
CA GLN D 119 -13.21 -26.48 -20.62
C GLN D 119 -14.66 -26.11 -20.88
N TRP D 120 -15.51 -26.09 -19.86
CA TRP D 120 -16.87 -25.58 -20.03
C TRP D 120 -16.86 -24.07 -20.22
N ASP D 121 -15.91 -23.37 -19.59
CA ASP D 121 -15.84 -21.93 -19.70
C ASP D 121 -15.34 -21.47 -21.08
N LYS D 122 -14.71 -22.37 -21.84
CA LYS D 122 -14.17 -21.97 -23.14
C LYS D 122 -15.26 -21.77 -24.18
N GLU D 123 -16.31 -22.61 -24.15
CA GLU D 123 -17.43 -22.41 -25.07
C GLU D 123 -18.29 -21.21 -24.68
N ILE D 124 -18.29 -20.83 -23.41
CA ILE D 124 -19.11 -19.74 -22.90
C ILE D 124 -18.33 -18.43 -22.85
N SER D 125 -17.01 -18.50 -23.11
CA SER D 125 -16.15 -17.31 -23.08
C SER D 125 -16.55 -16.26 -24.11
N ASN D 126 -17.15 -16.67 -25.23
CA ASN D 126 -17.73 -15.69 -26.14
C ASN D 126 -19.02 -15.11 -25.60
N TYR D 127 -19.82 -15.93 -24.91
CA TYR D 127 -21.13 -15.53 -24.42
C TYR D 127 -21.11 -15.10 -22.96
N THR D 128 -19.95 -14.72 -22.43
CA THR D 128 -19.90 -14.27 -21.03
C THR D 128 -20.54 -12.90 -20.88
N GLN D 129 -20.37 -12.02 -21.86
CA GLN D 129 -20.87 -10.65 -21.74
C GLN D 129 -22.39 -10.62 -21.87
N ILE D 130 -22.95 -11.40 -22.81
CA ILE D 130 -24.39 -11.44 -23.01
C ILE D 130 -25.10 -12.06 -21.80
N ILE D 131 -24.43 -12.98 -21.09
CA ILE D 131 -25.02 -13.53 -19.87
C ILE D 131 -25.00 -12.49 -18.75
N TYR D 132 -23.88 -11.78 -18.61
CA TYR D 132 -23.71 -10.85 -17.50
C TYR D 132 -24.63 -9.65 -17.60
N GLY D 133 -24.92 -9.18 -18.82
CA GLY D 133 -25.73 -8.00 -18.99
C GLY D 133 -27.21 -8.22 -18.71
N LEU D 134 -27.70 -9.43 -18.99
CA LEU D 134 -29.13 -9.70 -18.79
C LEU D 134 -29.47 -9.89 -17.33
N LEU D 135 -28.52 -10.35 -16.51
CA LEU D 135 -28.80 -10.58 -15.09
C LEU D 135 -28.97 -9.27 -14.34
N GLU D 136 -28.13 -8.27 -14.64
CA GLU D 136 -28.24 -6.99 -13.96
C GLU D 136 -29.45 -6.19 -14.43
N GLU D 137 -29.93 -6.44 -15.65
CA GLU D 137 -31.15 -5.80 -16.12
C GLU D 137 -32.40 -6.47 -15.54
N SER D 138 -32.34 -7.78 -15.32
CA SER D 138 -33.51 -8.50 -14.82
C SER D 138 -33.76 -8.24 -13.33
N GLN D 139 -32.70 -7.99 -12.56
CA GLN D 139 -32.88 -7.68 -11.14
C GLN D 139 -33.57 -6.33 -10.95
N ASN D 140 -33.16 -5.32 -11.73
CA ASN D 140 -33.81 -4.01 -11.66
C ASN D 140 -35.22 -4.05 -12.23
N GLN D 141 -35.55 -5.06 -13.04
CA GLN D 141 -36.92 -5.21 -13.51
C GLN D 141 -37.86 -5.61 -12.38
N GLN D 142 -37.42 -6.50 -11.50
CA GLN D 142 -38.27 -6.98 -10.41
C GLN D 142 -38.16 -6.13 -9.15
N GLU D 143 -37.29 -5.11 -9.13
CA GLU D 143 -37.31 -4.17 -8.02
C GLU D 143 -38.51 -3.23 -8.10
N LYS D 144 -38.83 -2.76 -9.31
CA LYS D 144 -40.02 -1.90 -9.47
C LYS D 144 -41.30 -2.72 -9.36
N ASN D 145 -41.27 -4.00 -9.76
CA ASN D 145 -42.42 -4.87 -9.57
C ASN D 145 -42.70 -5.12 -8.10
N GLU D 146 -41.66 -5.12 -7.27
CA GLU D 146 -41.86 -5.19 -5.82
C GLU D 146 -42.49 -3.91 -5.28
N GLN D 147 -42.20 -2.77 -5.91
CA GLN D 147 -42.73 -1.49 -5.43
C GLN D 147 -44.23 -1.38 -5.69
N ASP D 148 -44.71 -1.96 -6.80
CA ASP D 148 -46.11 -1.83 -7.16
C ASP D 148 -47.01 -2.64 -6.24
N LEU D 149 -46.61 -3.89 -5.94
CA LEU D 149 -47.44 -4.76 -5.11
C LEU D 149 -47.38 -4.36 -3.64
N LEU D 150 -46.26 -3.77 -3.19
CA LEU D 150 -46.14 -3.38 -1.79
C LEU D 150 -47.02 -2.17 -1.47
N ALA D 151 -47.15 -1.24 -2.40
CA ALA D 151 -47.97 -0.05 -2.18
C ALA D 151 -49.45 -0.40 -2.28
N GLU E 2 -35.64 -27.84 22.70
CA GLU E 2 -35.17 -27.84 24.07
C GLU E 2 -33.70 -27.46 24.15
N ASN E 3 -32.88 -28.12 23.33
CA ASN E 3 -31.46 -27.84 23.31
C ASN E 3 -31.17 -26.51 22.62
N LEU E 4 -30.04 -25.90 22.98
CA LEU E 4 -29.67 -24.62 22.43
C LEU E 4 -29.00 -24.78 21.06
N TRP E 5 -28.89 -23.68 20.34
CA TRP E 5 -28.36 -23.65 18.99
C TRP E 5 -27.43 -22.45 18.83
N VAL E 6 -26.44 -22.60 17.96
CA VAL E 6 -25.35 -21.63 17.88
C VAL E 6 -25.82 -20.35 17.21
N THR E 7 -25.37 -19.21 17.73
CA THR E 7 -25.71 -17.89 17.22
C THR E 7 -24.42 -17.13 16.96
N VAL E 8 -24.29 -16.58 15.76
CA VAL E 8 -23.10 -15.84 15.37
C VAL E 8 -23.30 -14.37 15.71
N TYR E 9 -22.42 -13.81 16.52
CA TYR E 9 -22.46 -12.41 16.90
C TYR E 9 -21.29 -11.67 16.26
N TYR E 10 -21.58 -10.54 15.63
CA TYR E 10 -20.57 -9.72 14.98
C TYR E 10 -20.56 -8.34 15.65
N GLY E 11 -19.37 -7.90 16.06
CA GLY E 11 -19.24 -6.66 16.78
C GLY E 11 -19.41 -6.83 18.28
N VAL E 12 -18.60 -7.69 18.88
CA VAL E 12 -18.69 -8.02 20.29
C VAL E 12 -17.30 -7.77 20.89
N PRO E 13 -17.17 -7.30 22.15
CA PRO E 13 -15.83 -6.98 22.66
C PRO E 13 -14.95 -8.19 22.93
N VAL E 14 -14.01 -8.44 22.03
CA VAL E 14 -12.89 -9.35 22.25
C VAL E 14 -11.65 -8.67 21.72
N TRP E 15 -10.61 -8.57 22.56
CA TRP E 15 -9.32 -8.05 22.10
C TRP E 15 -8.22 -9.00 22.54
N LYS E 16 -7.26 -9.22 21.63
CA LYS E 16 -6.08 -10.02 21.91
C LYS E 16 -4.85 -9.13 21.92
N ASP E 17 -3.84 -9.56 22.66
CA ASP E 17 -2.58 -8.81 22.76
C ASP E 17 -1.81 -8.97 21.45
N ALA E 18 -1.92 -7.98 20.57
CA ALA E 18 -1.22 -7.98 19.30
C ALA E 18 -0.56 -6.62 19.10
N GLU E 19 0.59 -6.63 18.44
CA GLU E 19 1.41 -5.43 18.29
C GLU E 19 1.57 -5.14 16.80
N THR E 20 1.39 -3.87 16.43
CA THR E 20 1.39 -3.48 15.02
C THR E 20 2.05 -2.11 14.88
N THR E 21 1.91 -1.51 13.70
CA THR E 21 2.54 -0.24 13.37
C THR E 21 1.53 0.89 13.57
N LEU E 22 1.93 1.92 14.31
CA LEU E 22 1.04 3.03 14.66
C LEU E 22 1.20 4.18 13.67
N PHE E 23 0.63 5.34 14.02
CA PHE E 23 0.61 6.50 13.15
C PHE E 23 0.72 7.76 13.99
N CYS E 24 1.10 8.87 13.34
CA CYS E 24 1.29 10.13 14.03
C CYS E 24 -0.04 10.76 14.44
N ALA E 25 0.08 11.80 15.28
CA ALA E 25 -0.94 12.82 15.48
C ALA E 25 -0.24 14.04 16.05
N SER E 26 -0.38 15.17 15.37
CA SER E 26 0.34 16.38 15.74
C SER E 26 -0.66 17.52 15.98
N ASP E 27 -0.13 18.71 16.24
CA ASP E 27 -0.92 19.89 16.52
C ASP E 27 -0.52 21.01 15.56
N ALA E 28 -1.47 21.91 15.32
CA ALA E 28 -1.24 23.04 14.43
C ALA E 28 -0.36 24.10 15.09
N HIS E 36 9.49 24.08 8.82
CA HIS E 36 10.04 22.73 8.78
C HIS E 36 10.91 22.47 9.99
N ASN E 37 10.96 21.22 10.43
CA ASN E 37 11.78 20.83 11.58
C ASN E 37 12.22 19.39 11.37
N VAL E 38 12.65 18.74 12.45
CA VAL E 38 13.19 17.39 12.38
C VAL E 38 12.17 16.33 12.75
N TRP E 39 11.23 16.64 13.65
CA TRP E 39 10.29 15.63 14.14
C TRP E 39 9.01 15.60 13.31
N ALA E 40 8.28 16.71 13.27
CA ALA E 40 6.97 16.72 12.62
C ALA E 40 7.08 16.83 11.11
N THR E 41 7.86 17.81 10.63
CA THR E 41 8.10 18.12 9.21
C THR E 41 6.82 18.43 8.43
N HIS E 42 5.74 18.77 9.14
CA HIS E 42 4.42 19.06 8.55
C HIS E 42 3.93 17.92 7.66
N ALA E 43 4.19 16.69 8.09
CA ALA E 43 3.79 15.50 7.35
C ALA E 43 2.87 14.57 8.14
N CYS E 44 3.02 14.49 9.45
CA CYS E 44 2.09 13.73 10.27
C CYS E 44 0.73 14.42 10.29
N VAL E 45 -0.32 13.60 10.31
CA VAL E 45 -1.69 14.14 10.23
C VAL E 45 -2.05 14.79 11.55
N PRO E 46 -2.48 16.05 11.56
CA PRO E 46 -2.90 16.68 12.81
C PRO E 46 -4.17 16.07 13.35
N THR E 47 -4.31 16.09 14.67
CA THR E 47 -5.43 15.47 15.35
C THR E 47 -6.50 16.50 15.70
N ASP E 48 -7.71 16.00 15.90
CA ASP E 48 -8.81 16.86 16.33
C ASP E 48 -8.63 17.23 17.80
N PRO E 49 -9.07 18.45 18.20
CA PRO E 49 -8.89 18.91 19.59
C PRO E 49 -9.93 18.38 20.58
N ASN E 50 -10.15 17.06 20.55
CA ASN E 50 -11.02 16.40 21.52
C ASN E 50 -10.59 14.94 21.65
N PRO E 51 -9.65 14.65 22.55
CA PRO E 51 -9.19 13.27 22.72
C PRO E 51 -10.21 12.43 23.49
N GLN E 52 -11.16 11.85 22.75
CA GLN E 52 -12.27 11.10 23.33
C GLN E 52 -11.78 9.86 24.08
N GLU E 53 -11.93 9.89 25.40
CA GLU E 53 -11.54 8.78 26.27
C GLU E 53 -12.80 8.13 26.83
N ILE E 54 -12.92 6.82 26.66
CA ILE E 54 -14.08 6.07 27.09
C ILE E 54 -13.66 5.20 28.26
N HIS E 55 -14.20 5.49 29.44
CA HIS E 55 -13.86 4.73 30.64
C HIS E 55 -14.55 3.36 30.60
N LEU E 56 -13.79 2.32 30.93
CA LEU E 56 -14.32 0.96 31.00
C LEU E 56 -14.19 0.47 32.44
N GLU E 57 -15.30 0.42 33.15
CA GLU E 57 -15.31 -0.20 34.47
C GLU E 57 -15.67 -1.67 34.35
N ASN E 58 -15.57 -2.39 35.47
CA ASN E 58 -15.89 -3.82 35.57
C ASN E 58 -15.05 -4.65 34.60
N VAL E 59 -13.78 -4.30 34.48
CA VAL E 59 -12.86 -4.99 33.56
C VAL E 59 -11.44 -4.85 34.09
N THR E 60 -10.64 -5.90 33.91
CA THR E 60 -9.23 -5.92 34.30
C THR E 60 -8.40 -6.41 33.13
N GLU E 61 -7.12 -6.01 33.12
CA GLU E 61 -6.19 -6.42 32.08
C GLU E 61 -4.79 -6.53 32.67
N GLU E 62 -4.00 -7.43 32.10
CA GLU E 62 -2.63 -7.69 32.55
C GLU E 62 -1.67 -6.82 31.75
N PHE E 63 -1.17 -5.76 32.38
CA PHE E 63 -0.17 -4.90 31.75
C PHE E 63 1.21 -5.49 31.93
N ASN E 64 2.03 -5.39 30.88
CA ASN E 64 3.38 -5.96 30.90
C ASN E 64 4.30 -4.92 30.25
N MET E 65 5.07 -4.23 31.09
CA MET E 65 6.06 -3.28 30.60
C MET E 65 7.33 -4.04 30.19
N TRP E 66 8.24 -3.32 29.52
CA TRP E 66 9.52 -3.77 28.98
C TRP E 66 9.38 -4.73 27.81
N LYS E 67 8.17 -5.13 27.43
CA LYS E 67 7.95 -6.06 26.33
C LYS E 67 7.00 -5.55 25.26
N ASN E 68 6.38 -4.39 25.45
CA ASN E 68 5.50 -3.85 24.42
C ASN E 68 6.31 -3.33 23.23
N ASN E 69 5.69 -3.31 22.06
CA ASN E 69 6.34 -2.78 20.87
C ASN E 69 6.21 -1.27 20.76
N MET E 70 5.50 -0.62 21.70
CA MET E 70 5.43 0.84 21.72
C MET E 70 6.80 1.46 21.96
N VAL E 71 7.57 0.90 22.90
CA VAL E 71 8.91 1.41 23.17
C VAL E 71 9.85 1.09 22.02
N GLU E 72 9.77 -0.13 21.48
CA GLU E 72 10.74 -0.59 20.49
C GLU E 72 10.53 0.09 19.14
N GLN E 73 9.28 0.34 18.76
CA GLN E 73 9.02 0.97 17.46
C GLN E 73 9.43 2.43 17.44
N MET E 74 9.10 3.17 18.50
CA MET E 74 9.35 4.61 18.51
C MET E 74 10.84 4.91 18.64
N HIS E 75 11.60 4.03 19.28
CA HIS E 75 13.06 4.12 19.22
C HIS E 75 13.56 3.94 17.80
N THR E 76 12.96 3.00 17.06
CA THR E 76 13.31 2.83 15.65
C THR E 76 12.73 3.97 14.81
N ASP E 77 11.58 4.51 15.21
CA ASP E 77 10.86 5.48 14.39
C ASP E 77 11.61 6.80 14.30
N ILE E 78 12.04 7.35 15.44
CA ILE E 78 12.69 8.65 15.41
C ILE E 78 14.17 8.57 15.05
N ILE E 79 14.76 7.38 15.07
CA ILE E 79 16.07 7.20 14.44
C ILE E 79 15.95 7.41 12.93
N SER E 80 14.88 6.86 12.32
CA SER E 80 14.61 7.12 10.92
C SER E 80 14.23 8.57 10.69
N LEU E 81 13.62 9.22 11.68
CA LEU E 81 13.34 10.65 11.58
C LEU E 81 14.58 11.50 11.80
N TRP E 82 15.64 10.94 12.37
CA TRP E 82 16.87 11.69 12.61
C TRP E 82 17.82 11.58 11.43
N ASP E 83 17.89 10.42 10.78
CA ASP E 83 18.73 10.26 9.59
C ASP E 83 18.11 10.92 8.37
N GLN E 84 16.78 11.05 8.33
CA GLN E 84 16.13 11.66 7.17
C GLN E 84 16.40 13.16 7.10
N SER E 85 16.50 13.83 8.24
CA SER E 85 16.74 15.26 8.27
C SER E 85 18.22 15.62 8.09
N LEU E 86 19.11 14.64 8.06
CA LEU E 86 20.53 14.89 7.85
C LEU E 86 20.93 14.78 6.38
N LYS E 87 20.10 14.18 5.54
CA LYS E 87 20.40 14.10 4.11
C LYS E 87 20.45 15.46 3.40
N PRO E 88 19.53 16.42 3.62
CA PRO E 88 19.72 17.74 2.98
C PRO E 88 20.92 18.52 3.51
N CYS E 89 21.46 18.16 4.67
CA CYS E 89 22.66 18.81 5.17
C CYS E 89 23.86 18.45 4.30
N VAL E 90 24.74 19.41 4.12
CA VAL E 90 25.91 19.24 3.25
C VAL E 90 27.05 18.64 4.05
N LYS E 91 27.82 17.78 3.39
CA LYS E 91 28.87 17.02 4.05
C LYS E 91 30.04 17.92 4.41
N LEU E 92 30.84 17.45 5.38
CA LEU E 92 32.05 18.13 5.82
C LEU E 92 33.28 17.28 5.55
N THR E 93 33.34 16.71 4.34
CA THR E 93 34.53 15.95 3.93
C THR E 93 35.85 16.73 3.93
N PRO E 94 35.96 17.98 3.46
CA PRO E 94 37.28 18.64 3.50
C PRO E 94 37.67 19.21 4.85
N LEU E 95 36.95 18.90 5.92
CA LEU E 95 37.30 19.39 7.25
C LEU E 95 38.39 18.56 7.92
N CYS E 96 38.82 17.46 7.31
CA CYS E 96 39.84 16.59 7.87
C CYS E 96 41.24 16.96 7.42
N VAL E 97 41.49 18.24 7.11
CA VAL E 97 42.82 18.71 6.77
C VAL E 97 43.64 18.83 8.04
N THR E 98 44.95 18.97 7.91
CA THR E 98 45.82 19.12 9.06
C THR E 98 45.58 20.46 9.75
N LEU E 99 45.72 20.47 11.06
CA LEU E 99 45.44 21.65 11.87
C LEU E 99 46.72 22.17 12.51
N GLN E 100 46.72 23.47 12.82
CA GLN E 100 47.80 24.12 13.56
C GLN E 100 47.14 24.81 14.75
N CYS E 101 46.99 24.06 15.85
CA CYS E 101 46.24 24.53 17.00
C CYS E 101 47.15 25.18 18.03
N THR E 102 46.61 26.21 18.69
CA THR E 102 47.32 26.95 19.72
C THR E 102 46.35 27.20 20.86
N ASN E 103 46.83 27.06 22.10
CA ASN E 103 46.00 27.34 23.27
C ASN E 103 45.60 28.81 23.31
N VAL E 104 44.39 29.05 23.78
CA VAL E 104 43.90 30.41 23.97
C VAL E 104 44.43 30.95 25.30
N THR E 105 44.99 32.15 25.28
CA THR E 105 45.60 32.76 26.45
C THR E 105 45.09 34.16 26.73
N ASN E 106 44.09 34.63 25.97
CA ASN E 106 43.54 35.97 26.14
C ASN E 106 42.26 35.86 26.96
N ASN E 107 42.30 36.40 28.19
CA ASN E 107 41.18 36.42 29.14
C ASN E 107 40.68 35.00 29.42
N ILE E 108 41.59 34.17 29.91
CA ILE E 108 41.33 32.76 30.16
C ILE E 108 41.42 32.50 31.66
N THR E 109 40.52 31.66 32.16
CA THR E 109 40.55 31.26 33.56
C THR E 109 41.46 30.05 33.77
N ASP E 110 41.66 29.70 35.04
CA ASP E 110 42.57 28.62 35.38
C ASP E 110 41.97 27.24 35.08
N ASP E 111 40.65 27.09 35.23
CA ASP E 111 40.04 25.78 35.08
C ASP E 111 39.96 25.35 33.61
N MET E 112 39.75 26.30 32.70
CA MET E 112 39.60 26.00 31.28
C MET E 112 40.93 26.09 30.53
N ARG E 113 42.04 25.84 31.22
CA ARG E 113 43.34 25.82 30.57
C ARG E 113 43.49 24.55 29.74
N GLY E 114 43.87 24.70 28.48
CA GLY E 114 43.96 23.57 27.58
C GLY E 114 42.64 22.92 27.23
N GLU E 115 41.59 23.74 27.06
CA GLU E 115 40.28 23.24 26.67
C GLU E 115 39.81 23.78 25.33
N LEU E 116 40.04 25.05 25.04
CA LEU E 116 39.73 25.63 23.75
C LEU E 116 41.02 25.81 22.95
N LYS E 117 41.00 25.35 21.70
CA LYS E 117 42.18 25.37 20.83
C LYS E 117 41.92 26.28 19.65
N ASN E 118 42.87 27.17 19.37
CA ASN E 118 42.79 28.09 18.23
C ASN E 118 43.51 27.44 17.06
N CYS E 119 42.75 26.75 16.22
CA CYS E 119 43.30 25.93 15.15
C CYS E 119 43.20 26.65 13.82
N SER E 120 44.29 26.63 13.06
CA SER E 120 44.35 27.21 11.72
C SER E 120 44.62 26.09 10.71
N PHE E 121 43.98 26.19 9.55
CA PHE E 121 43.96 25.10 8.58
C PHE E 121 43.76 25.65 7.17
N ASN E 122 43.94 24.78 6.18
CA ASN E 122 44.05 25.14 4.77
C ASN E 122 42.90 24.56 3.95
N MET E 123 41.68 24.71 4.44
CA MET E 123 40.52 24.15 3.77
C MET E 123 40.20 24.91 2.48
N THR E 124 39.55 24.21 1.56
CA THR E 124 39.30 24.73 0.22
C THR E 124 38.19 25.79 0.26
N THR E 125 37.95 26.39 -0.91
CA THR E 125 36.89 27.38 -1.07
C THR E 125 35.99 26.98 -2.23
N GLU E 126 35.11 27.90 -2.67
CA GLU E 126 34.17 27.60 -3.74
C GLU E 126 34.86 27.42 -5.10
N LEU E 127 36.11 27.84 -5.24
CA LEU E 127 36.89 27.61 -6.45
C LEU E 127 37.84 26.44 -6.22
N ARG E 128 38.03 25.63 -7.27
CA ARG E 128 38.83 24.42 -7.19
C ARG E 128 40.33 24.69 -7.37
N ASP E 129 40.73 25.92 -7.66
CA ASP E 129 42.13 26.23 -7.90
C ASP E 129 42.72 27.21 -6.88
N LYS E 130 41.97 27.58 -5.85
CA LYS E 130 42.45 28.49 -4.83
C LYS E 130 42.16 27.92 -3.46
N LYS E 131 43.04 28.21 -2.51
CA LYS E 131 42.91 27.77 -1.13
C LYS E 131 42.97 28.97 -0.21
N GLN E 132 42.11 28.98 0.82
CA GLN E 132 42.04 30.07 1.77
C GLN E 132 42.53 29.61 3.14
N LYS E 133 43.13 30.53 3.88
CA LYS E 133 43.63 30.26 5.22
C LYS E 133 42.54 30.67 6.22
N VAL E 134 41.95 29.68 6.88
CA VAL E 134 40.81 29.88 7.77
C VAL E 134 41.15 29.33 9.14
N TYR E 135 40.94 30.14 10.18
CA TYR E 135 41.15 29.72 11.56
C TYR E 135 39.81 29.67 12.29
N SER E 136 39.71 28.75 13.23
CA SER E 136 38.51 28.63 14.06
C SER E 136 38.87 28.00 15.39
N LEU E 137 38.00 28.21 16.37
CA LEU E 137 38.21 27.65 17.70
C LEU E 137 37.52 26.29 17.82
N PHE E 138 38.16 25.40 18.58
CA PHE E 138 37.64 24.05 18.75
C PHE E 138 37.90 23.60 20.19
N TYR E 139 37.09 22.63 20.63
CA TYR E 139 37.21 22.06 21.96
C TYR E 139 38.19 20.90 21.95
N ARG E 140 38.68 20.55 23.15
CA ARG E 140 39.62 19.44 23.29
C ARG E 140 38.98 18.10 22.96
N LEU E 141 37.69 17.95 23.26
CA LEU E 141 36.98 16.68 23.08
C LEU E 141 36.80 16.31 21.61
N ASP E 142 37.07 17.22 20.67
CA ASP E 142 36.88 16.97 19.26
C ASP E 142 38.18 16.86 18.47
N VAL E 143 39.32 17.03 19.12
CA VAL E 143 40.61 17.00 18.44
C VAL E 143 41.52 15.97 19.11
N VAL E 144 42.35 15.32 18.30
CA VAL E 144 43.37 14.40 18.78
C VAL E 144 44.70 14.78 18.13
N GLN E 145 45.78 14.33 18.75
CA GLN E 145 47.12 14.62 18.26
C GLN E 145 47.57 13.55 17.27
N ILE E 146 48.74 13.80 16.67
CA ILE E 146 49.31 12.86 15.70
C ILE E 146 50.66 12.37 16.20
N GLU E 160 49.38 19.54 13.01
CA GLU E 160 49.61 18.87 14.29
C GLU E 160 48.40 18.02 14.71
N TYR E 161 47.26 18.69 14.88
CA TYR E 161 46.06 18.03 15.35
C TYR E 161 45.12 17.71 14.18
N ARG E 162 44.08 16.96 14.49
CA ARG E 162 43.05 16.58 13.52
C ARG E 162 41.78 16.28 14.30
N LEU E 163 40.66 16.26 13.57
CA LEU E 163 39.37 15.95 14.19
C LEU E 163 39.33 14.49 14.62
N ILE E 164 38.52 14.21 15.63
CA ILE E 164 38.52 12.90 16.27
C ILE E 164 37.87 11.86 15.37
N ASN E 165 36.96 12.27 14.48
CA ASN E 165 36.23 11.34 13.63
C ASN E 165 36.78 11.31 12.20
N CYS E 166 38.05 11.68 12.02
CA CYS E 166 38.64 11.65 10.69
C CYS E 166 39.01 10.24 10.24
N ASN E 167 39.18 9.31 11.18
CA ASN E 167 39.39 7.91 10.84
C ASN E 167 38.08 7.13 10.76
N THR E 168 36.95 7.82 10.92
CA THR E 168 35.61 7.28 10.75
C THR E 168 34.96 8.17 9.69
N SER E 169 33.69 7.91 9.33
CA SER E 169 33.01 8.68 8.30
C SER E 169 32.83 10.14 8.71
N ALA E 170 32.78 11.02 7.71
CA ALA E 170 32.71 12.44 7.95
C ALA E 170 31.35 12.85 8.51
N CYS E 171 31.33 14.04 9.12
CA CYS E 171 30.16 14.55 9.79
C CYS E 171 29.36 15.49 8.89
N THR E 172 28.14 15.78 9.31
CA THR E 172 27.30 16.81 8.73
C THR E 172 26.92 17.82 9.82
N GLN E 173 26.67 19.06 9.41
CA GLN E 173 26.44 20.14 10.36
C GLN E 173 24.97 20.34 10.68
N ALA E 174 24.16 19.29 10.57
CA ALA E 174 22.85 19.13 11.18
C ALA E 174 21.79 20.12 10.68
N CYS E 175 22.03 20.82 9.56
CA CYS E 175 21.09 21.74 8.91
C CYS E 175 20.56 22.80 9.88
N PRO E 176 21.35 23.83 10.20
CA PRO E 176 20.98 24.75 11.30
C PRO E 176 19.72 25.59 11.09
N LYS E 177 19.06 25.46 9.94
CA LYS E 177 17.75 26.09 9.77
C LYS E 177 16.71 25.49 10.70
N VAL E 178 16.69 24.16 10.82
CA VAL E 178 15.76 23.48 11.71
C VAL E 178 16.34 23.46 13.11
N SER E 179 15.52 23.12 14.10
CA SER E 179 15.94 23.11 15.50
C SER E 179 15.85 21.70 16.07
N PHE E 180 16.33 21.54 17.30
CA PHE E 180 16.30 20.27 18.00
C PHE E 180 15.25 20.25 19.12
N GLU E 181 14.42 21.28 19.23
CA GLU E 181 13.43 21.33 20.29
C GLU E 181 12.31 20.34 20.00
N PRO E 182 12.01 19.41 20.91
CA PRO E 182 11.01 18.37 20.62
C PRO E 182 9.59 18.87 20.80
N ILE E 183 8.89 19.03 19.68
CA ILE E 183 7.44 19.24 19.72
C ILE E 183 6.77 17.91 20.01
N PRO E 184 5.88 17.83 21.01
CA PRO E 184 5.26 16.55 21.37
C PRO E 184 4.43 15.97 20.24
N ILE E 185 4.49 14.64 20.12
CA ILE E 185 3.73 13.91 19.10
C ILE E 185 2.79 12.95 19.82
N HIS E 186 1.78 12.50 19.09
CA HIS E 186 0.79 11.58 19.63
C HIS E 186 0.70 10.37 18.71
N TYR E 187 0.75 9.18 19.30
CA TYR E 187 0.61 7.94 18.54
C TYR E 187 -0.83 7.43 18.62
N CYS E 188 -1.32 6.91 17.52
CA CYS E 188 -2.68 6.42 17.42
C CYS E 188 -2.69 5.03 16.81
N ALA E 189 -3.67 4.26 17.19
CA ALA E 189 -3.84 2.94 16.60
C ALA E 189 -4.61 3.05 15.28
N PRO E 190 -4.36 2.15 14.34
CA PRO E 190 -5.13 2.16 13.09
C PRO E 190 -6.55 1.64 13.26
N ALA E 191 -7.28 1.52 12.16
CA ALA E 191 -8.65 1.01 12.22
C ALA E 191 -8.65 -0.46 12.60
N GLY E 192 -9.52 -0.82 13.53
CA GLY E 192 -9.56 -2.17 14.06
C GLY E 192 -8.66 -2.42 15.24
N PHE E 193 -7.87 -1.44 15.64
CA PHE E 193 -6.97 -1.56 16.79
C PHE E 193 -7.30 -0.50 17.82
N ALA E 194 -7.07 -0.82 19.09
CA ALA E 194 -7.37 0.06 20.20
C ALA E 194 -6.19 0.11 21.15
N ILE E 195 -6.07 1.22 21.88
CA ILE E 195 -5.00 1.44 22.85
C ILE E 195 -5.64 1.54 24.23
N LEU E 196 -5.15 0.75 25.17
CA LEU E 196 -5.66 0.71 26.52
C LEU E 196 -4.73 1.48 27.46
N LYS E 197 -5.30 2.35 28.29
CA LYS E 197 -4.53 3.08 29.28
C LYS E 197 -5.04 2.76 30.68
N CYS E 198 -4.14 2.85 31.65
CA CYS E 198 -4.41 2.53 33.05
C CYS E 198 -4.23 3.77 33.89
N LYS E 199 -5.21 4.06 34.76
CA LYS E 199 -5.17 5.22 35.63
C LYS E 199 -4.98 4.85 37.09
N ASP E 200 -4.21 3.79 37.36
CA ASP E 200 -3.94 3.40 38.73
C ASP E 200 -2.90 4.32 39.34
N LYS E 201 -3.23 4.92 40.48
CA LYS E 201 -2.28 5.80 41.16
C LYS E 201 -1.12 5.02 41.77
N LYS E 202 -1.38 3.79 42.21
CA LYS E 202 -0.36 2.92 42.76
C LYS E 202 0.14 1.90 41.75
N PHE E 203 0.23 2.29 40.49
CA PHE E 203 0.58 1.36 39.42
C PHE E 203 2.05 1.01 39.47
N ASN E 204 2.35 -0.28 39.56
CA ASN E 204 3.71 -0.78 39.46
C ASN E 204 4.08 -0.96 37.99
N GLY E 205 5.18 -1.66 37.73
CA GLY E 205 5.57 -1.96 36.36
C GLY E 205 4.62 -2.91 35.68
N THR E 206 4.51 -4.14 36.19
CA THR E 206 3.61 -5.14 35.67
C THR E 206 2.60 -5.54 36.73
N GLY E 207 1.40 -5.90 36.28
CA GLY E 207 0.35 -6.31 37.18
C GLY E 207 -1.03 -5.99 36.63
N PRO E 208 -2.07 -6.57 37.24
CA PRO E 208 -3.44 -6.34 36.75
C PRO E 208 -3.92 -4.93 37.08
N CYS E 209 -4.52 -4.28 36.09
CA CYS E 209 -5.06 -2.94 36.26
C CYS E 209 -6.58 -2.98 36.27
N PRO E 210 -7.23 -2.58 37.36
CA PRO E 210 -8.71 -2.55 37.37
C PRO E 210 -9.27 -1.24 36.86
N SER E 211 -8.43 -0.40 36.23
CA SER E 211 -8.88 0.89 35.72
C SER E 211 -8.49 1.06 34.26
N VAL E 212 -8.74 0.04 33.45
CA VAL E 212 -8.37 0.07 32.04
C VAL E 212 -9.44 0.81 31.25
N SER E 213 -9.01 1.80 30.46
CA SER E 213 -9.89 2.53 29.57
C SER E 213 -9.23 2.66 28.20
N THR E 214 -10.07 2.78 27.17
CA THR E 214 -9.60 2.91 25.80
C THR E 214 -9.45 4.38 25.44
N VAL E 215 -8.40 4.70 24.69
CA VAL E 215 -8.24 6.00 24.05
C VAL E 215 -7.64 5.78 22.66
N GLN E 216 -8.13 6.52 21.68
CA GLN E 216 -7.68 6.29 20.30
C GLN E 216 -6.29 6.87 20.05
N CYS E 217 -5.88 7.88 20.80
CA CYS E 217 -4.59 8.52 20.59
C CYS E 217 -4.00 8.88 21.96
N THR E 218 -2.73 8.56 22.16
CA THR E 218 -2.09 8.84 23.44
C THR E 218 -1.81 10.34 23.58
N HIS E 219 -1.48 10.75 24.80
CA HIS E 219 -1.18 12.15 25.07
C HIS E 219 0.19 12.51 24.51
N GLY E 220 0.50 13.81 24.54
CA GLY E 220 1.75 14.29 23.98
C GLY E 220 2.97 13.88 24.76
N ILE E 221 3.81 13.05 24.13
CA ILE E 221 5.06 12.58 24.74
C ILE E 221 6.20 13.38 24.14
N LYS E 222 7.21 13.67 24.97
CA LYS E 222 8.34 14.47 24.53
C LYS E 222 9.48 13.56 24.14
N PRO E 223 9.89 13.53 22.87
CA PRO E 223 11.05 12.73 22.45
C PRO E 223 12.36 13.43 22.77
N VAL E 224 12.67 13.53 24.06
CA VAL E 224 13.89 14.18 24.52
C VAL E 224 14.95 13.11 24.73
N VAL E 225 16.21 13.50 24.59
CA VAL E 225 17.34 12.58 24.75
C VAL E 225 18.05 12.89 26.06
N SER E 226 18.42 11.83 26.78
CA SER E 226 19.11 11.96 28.05
C SER E 226 19.84 10.66 28.35
N THR E 227 20.78 10.72 29.28
CA THR E 227 21.59 9.56 29.64
C THR E 227 21.49 9.17 31.12
N GLN E 228 21.29 10.12 32.02
CA GLN E 228 21.23 9.79 33.44
C GLN E 228 19.98 10.30 34.12
N LEU E 229 19.51 11.50 33.77
CA LEU E 229 18.40 12.15 34.46
C LEU E 229 17.26 12.38 33.47
N LEU E 230 16.06 12.00 33.87
CA LEU E 230 14.88 12.23 33.04
C LEU E 230 14.52 13.71 33.05
N LEU E 231 14.31 14.27 31.85
CA LEU E 231 14.04 15.69 31.68
C LEU E 231 12.69 15.89 31.00
N ASN E 232 11.90 16.82 31.55
CA ASN E 232 10.64 17.29 30.96
C ASN E 232 9.63 16.16 30.75
N GLY E 233 9.65 15.16 31.63
CA GLY E 233 8.77 14.01 31.51
C GLY E 233 7.43 14.22 32.16
N SER E 234 6.70 13.12 32.33
CA SER E 234 5.39 13.14 32.96
C SER E 234 5.54 12.84 34.44
N LEU E 235 4.92 13.68 35.28
CA LEU E 235 5.06 13.55 36.72
C LEU E 235 4.09 12.52 37.27
N ALA E 236 4.40 12.03 38.46
CA ALA E 236 3.55 11.06 39.13
C ALA E 236 2.34 11.73 39.76
N GLU E 237 1.41 10.91 40.25
CA GLU E 237 0.17 11.43 40.80
C GLU E 237 0.35 11.92 42.23
N GLU E 238 0.70 11.01 43.14
CA GLU E 238 0.79 11.32 44.56
C GLU E 238 2.20 11.17 45.12
N GLU E 239 2.85 10.02 44.92
CA GLU E 239 4.14 9.73 45.51
C GLU E 239 5.08 9.20 44.44
N VAL E 240 6.34 9.05 44.82
CA VAL E 240 7.35 8.49 43.92
C VAL E 240 7.23 6.97 43.93
N MET E 241 7.08 6.37 42.76
CA MET E 241 7.07 4.92 42.61
C MET E 241 8.35 4.45 41.94
N ILE E 242 8.76 3.24 42.28
CA ILE E 242 9.95 2.60 41.72
C ILE E 242 9.46 1.54 40.74
N ARG E 243 9.74 1.73 39.46
CA ARG E 243 9.28 0.85 38.40
C ARG E 243 10.48 0.07 37.87
N SER E 244 10.62 -1.19 38.30
CA SER E 244 11.75 -1.99 37.87
C SER E 244 11.39 -3.46 37.92
N GLU E 245 12.07 -4.25 37.09
CA GLU E 245 11.93 -5.69 37.05
C GLU E 245 12.90 -6.30 38.07
N ASN E 246 13.18 -7.61 37.92
CA ASN E 246 13.68 -8.55 38.94
C ASN E 246 14.78 -7.96 39.80
N ILE E 247 14.49 -7.80 41.09
CA ILE E 247 15.27 -6.94 41.98
C ILE E 247 16.64 -7.55 42.31
N THR E 248 16.70 -8.86 42.57
CA THR E 248 17.97 -9.48 42.92
C THR E 248 18.95 -9.53 41.75
N ASN E 249 18.48 -9.36 40.52
CA ASN E 249 19.36 -9.28 39.37
C ASN E 249 19.89 -7.86 39.25
N ASN E 250 21.22 -7.71 39.29
CA ASN E 250 21.86 -6.41 39.20
C ASN E 250 22.10 -5.96 37.76
N ALA E 251 21.78 -6.80 36.78
CA ALA E 251 22.06 -6.48 35.39
C ALA E 251 21.04 -5.55 34.76
N LYS E 252 19.94 -5.25 35.45
CA LYS E 252 18.88 -4.42 34.90
C LYS E 252 18.79 -3.11 35.67
N ASN E 253 18.34 -2.07 34.96
CA ASN E 253 18.37 -0.70 35.46
C ASN E 253 17.10 -0.35 36.20
N ILE E 254 17.26 0.37 37.31
CA ILE E 254 16.14 0.88 38.08
C ILE E 254 15.65 2.18 37.49
N LEU E 255 14.34 2.28 37.27
CA LEU E 255 13.72 3.47 36.68
C LEU E 255 12.94 4.17 37.78
N VAL E 256 13.41 5.35 38.17
CA VAL E 256 12.76 6.15 39.22
C VAL E 256 12.00 7.29 38.55
N GLN E 257 10.75 7.49 38.95
CA GLN E 257 9.93 8.58 38.44
C GLN E 257 9.55 9.50 39.60
N PHE E 258 9.77 10.80 39.41
CA PHE E 258 9.51 11.78 40.47
C PHE E 258 8.04 12.15 40.51
N ASN E 259 7.64 12.76 41.63
CA ASN E 259 6.30 13.32 41.79
C ASN E 259 6.30 14.85 41.80
N THR E 260 7.35 15.46 42.34
CA THR E 260 7.54 16.90 42.29
C THR E 260 8.84 17.18 41.55
N PRO E 261 8.80 17.96 40.46
CA PRO E 261 10.02 18.14 39.65
C PRO E 261 11.03 19.06 40.33
N VAL E 262 12.30 18.84 40.01
CA VAL E 262 13.39 19.66 40.50
C VAL E 262 13.81 20.61 39.40
N GLN E 263 13.67 21.90 39.65
CA GLN E 263 14.02 22.90 38.65
C GLN E 263 15.54 22.97 38.49
N ILE E 264 16.00 22.94 37.24
CA ILE E 264 17.42 22.97 36.92
C ILE E 264 17.70 24.17 36.03
N ASN E 265 18.74 24.92 36.38
CA ASN E 265 19.15 26.13 35.67
C ASN E 265 20.48 25.86 34.98
N CYS E 266 20.44 25.65 33.67
CA CYS E 266 21.64 25.42 32.87
C CYS E 266 21.92 26.61 31.97
N THR E 267 23.20 26.87 31.74
CA THR E 267 23.59 28.06 31.00
C THR E 267 24.91 27.81 30.27
N ARG E 268 25.18 28.69 29.30
CA ARG E 268 26.48 28.77 28.65
C ARG E 268 27.01 30.19 28.82
N PRO E 269 27.97 30.42 29.72
CA PRO E 269 28.39 31.79 30.04
C PRO E 269 29.34 32.42 29.03
N ASN E 270 29.61 31.78 27.90
CA ASN E 270 30.49 32.33 26.89
C ASN E 270 29.66 32.99 25.79
N ASN E 271 30.00 34.24 25.47
CA ASN E 271 29.35 34.96 24.38
C ASN E 271 30.00 34.53 23.07
N ASN E 272 29.31 33.70 22.30
CA ASN E 272 29.86 33.09 21.11
C ASN E 272 29.42 33.83 19.86
N THR E 273 30.18 33.65 18.78
CA THR E 273 29.87 34.21 17.48
C THR E 273 29.95 33.10 16.43
N ARG E 274 29.59 33.43 15.19
CA ARG E 274 29.56 32.47 14.11
C ARG E 274 30.14 33.10 12.86
N LYS E 275 30.94 32.32 12.13
CA LYS E 275 31.58 32.77 10.90
C LYS E 275 31.06 31.95 9.74
N SER E 276 30.62 32.64 8.68
CA SER E 276 30.16 31.98 7.46
C SER E 276 31.40 31.61 6.63
N ILE E 277 31.68 30.32 6.54
CA ILE E 277 32.88 29.81 5.87
C ILE E 277 32.43 28.97 4.68
N ARG E 278 32.96 29.30 3.51
CA ARG E 278 32.54 28.65 2.27
C ARG E 278 33.50 27.52 1.93
N ILE E 279 32.95 26.32 1.71
CA ILE E 279 33.75 25.16 1.37
C ILE E 279 33.59 24.71 -0.07
N GLY E 280 32.57 25.18 -0.78
CA GLY E 280 32.32 24.76 -2.13
C GLY E 280 31.17 25.52 -2.76
N PRO E 281 30.69 25.04 -3.91
CA PRO E 281 29.55 25.70 -4.56
C PRO E 281 28.25 25.51 -3.79
N GLY E 282 27.76 26.59 -3.18
CA GLY E 282 26.51 26.52 -2.43
C GLY E 282 26.57 25.71 -1.16
N GLN E 283 27.76 25.53 -0.59
CA GLN E 283 27.95 24.76 0.63
C GLN E 283 28.53 25.69 1.68
N ALA E 284 27.70 26.09 2.65
CA ALA E 284 28.10 27.04 3.67
C ALA E 284 28.37 26.30 4.97
N PHE E 285 29.53 26.55 5.57
CA PHE E 285 29.95 25.91 6.81
C PHE E 285 30.12 26.96 7.89
N TYR E 286 29.64 26.65 9.09
CA TYR E 286 29.62 27.59 10.19
C TYR E 286 30.56 27.13 11.31
N ALA E 287 31.32 28.06 11.85
CA ALA E 287 32.31 27.75 12.88
C ALA E 287 32.44 28.93 13.83
N THR E 288 33.13 28.70 14.95
CA THR E 288 33.31 29.71 15.97
C THR E 288 34.48 30.63 15.60
N GLY E 289 34.89 31.48 16.54
CA GLY E 289 36.03 32.34 16.34
C GLY E 289 35.67 33.71 15.80
N ASP E 290 36.05 34.77 16.51
CA ASP E 290 36.76 34.69 17.78
C ASP E 290 35.85 34.95 18.98
N ILE E 291 36.31 34.57 20.17
CA ILE E 291 35.48 34.69 21.37
C ILE E 291 35.39 36.17 21.79
N ILE E 292 34.34 36.49 22.53
CA ILE E 292 34.07 37.84 23.01
C ILE E 292 33.92 37.80 24.51
N GLY E 293 34.71 38.60 25.21
CA GLY E 293 34.59 38.70 26.66
C GLY E 293 35.55 37.77 27.36
N ASP E 294 35.03 37.05 28.36
CA ASP E 294 35.83 36.15 29.18
C ASP E 294 35.39 34.71 28.94
N ILE E 295 36.17 33.78 29.48
CA ILE E 295 35.92 32.34 29.34
C ILE E 295 35.52 31.81 30.72
N ARG E 296 34.34 31.20 30.78
CA ARG E 296 33.87 30.51 31.98
C ARG E 296 33.24 29.20 31.57
N GLN E 297 33.40 28.19 32.42
CA GLN E 297 32.92 26.84 32.11
C GLN E 297 31.40 26.80 32.14
N ALA E 298 30.82 26.05 31.20
CA ALA E 298 29.38 25.83 31.20
C ALA E 298 28.99 24.99 32.41
N HIS E 299 27.89 25.40 33.06
CA HIS E 299 27.50 24.77 34.32
C HIS E 299 25.99 24.74 34.43
N CYS E 300 25.50 23.88 35.32
CA CYS E 300 24.08 23.79 35.63
C CYS E 300 23.87 24.00 37.11
N ASN E 301 22.76 24.65 37.47
CA ASN E 301 22.39 24.82 38.87
C ASN E 301 21.13 24.05 39.21
N VAL E 302 21.15 23.42 40.37
CA VAL E 302 19.97 22.86 41.01
C VAL E 302 19.96 23.35 42.45
N SER E 303 18.77 23.34 43.05
CA SER E 303 18.62 23.80 44.42
C SER E 303 18.85 22.62 45.35
N LYS E 304 19.77 22.80 46.30
CA LYS E 304 20.08 21.74 47.25
C LYS E 304 18.97 21.54 48.28
N ALA E 305 18.10 22.54 48.46
CA ALA E 305 17.00 22.41 49.41
C ALA E 305 15.97 21.39 48.92
N THR E 306 15.57 21.48 47.65
CA THR E 306 14.61 20.53 47.11
C THR E 306 15.25 19.21 46.69
N TRP E 307 16.56 19.19 46.43
CA TRP E 307 17.21 17.94 46.06
C TRP E 307 17.34 17.00 47.25
N ASN E 308 17.58 17.57 48.44
CA ASN E 308 17.55 16.77 49.66
C ASN E 308 16.13 16.30 49.98
N GLU E 309 15.13 17.12 49.64
CA GLU E 309 13.74 16.73 49.83
C GLU E 309 13.33 15.64 48.86
N THR E 310 13.76 15.75 47.59
CA THR E 310 13.36 14.78 46.58
C THR E 310 14.04 13.43 46.80
N LEU E 311 15.32 13.45 47.16
CA LEU E 311 16.01 12.19 47.47
C LEU E 311 15.49 11.58 48.77
N GLY E 312 14.97 12.41 49.68
CA GLY E 312 14.32 11.88 50.87
C GLY E 312 12.99 11.23 50.58
N LYS E 313 12.34 11.60 49.47
CA LYS E 313 11.11 10.95 49.06
C LYS E 313 11.35 9.66 48.30
N VAL E 314 12.59 9.38 47.92
CA VAL E 314 12.91 8.15 47.20
C VAL E 314 13.40 7.05 48.14
N VAL E 315 14.21 7.42 49.13
CA VAL E 315 14.84 6.43 50.02
C VAL E 315 13.80 5.74 50.89
N LYS E 316 12.69 6.41 51.22
CA LYS E 316 11.61 5.74 51.94
C LYS E 316 10.90 4.74 51.04
N GLN E 317 10.79 5.05 49.75
CA GLN E 317 10.22 4.10 48.81
C GLN E 317 11.17 2.93 48.56
N LEU E 318 12.48 3.17 48.61
CA LEU E 318 13.45 2.11 48.40
C LEU E 318 13.47 1.12 49.55
N ARG E 319 13.12 1.57 50.76
CA ARG E 319 13.11 0.68 51.92
C ARG E 319 11.92 -0.25 51.96
N LYS E 320 10.93 -0.05 51.09
CA LYS E 320 9.87 -1.04 50.92
C LYS E 320 10.35 -2.25 50.12
N HIS E 321 11.24 -2.02 49.15
CA HIS E 321 11.80 -3.09 48.35
C HIS E 321 13.09 -3.66 48.92
N PHE E 322 13.62 -3.07 49.99
CA PHE E 322 14.88 -3.50 50.58
C PHE E 322 14.72 -3.53 52.09
N GLY E 323 15.84 -3.64 52.80
CA GLY E 323 15.79 -3.62 54.25
C GLY E 323 15.51 -2.24 54.80
N ASN E 324 14.85 -2.21 55.96
CA ASN E 324 14.55 -0.94 56.61
C ASN E 324 15.79 -0.33 57.24
N ASN E 325 16.60 -1.13 57.93
CA ASN E 325 17.72 -0.64 58.70
C ASN E 325 19.04 -0.66 57.94
N THR E 326 19.04 -1.09 56.68
CA THR E 326 20.27 -1.08 55.90
C THR E 326 20.64 0.34 55.50
N ILE E 327 21.91 0.52 55.13
CA ILE E 327 22.45 1.83 54.79
C ILE E 327 22.32 2.00 53.28
N ILE E 328 21.36 2.81 52.85
CA ILE E 328 21.19 3.13 51.44
C ILE E 328 22.09 4.31 51.12
N ARG E 329 23.13 4.08 50.33
CA ARG E 329 24.12 5.10 50.01
C ARG E 329 23.97 5.51 48.55
N PHE E 330 24.14 6.81 48.29
CA PHE E 330 24.17 7.33 46.93
C PHE E 330 25.61 7.64 46.56
N ALA E 331 26.04 7.16 45.39
CA ALA E 331 27.38 7.37 44.89
C ALA E 331 27.31 7.76 43.42
N ASN E 332 28.47 8.10 42.86
CA ASN E 332 28.54 8.62 41.49
C ASN E 332 28.49 7.46 40.49
N SER E 333 28.74 7.76 39.22
CA SER E 333 28.71 6.74 38.19
C SER E 333 30.00 5.92 38.20
N SER E 334 29.94 4.77 37.51
CA SER E 334 31.07 3.84 37.46
C SER E 334 32.12 4.24 36.43
N GLY E 335 31.82 5.19 35.55
CA GLY E 335 32.78 5.63 34.56
C GLY E 335 32.81 4.76 33.32
N GLY E 336 33.82 5.01 32.50
CA GLY E 336 33.98 4.31 31.24
C GLY E 336 33.89 5.25 30.05
N ASP E 337 32.98 4.96 29.13
CA ASP E 337 32.77 5.85 27.99
C ASP E 337 32.06 7.12 28.43
N LEU E 338 32.41 8.24 27.80
CA LEU E 338 31.87 9.54 28.17
C LEU E 338 30.40 9.68 27.80
N GLU E 339 29.90 8.85 26.87
CA GLU E 339 28.50 8.93 26.47
C GLU E 339 27.56 8.58 27.61
N VAL E 340 27.92 7.59 28.42
CA VAL E 340 27.05 7.12 29.50
C VAL E 340 27.55 7.52 30.88
N THR E 341 28.78 8.01 31.00
CA THR E 341 29.30 8.41 32.31
C THR E 341 28.62 9.69 32.80
N THR E 342 28.52 10.69 31.93
CA THR E 342 28.01 12.00 32.29
C THR E 342 26.61 12.21 31.74
N HIS E 343 25.89 13.14 32.36
CA HIS E 343 24.55 13.49 31.93
C HIS E 343 24.59 14.31 30.65
N SER E 344 23.65 14.03 29.75
CA SER E 344 23.60 14.67 28.45
C SER E 344 22.19 15.18 28.15
N PHE E 345 22.10 16.31 27.48
CA PHE E 345 20.84 16.86 27.01
C PHE E 345 21.12 17.75 25.81
N ASN E 346 20.04 18.32 25.25
CA ASN E 346 20.08 19.02 23.97
C ASN E 346 19.37 20.37 24.07
N CYS E 347 19.70 21.13 25.11
CA CYS E 347 19.04 22.42 25.33
C CYS E 347 19.75 23.53 24.60
N GLY E 348 18.97 24.40 23.95
CA GLY E 348 19.50 25.56 23.28
C GLY E 348 20.17 25.31 21.94
N GLY E 349 20.09 24.09 21.43
CA GLY E 349 20.72 23.74 20.17
C GLY E 349 22.17 23.30 20.27
N GLU E 350 22.78 23.40 21.46
CA GLU E 350 24.14 22.95 21.69
C GLU E 350 24.12 21.87 22.76
N PHE E 351 24.82 20.77 22.50
CA PHE E 351 24.82 19.63 23.40
C PHE E 351 25.69 19.91 24.62
N PHE E 352 25.30 19.33 25.75
CA PHE E 352 26.04 19.44 26.99
C PHE E 352 26.39 18.05 27.51
N TYR E 353 27.50 17.97 28.24
CA TYR E 353 27.95 16.73 28.89
C TYR E 353 28.28 17.10 30.33
N CYS E 354 27.28 17.03 31.21
CA CYS E 354 27.41 17.54 32.56
C CYS E 354 27.83 16.43 33.52
N ASN E 355 28.88 16.70 34.29
CA ASN E 355 29.40 15.76 35.29
C ASN E 355 28.52 15.86 36.53
N THR E 356 27.79 14.80 36.84
CA THR E 356 26.82 14.78 37.92
C THR E 356 27.34 14.06 39.16
N SER E 357 28.61 14.22 39.48
CA SER E 357 29.15 13.63 40.70
C SER E 357 28.79 14.42 41.95
N GLY E 358 28.25 15.63 41.79
CA GLY E 358 27.83 16.42 42.93
C GLY E 358 26.40 16.16 43.35
N LEU E 359 25.61 15.56 42.46
CA LEU E 359 24.23 15.23 42.76
C LEU E 359 24.08 13.93 43.51
N PHE E 360 25.14 13.12 43.61
CA PHE E 360 25.05 11.81 44.24
C PHE E 360 26.15 11.62 45.27
N ASN E 361 26.64 12.69 45.87
CA ASN E 361 27.57 12.61 46.98
C ASN E 361 26.77 12.82 48.27
N SER E 362 26.08 11.76 48.69
CA SER E 362 25.22 11.83 49.86
C SER E 362 25.06 10.44 50.46
N THR E 363 24.77 10.40 51.75
CA THR E 363 24.49 9.17 52.47
C THR E 363 23.13 9.28 53.15
N TRP E 364 22.46 8.13 53.27
CA TRP E 364 21.13 8.08 53.88
C TRP E 364 21.09 6.90 54.85
N ILE E 365 21.05 7.20 56.14
CA ILE E 365 20.99 6.19 57.18
C ILE E 365 19.63 6.26 57.86
N SER E 366 19.36 5.27 58.72
CA SER E 366 18.10 5.23 59.44
C SER E 366 18.07 6.29 60.53
N ASN E 367 16.90 6.92 60.69
CA ASN E 367 16.64 7.98 61.68
C ASN E 367 17.62 9.14 61.58
N ASN E 379 24.84 28.26 49.22
CA ASN E 379 24.37 27.02 49.82
C ASN E 379 23.08 26.53 49.15
N ASP E 380 22.44 27.43 48.40
CA ASP E 380 21.20 27.14 47.70
C ASP E 380 21.45 26.66 46.27
N SER E 381 22.70 26.49 45.87
CA SER E 381 23.02 26.18 44.49
C SER E 381 24.16 25.18 44.42
N ILE E 382 24.04 24.22 43.51
CA ILE E 382 25.10 23.27 43.19
C ILE E 382 25.51 23.50 41.74
N THR E 383 26.78 23.79 41.52
CA THR E 383 27.29 24.06 40.17
C THR E 383 27.87 22.78 39.60
N LEU E 384 27.06 22.06 38.82
CA LEU E 384 27.55 20.87 38.14
C LEU E 384 28.41 21.26 36.94
N PRO E 385 29.65 20.82 36.87
CA PRO E 385 30.49 21.17 35.71
C PRO E 385 30.04 20.43 34.46
N CYS E 386 30.05 21.13 33.33
CA CYS E 386 29.61 20.59 32.07
C CYS E 386 30.64 20.87 30.98
N ARG E 387 30.70 19.98 30.00
CA ARG E 387 31.54 20.13 28.83
C ARG E 387 30.68 20.22 27.58
N ILE E 388 31.21 20.87 26.56
CA ILE E 388 30.49 21.09 25.31
C ILE E 388 31.22 20.36 24.20
N LYS E 389 30.51 19.48 23.50
CA LYS E 389 31.05 18.72 22.39
C LYS E 389 30.33 19.12 21.10
N GLN E 390 31.08 19.17 20.01
CA GLN E 390 30.51 19.49 18.70
C GLN E 390 30.41 18.29 17.78
N ILE E 391 31.40 17.41 17.77
CA ILE E 391 31.30 16.13 17.06
C ILE E 391 30.44 15.23 17.92
N ILE E 392 29.17 15.07 17.54
CA ILE E 392 28.17 14.40 18.37
C ILE E 392 28.03 12.96 17.90
N ASN E 393 28.27 12.02 18.81
CA ASN E 393 28.03 10.62 18.57
C ASN E 393 26.72 10.23 19.24
N MET E 394 25.69 10.04 18.44
CA MET E 394 24.36 9.61 18.90
C MET E 394 24.34 8.10 19.13
N TRP E 395 23.14 7.51 19.06
CA TRP E 395 22.88 6.08 19.23
C TRP E 395 23.91 5.18 18.56
N GLN E 396 24.16 4.01 19.15
CA GLN E 396 25.42 3.25 19.16
C GLN E 396 25.96 2.87 17.76
N ARG E 397 25.35 3.17 16.63
CA ARG E 397 26.07 3.04 15.37
C ARG E 397 27.20 4.06 15.31
N ILE E 398 28.39 3.61 14.91
CA ILE E 398 29.57 4.46 14.98
C ILE E 398 29.84 5.21 13.68
N GLY E 399 29.30 4.75 12.56
CA GLY E 399 29.56 5.35 11.27
C GLY E 399 28.72 6.55 10.92
N GLN E 400 27.89 7.03 11.83
CA GLN E 400 27.02 8.19 11.59
C GLN E 400 27.26 9.22 12.68
N CYS E 401 28.09 10.21 12.39
CA CYS E 401 28.41 11.29 13.32
C CYS E 401 27.63 12.55 12.92
N MET E 402 27.91 13.65 13.61
CA MET E 402 27.24 14.91 13.35
C MET E 402 28.12 16.05 13.83
N TYR E 403 28.00 17.21 13.19
CA TYR E 403 28.64 18.42 13.67
C TYR E 403 27.60 19.38 14.22
N ALA E 404 27.97 20.05 15.32
CA ALA E 404 27.06 21.00 15.97
C ALA E 404 27.50 22.42 15.68
N PRO E 405 26.73 23.20 14.90
CA PRO E 405 27.12 24.58 14.66
C PRO E 405 26.93 25.42 15.91
N PRO E 406 27.67 26.51 16.06
CA PRO E 406 27.54 27.35 17.25
C PRO E 406 26.23 28.15 17.24
N ILE E 407 25.91 28.69 18.42
CA ILE E 407 24.69 29.44 18.65
C ILE E 407 25.05 30.88 18.97
N GLN E 408 24.30 31.82 18.40
CA GLN E 408 24.50 33.24 18.68
C GLN E 408 24.25 33.56 20.15
N GLY E 409 25.17 34.30 20.75
CA GLY E 409 25.02 34.77 22.10
C GLY E 409 25.15 33.67 23.14
N VAL E 410 24.77 34.02 24.37
CA VAL E 410 24.79 33.05 25.45
C VAL E 410 23.52 32.20 25.38
N ILE E 411 23.58 31.04 26.04
CA ILE E 411 22.47 30.10 26.10
C ILE E 411 21.98 30.04 27.54
N ARG E 412 20.66 30.11 27.71
CA ARG E 412 20.04 29.94 29.01
C ARG E 412 18.99 28.83 28.92
N CYS E 413 19.04 27.90 29.87
CA CYS E 413 18.14 26.75 29.86
C CYS E 413 17.43 26.64 31.20
N VAL E 414 16.11 26.45 31.13
CA VAL E 414 15.28 26.18 32.31
C VAL E 414 14.50 24.90 32.02
N SER E 415 14.67 23.89 32.87
CA SER E 415 14.05 22.59 32.66
C SER E 415 13.64 22.01 34.01
N ASN E 416 13.09 20.81 33.97
CA ASN E 416 12.65 20.09 35.15
C ASN E 416 13.32 18.73 35.20
N ILE E 417 13.63 18.27 36.41
CA ILE E 417 14.11 16.90 36.63
C ILE E 417 12.93 16.09 37.12
N THR E 418 12.42 15.19 36.26
CA THR E 418 11.21 14.44 36.55
C THR E 418 11.49 12.96 36.77
N GLY E 419 12.72 12.58 37.05
CA GLY E 419 13.03 11.19 37.31
C GLY E 419 14.52 10.92 37.27
N LEU E 420 14.85 9.66 37.54
CA LEU E 420 16.23 9.20 37.58
C LEU E 420 16.32 7.80 37.00
N ILE E 421 17.53 7.42 36.60
CA ILE E 421 17.84 6.07 36.14
C ILE E 421 19.01 5.56 36.98
N LEU E 422 18.81 4.46 37.68
CA LEU E 422 19.77 3.95 38.66
C LEU E 422 20.17 2.51 38.32
N THR E 423 21.41 2.16 38.67
CA THR E 423 21.93 0.81 38.51
C THR E 423 22.57 0.38 39.81
N ARG E 424 22.12 -0.75 40.36
CA ARG E 424 22.60 -1.23 41.64
C ARG E 424 23.87 -2.07 41.45
N ASP E 425 24.81 -1.92 42.38
CA ASP E 425 26.03 -2.70 42.36
C ASP E 425 25.80 -4.16 42.72
N GLY E 426 26.58 -5.04 42.09
CA GLY E 426 26.73 -6.41 42.55
C GLY E 426 27.79 -6.48 43.63
N GLY E 427 28.15 -7.71 43.99
CA GLY E 427 29.12 -7.91 45.05
C GLY E 427 28.60 -7.57 46.42
N SER E 428 27.28 -7.63 46.62
CA SER E 428 26.70 -7.38 47.92
C SER E 428 26.95 -8.57 48.85
N THR E 429 27.38 -8.29 50.07
CA THR E 429 27.65 -9.32 51.06
C THR E 429 26.59 -9.26 52.15
N ASN E 430 25.88 -10.38 52.34
CA ASN E 430 24.87 -10.58 53.39
C ASN E 430 23.69 -9.61 53.29
N SER E 431 23.48 -9.01 52.11
CA SER E 431 22.37 -8.11 51.81
C SER E 431 22.29 -6.93 52.78
N THR E 432 23.40 -6.20 52.89
CA THR E 432 23.46 -5.04 53.76
C THR E 432 24.38 -4.00 53.13
N THR E 433 24.16 -2.73 53.52
CA THR E 433 24.89 -1.55 53.06
C THR E 433 24.91 -1.47 51.53
N GLU E 434 23.72 -1.33 50.96
CA GLU E 434 23.57 -1.36 49.52
C GLU E 434 23.61 0.07 48.97
N THR E 435 24.38 0.27 47.90
CA THR E 435 24.51 1.58 47.29
C THR E 435 24.12 1.51 45.82
N PHE E 436 23.78 2.68 45.27
CA PHE E 436 23.30 2.80 43.90
C PHE E 436 24.13 3.78 43.09
N ARG E 437 24.31 3.47 41.81
CA ARG E 437 25.08 4.25 40.86
C ARG E 437 24.17 4.70 39.72
N PRO E 438 24.27 5.95 39.27
CA PRO E 438 23.59 6.34 38.03
C PRO E 438 24.27 5.72 36.83
N GLY E 439 23.49 5.53 35.77
CA GLY E 439 24.03 4.95 34.57
C GLY E 439 23.00 4.54 33.54
N GLY E 440 23.13 3.33 33.00
CA GLY E 440 22.24 2.87 31.97
C GLY E 440 22.72 3.25 30.58
N GLY E 441 22.18 4.33 30.04
CA GLY E 441 22.55 4.82 28.74
C GLY E 441 21.75 4.25 27.59
N ASP E 442 20.95 3.21 27.83
CA ASP E 442 20.08 2.67 26.79
C ASP E 442 18.93 3.64 26.57
N MET E 443 18.77 4.10 25.33
CA MET E 443 17.81 5.16 25.03
C MET E 443 16.37 4.63 25.07
N ARG E 444 16.17 3.32 24.95
CA ARG E 444 14.84 2.74 25.09
C ARG E 444 14.32 2.89 26.52
N ASP E 445 15.21 2.91 27.50
CA ASP E 445 14.80 3.09 28.89
C ASP E 445 14.37 4.52 29.19
N ASN E 446 14.71 5.47 28.32
CA ASN E 446 14.31 6.86 28.54
C ASN E 446 12.81 7.05 28.41
N TRP E 447 12.18 6.36 27.47
CA TRP E 447 10.76 6.53 27.20
C TRP E 447 9.88 5.47 27.83
N ARG E 448 10.45 4.61 28.69
CA ARG E 448 9.64 3.66 29.42
C ARG E 448 8.93 4.29 30.61
N SER E 449 9.24 5.56 30.93
CA SER E 449 8.51 6.31 31.93
C SER E 449 7.36 7.12 31.34
N GLU E 450 7.24 7.18 30.01
CA GLU E 450 6.16 7.91 29.38
C GLU E 450 5.20 7.02 28.59
N LEU E 451 5.63 5.85 28.15
CA LEU E 451 4.77 4.89 27.48
C LEU E 451 4.45 3.71 28.39
N TYR E 452 4.49 3.93 29.71
CA TYR E 452 4.24 2.88 30.68
C TYR E 452 2.76 2.58 30.87
N LYS E 453 1.87 3.43 30.35
CA LYS E 453 0.44 3.27 30.57
C LYS E 453 -0.29 2.67 29.39
N TYR E 454 0.31 2.63 28.20
CA TYR E 454 -0.39 2.36 26.96
C TYR E 454 0.07 1.05 26.35
N LYS E 455 -0.89 0.20 25.97
CA LYS E 455 -0.63 -1.00 25.18
C LYS E 455 -1.67 -1.10 24.08
N VAL E 456 -1.28 -1.71 22.96
CA VAL E 456 -2.13 -1.81 21.78
C VAL E 456 -2.70 -3.22 21.71
N VAL E 457 -3.99 -3.32 21.34
CA VAL E 457 -4.68 -4.60 21.19
C VAL E 457 -5.39 -4.62 19.86
N LYS E 458 -5.69 -5.84 19.41
CA LYS E 458 -6.37 -6.07 18.14
C LYS E 458 -7.78 -6.56 18.40
N ILE E 459 -8.75 -5.89 17.80
CA ILE E 459 -10.16 -6.22 18.03
C ILE E 459 -10.53 -7.45 17.22
N GLU E 460 -11.11 -8.45 17.88
CA GLU E 460 -11.65 -9.65 17.25
C GLU E 460 -13.16 -9.61 17.38
N PRO E 461 -13.87 -8.93 16.48
CA PRO E 461 -15.28 -8.59 16.72
C PRO E 461 -16.28 -9.68 16.38
N LEU E 462 -15.87 -10.93 16.16
CA LEU E 462 -16.79 -11.99 15.79
C LEU E 462 -16.68 -13.10 16.82
N GLY E 463 -17.84 -13.60 17.27
CA GLY E 463 -17.88 -14.66 18.25
C GLY E 463 -19.22 -15.34 18.25
N VAL E 464 -19.25 -16.56 18.79
CA VAL E 464 -20.46 -17.37 18.80
C VAL E 464 -20.97 -17.50 20.24
N ALA E 465 -22.23 -17.89 20.37
CA ALA E 465 -22.88 -18.07 21.68
C ALA E 465 -24.13 -18.90 21.48
N PRO E 466 -24.49 -19.75 22.45
CA PRO E 466 -25.70 -20.56 22.30
C PRO E 466 -26.96 -19.91 22.87
N THR E 467 -28.01 -19.84 22.05
CA THR E 467 -29.35 -19.46 22.50
C THR E 467 -30.37 -20.14 21.60
N ARG E 468 -31.60 -19.64 21.60
CA ARG E 468 -32.73 -20.30 20.95
C ARG E 468 -33.06 -19.62 19.62
N CYS E 469 -32.77 -20.32 18.51
CA CYS E 469 -33.27 -19.95 17.20
C CYS E 469 -33.44 -21.18 16.32
N LYS E 470 -34.29 -21.06 15.32
CA LYS E 470 -34.48 -22.04 14.27
C LYS E 470 -34.52 -21.31 12.94
N ARG E 471 -33.73 -21.78 11.97
CA ARG E 471 -33.68 -21.11 10.68
C ARG E 471 -34.96 -21.34 9.90
N ARG E 472 -35.49 -20.26 9.33
CA ARG E 472 -36.71 -20.31 8.54
C ARG E 472 -36.38 -20.93 7.19
N VAL E 473 -36.71 -22.21 7.02
CA VAL E 473 -36.44 -22.90 5.77
C VAL E 473 -37.44 -22.46 4.71
N ALA F 1 -33.58 5.94 34.66
CA ALA F 1 -33.01 5.72 33.34
C ALA F 1 -32.33 6.99 32.82
N VAL F 2 -32.51 8.08 33.56
CA VAL F 2 -31.93 9.37 33.18
C VAL F 2 -30.92 9.78 34.25
N GLY F 3 -30.21 10.86 33.97
CA GLY F 3 -29.18 11.34 34.87
C GLY F 3 -27.97 10.45 34.89
N ILE F 4 -27.76 9.73 36.00
CA ILE F 4 -26.65 8.78 36.08
C ILE F 4 -26.95 7.51 35.31
N GLY F 5 -28.22 7.21 35.04
CA GLY F 5 -28.63 6.02 34.34
C GLY F 5 -28.76 6.17 32.83
N ALA F 6 -28.33 7.29 32.26
CA ALA F 6 -28.44 7.49 30.83
C ALA F 6 -27.41 6.66 30.08
N VAL F 7 -27.60 6.57 28.76
CA VAL F 7 -26.77 5.73 27.91
C VAL F 7 -25.77 6.62 27.17
N PHE F 8 -24.50 6.43 27.48
CA PHE F 8 -23.38 7.13 26.83
C PHE F 8 -22.28 6.12 26.50
N LEU F 9 -22.67 5.03 25.84
CA LEU F 9 -21.83 3.84 25.72
C LEU F 9 -20.54 4.11 24.95
N GLY F 10 -20.62 4.87 23.85
CA GLY F 10 -19.43 5.14 23.06
C GLY F 10 -18.86 3.88 22.38
N PHE F 11 -17.55 3.90 22.18
CA PHE F 11 -16.86 2.75 21.61
C PHE F 11 -16.32 1.86 22.72
N LEU F 12 -16.59 0.56 22.61
CA LEU F 12 -16.13 -0.49 23.53
C LEU F 12 -16.61 -0.28 24.96
N GLY F 13 -17.65 0.53 25.17
CA GLY F 13 -18.12 0.84 26.51
C GLY F 13 -18.79 -0.31 27.21
N ALA F 14 -19.29 -1.29 26.47
CA ALA F 14 -19.89 -2.49 27.04
C ALA F 14 -18.90 -3.64 27.13
N ALA F 15 -17.61 -3.34 27.32
CA ALA F 15 -16.59 -4.38 27.37
C ALA F 15 -16.73 -5.25 28.60
N GLY F 16 -16.92 -4.64 29.76
CA GLY F 16 -17.13 -5.37 30.99
C GLY F 16 -18.59 -5.66 31.31
N SER F 17 -19.48 -5.44 30.36
CA SER F 17 -20.91 -5.59 30.61
C SER F 17 -21.32 -7.05 30.49
N THR F 18 -22.50 -7.35 31.03
CA THR F 18 -23.10 -8.65 30.87
C THR F 18 -23.54 -8.85 29.42
N MET F 19 -23.67 -10.12 29.03
CA MET F 19 -23.95 -10.46 27.65
C MET F 19 -25.34 -10.00 27.20
N GLY F 20 -26.31 -9.97 28.11
CA GLY F 20 -27.61 -9.43 27.76
C GLY F 20 -27.56 -7.93 27.52
N ALA F 21 -26.80 -7.22 28.36
CA ALA F 21 -26.66 -5.78 28.18
C ALA F 21 -25.75 -5.43 27.00
N ALA F 22 -24.77 -6.28 26.71
CA ALA F 22 -23.86 -6.03 25.59
C ALA F 22 -24.44 -6.48 24.26
N SER F 23 -25.55 -7.21 24.26
CA SER F 23 -26.19 -7.64 23.02
C SER F 23 -26.86 -6.49 22.27
N MET F 24 -27.17 -5.40 22.96
CA MET F 24 -27.71 -4.19 22.35
C MET F 24 -26.62 -3.31 21.75
N THR F 25 -25.34 -3.62 22.01
CA THR F 25 -24.24 -2.72 21.75
C THR F 25 -23.39 -3.13 20.54
N LEU F 26 -23.88 -4.05 19.72
CA LEU F 26 -23.11 -4.50 18.55
C LEU F 26 -23.10 -3.47 17.43
N THR F 27 -24.00 -2.49 17.47
CA THR F 27 -24.07 -1.50 16.40
C THR F 27 -22.89 -0.54 16.45
N VAL F 28 -22.51 -0.09 17.65
CA VAL F 28 -21.49 0.95 17.79
C VAL F 28 -20.07 0.43 17.61
N GLN F 29 -19.86 -0.88 17.64
CA GLN F 29 -18.53 -1.45 17.51
C GLN F 29 -18.19 -1.85 16.08
N ALA F 30 -19.08 -1.59 15.13
CA ALA F 30 -18.85 -1.95 13.74
C ALA F 30 -18.31 -0.82 12.91
N ARG F 31 -18.72 0.43 13.17
CA ARG F 31 -18.31 1.54 12.33
C ARG F 31 -16.85 1.92 12.54
N ASN F 32 -16.27 1.60 13.70
CA ASN F 32 -14.86 1.92 13.94
C ASN F 32 -13.99 0.70 13.59
N LEU F 33 -14.09 0.29 12.33
CA LEU F 33 -13.24 -0.74 11.76
C LEU F 33 -12.59 -0.31 10.45
N LEU F 34 -13.01 0.80 9.87
CA LEU F 34 -12.45 1.33 8.64
C LEU F 34 -12.11 2.80 8.69
N SER F 35 -12.75 3.59 9.56
CA SER F 35 -12.55 5.02 9.60
C SER F 35 -11.32 5.37 10.43
N GLY F 36 -11.14 6.67 10.68
CA GLY F 36 -10.03 7.20 11.44
C GLY F 36 -8.93 7.81 10.59
N ILE F 37 -8.78 7.36 9.35
CA ILE F 37 -7.78 7.89 8.43
C ILE F 37 -8.54 8.51 7.28
N VAL F 38 -9.71 9.08 7.58
CA VAL F 38 -10.57 9.66 6.55
C VAL F 38 -9.99 10.94 5.97
N GLN F 39 -9.07 11.59 6.66
CA GLN F 39 -8.43 12.82 6.17
C GLN F 39 -6.92 12.66 6.25
N GLN F 40 -6.24 13.11 5.19
CA GLN F 40 -4.78 13.04 5.14
C GLN F 40 -4.16 14.27 5.79
N LEU F 57 9.34 10.57 -0.25
CA LEU F 57 9.00 10.43 1.16
C LEU F 57 8.85 8.95 1.54
N THR F 58 9.87 8.42 2.22
CA THR F 58 9.87 7.00 2.57
C THR F 58 9.02 6.73 3.80
N VAL F 59 9.19 7.52 4.86
CA VAL F 59 8.46 7.32 6.09
C VAL F 59 7.02 7.79 5.91
N TRP F 60 6.08 7.00 6.44
CA TRP F 60 4.62 7.15 6.36
C TRP F 60 4.07 7.01 4.95
N GLY F 61 4.89 6.67 3.96
CA GLY F 61 4.38 6.25 2.68
C GLY F 61 4.19 4.74 2.73
N ILE F 62 4.83 4.13 3.71
CA ILE F 62 4.69 2.70 3.99
C ILE F 62 4.03 2.47 5.34
N LYS F 63 4.39 3.27 6.35
CA LYS F 63 3.81 3.13 7.68
C LYS F 63 2.33 3.44 7.71
N GLN F 64 1.84 4.25 6.77
CA GLN F 64 0.41 4.53 6.68
C GLN F 64 -0.29 3.58 5.71
N LEU F 65 0.36 3.23 4.60
CA LEU F 65 -0.29 2.41 3.58
C LEU F 65 -0.39 0.95 4.03
N GLN F 66 0.61 0.45 4.76
CA GLN F 66 0.57 -0.94 5.20
C GLN F 66 -0.51 -1.18 6.25
N ALA F 67 -0.78 -0.22 7.12
CA ALA F 67 -1.82 -0.37 8.12
C ALA F 67 -3.21 -0.06 7.57
N ARG F 68 -3.31 0.74 6.52
CA ARG F 68 -4.62 1.03 5.94
C ARG F 68 -5.13 -0.15 5.13
N VAL F 69 -4.25 -0.82 4.39
CA VAL F 69 -4.70 -1.99 3.62
C VAL F 69 -4.89 -3.19 4.53
N LEU F 70 -4.24 -3.19 5.70
CA LEU F 70 -4.43 -4.28 6.66
C LEU F 70 -5.81 -4.20 7.29
N ALA F 71 -6.30 -2.99 7.57
CA ALA F 71 -7.64 -2.82 8.11
C ALA F 71 -8.70 -3.21 7.09
N VAL F 72 -8.42 -3.01 5.79
CA VAL F 72 -9.34 -3.45 4.75
C VAL F 72 -9.38 -4.97 4.69
N GLU F 73 -8.21 -5.61 4.71
CA GLU F 73 -8.16 -7.07 4.59
C GLU F 73 -8.71 -7.78 5.81
N ARG F 74 -8.55 -7.21 7.01
CA ARG F 74 -9.15 -7.80 8.19
C ARG F 74 -10.67 -7.63 8.20
N TYR F 75 -11.17 -6.52 7.64
CA TYR F 75 -12.61 -6.31 7.58
C TYR F 75 -13.26 -7.24 6.56
N LEU F 76 -12.66 -7.37 5.37
CA LEU F 76 -13.20 -8.29 4.38
C LEU F 76 -13.02 -9.75 4.77
N ARG F 77 -12.05 -10.06 5.64
CA ARG F 77 -11.93 -11.43 6.14
C ARG F 77 -13.09 -11.77 7.07
N ASP F 78 -13.49 -10.84 7.92
CA ASP F 78 -14.62 -11.06 8.82
C ASP F 78 -15.95 -11.11 8.08
N GLN F 79 -16.09 -10.30 7.02
CA GLN F 79 -17.33 -10.30 6.26
C GLN F 79 -17.45 -11.53 5.38
N GLN F 80 -16.34 -12.08 4.90
CA GLN F 80 -16.41 -13.18 3.95
C GLN F 80 -16.85 -14.48 4.62
N LEU F 81 -16.30 -14.78 5.79
CA LEU F 81 -16.78 -15.94 6.55
C LEU F 81 -18.21 -15.73 7.03
N LEU F 82 -18.61 -14.48 7.25
CA LEU F 82 -20.02 -14.19 7.48
C LEU F 82 -20.87 -14.40 6.24
N GLY F 83 -20.25 -14.45 5.06
CA GLY F 83 -20.98 -14.75 3.83
C GLY F 83 -20.98 -16.23 3.49
N ILE F 84 -19.91 -16.93 3.86
CA ILE F 84 -19.86 -18.37 3.66
C ILE F 84 -20.88 -19.07 4.55
N TRP F 85 -21.08 -18.57 5.77
CA TRP F 85 -22.10 -19.12 6.66
C TRP F 85 -23.52 -18.80 6.22
N GLY F 86 -23.70 -17.91 5.24
CA GLY F 86 -24.97 -17.72 4.59
C GLY F 86 -25.83 -16.59 5.10
N CYS F 87 -25.35 -15.80 6.05
CA CYS F 87 -26.14 -14.73 6.65
C CYS F 87 -25.32 -13.45 6.77
N SER F 88 -24.66 -13.06 5.68
CA SER F 88 -23.92 -11.81 5.66
C SER F 88 -24.87 -10.63 5.70
N GLY F 89 -24.39 -9.52 6.26
CA GLY F 89 -25.20 -8.32 6.40
C GLY F 89 -26.11 -8.30 7.60
N LYS F 90 -26.05 -9.32 8.46
CA LYS F 90 -26.88 -9.39 9.66
C LYS F 90 -25.98 -9.27 10.89
N LEU F 91 -26.33 -8.35 11.78
CA LEU F 91 -25.52 -8.14 12.97
C LEU F 91 -25.65 -9.29 13.96
N ILE F 92 -26.86 -9.84 14.11
CA ILE F 92 -27.10 -10.99 14.96
C ILE F 92 -27.65 -12.09 14.05
N CYS F 93 -26.78 -13.04 13.69
CA CYS F 93 -27.17 -14.19 12.89
C CYS F 93 -27.23 -15.42 13.79
N CYS F 94 -28.37 -16.10 13.77
CA CYS F 94 -28.54 -17.34 14.52
C CYS F 94 -28.99 -18.44 13.58
N THR F 95 -28.10 -19.38 13.31
CA THR F 95 -28.24 -20.43 12.30
C THR F 95 -28.83 -21.70 12.91
N ASN F 96 -28.77 -22.81 12.18
CA ASN F 96 -29.46 -24.04 12.52
C ASN F 96 -28.44 -25.17 12.64
N VAL F 97 -27.40 -24.95 13.43
CA VAL F 97 -26.36 -25.96 13.68
C VAL F 97 -26.41 -26.34 15.15
N PRO F 98 -26.62 -27.61 15.49
CA PRO F 98 -26.54 -28.02 16.90
C PRO F 98 -25.12 -27.93 17.42
N TRP F 99 -25.00 -27.66 18.72
CA TRP F 99 -23.71 -27.49 19.37
C TRP F 99 -23.49 -28.61 20.37
N ASN F 100 -22.23 -29.05 20.49
CA ASN F 100 -21.91 -30.11 21.44
C ASN F 100 -21.83 -29.54 22.86
N SER F 101 -22.32 -30.31 23.82
CA SER F 101 -22.35 -29.86 25.21
C SER F 101 -21.01 -29.99 25.91
N SER F 102 -20.02 -30.63 25.28
CA SER F 102 -18.70 -30.78 25.90
C SER F 102 -17.91 -29.48 25.93
N TRP F 103 -18.26 -28.52 25.08
CA TRP F 103 -17.53 -27.26 25.06
C TRP F 103 -17.83 -26.41 26.29
N SER F 104 -19.09 -26.42 26.74
CA SER F 104 -19.49 -25.61 27.89
C SER F 104 -20.69 -26.27 28.55
N ASN F 105 -20.53 -26.71 29.78
CA ASN F 105 -21.61 -27.32 30.55
C ASN F 105 -22.36 -26.29 31.38
N ARG F 106 -22.76 -25.20 30.74
CA ARG F 106 -23.53 -24.14 31.39
C ARG F 106 -24.81 -23.89 30.60
N ASN F 107 -25.90 -23.68 31.34
CA ASN F 107 -27.19 -23.44 30.70
C ASN F 107 -27.32 -21.97 30.27
N LEU F 108 -28.53 -21.58 29.90
CA LEU F 108 -28.77 -20.22 29.43
C LEU F 108 -28.64 -19.21 30.56
N SER F 109 -29.08 -19.60 31.77
CA SER F 109 -29.06 -18.67 32.89
C SER F 109 -27.66 -18.47 33.47
N GLU F 110 -26.72 -19.36 33.15
CA GLU F 110 -25.35 -19.27 33.67
C GLU F 110 -24.36 -18.73 32.64
N ILE F 111 -24.84 -18.11 31.56
CA ILE F 111 -23.96 -17.59 30.53
C ILE F 111 -24.24 -16.11 30.28
N TRP F 112 -25.52 -15.78 30.05
CA TRP F 112 -25.89 -14.49 29.48
C TRP F 112 -25.86 -13.33 30.48
N ASP F 113 -25.82 -13.60 31.79
CA ASP F 113 -25.90 -12.50 32.75
C ASP F 113 -24.92 -12.56 33.90
N ASN F 114 -24.22 -13.66 34.13
CA ASN F 114 -23.34 -13.78 35.28
C ASN F 114 -21.87 -13.57 34.96
N MET F 115 -21.48 -13.58 33.70
CA MET F 115 -20.06 -13.51 33.35
C MET F 115 -19.86 -12.62 32.15
N THR F 116 -18.64 -12.07 32.06
CA THR F 116 -18.24 -11.13 31.02
C THR F 116 -17.76 -11.91 29.80
N TRP F 117 -18.03 -11.34 28.61
CA TRP F 117 -17.69 -11.99 27.35
C TRP F 117 -16.20 -12.22 27.16
N LEU F 118 -15.34 -11.43 27.83
CA LEU F 118 -13.89 -11.54 27.63
C LEU F 118 -13.35 -12.88 28.10
N GLN F 119 -13.72 -13.32 29.30
CA GLN F 119 -13.27 -14.62 29.78
C GLN F 119 -14.00 -15.78 29.12
N TRP F 120 -15.16 -15.51 28.50
CA TRP F 120 -15.87 -16.56 27.79
C TRP F 120 -15.15 -16.96 26.51
N ASP F 121 -14.50 -16.00 25.86
CA ASP F 121 -13.76 -16.29 24.63
C ASP F 121 -12.56 -17.18 24.89
N LYS F 122 -11.94 -17.05 26.07
CA LYS F 122 -10.82 -17.93 26.42
C LYS F 122 -11.29 -19.35 26.69
N GLU F 123 -12.53 -19.52 27.17
CA GLU F 123 -13.05 -20.85 27.43
C GLU F 123 -13.32 -21.61 26.13
N ILE F 124 -13.74 -20.91 25.08
CA ILE F 124 -14.04 -21.52 23.79
C ILE F 124 -12.94 -21.20 22.78
N SER F 125 -11.77 -20.75 23.27
CA SER F 125 -10.64 -20.49 22.38
C SER F 125 -10.10 -21.79 21.78
N ASN F 126 -10.09 -22.87 22.57
CA ASN F 126 -9.64 -24.16 22.06
C ASN F 126 -10.63 -24.75 21.06
N TYR F 127 -11.93 -24.61 21.34
CA TYR F 127 -12.98 -25.20 20.51
C TYR F 127 -13.51 -24.22 19.46
N THR F 128 -12.69 -23.26 19.05
CA THR F 128 -13.11 -22.31 18.03
C THR F 128 -13.12 -22.95 16.65
N GLN F 129 -12.10 -23.74 16.34
CA GLN F 129 -11.95 -24.27 14.98
C GLN F 129 -12.95 -25.38 14.69
N ILE F 130 -13.45 -26.07 15.72
CA ILE F 130 -14.50 -27.06 15.51
C ILE F 130 -15.79 -26.39 15.10
N ILE F 131 -16.17 -25.33 15.82
CA ILE F 131 -17.47 -24.68 15.58
C ILE F 131 -17.43 -23.72 14.40
N TYR F 132 -16.24 -23.20 14.03
CA TYR F 132 -16.14 -22.32 12.88
C TYR F 132 -16.20 -23.07 11.56
N GLY F 133 -15.93 -24.37 11.56
CA GLY F 133 -15.91 -25.15 10.33
C GLY F 133 -17.17 -25.95 10.13
N LEU F 134 -17.89 -26.21 11.22
CA LEU F 134 -19.15 -26.93 11.14
C LEU F 134 -20.28 -26.06 10.60
N LEU F 135 -20.13 -24.74 10.66
CA LEU F 135 -21.17 -23.84 10.19
C LEU F 135 -21.32 -23.89 8.68
N GLU F 136 -20.19 -23.85 7.94
CA GLU F 136 -20.27 -23.88 6.49
C GLU F 136 -20.54 -25.28 5.94
N GLU F 137 -20.31 -26.33 6.75
CA GLU F 137 -20.66 -27.68 6.30
C GLU F 137 -22.16 -27.90 6.34
N SER F 138 -22.88 -27.18 7.20
CA SER F 138 -24.34 -27.23 7.23
C SER F 138 -24.99 -26.12 6.43
N GLN F 139 -24.19 -25.29 5.76
CA GLN F 139 -24.71 -24.23 4.90
C GLN F 139 -24.71 -24.62 3.42
N ASN F 140 -23.66 -25.32 2.97
CA ASN F 140 -23.69 -25.90 1.63
C ASN F 140 -24.74 -26.98 1.52
N GLN F 141 -24.96 -27.74 2.60
CA GLN F 141 -26.08 -28.68 2.63
C GLN F 141 -27.41 -27.94 2.65
N GLN F 142 -27.46 -26.79 3.31
CA GLN F 142 -28.68 -25.97 3.31
C GLN F 142 -28.99 -25.42 1.93
N GLU F 143 -27.96 -24.97 1.20
CA GLU F 143 -28.19 -24.45 -0.15
C GLU F 143 -28.51 -25.57 -1.13
N LYS F 144 -27.97 -26.76 -0.91
CA LYS F 144 -28.34 -27.91 -1.74
C LYS F 144 -29.77 -28.35 -1.46
N ASN F 145 -30.19 -28.30 -0.19
CA ASN F 145 -31.56 -28.64 0.15
C ASN F 145 -32.53 -27.58 -0.37
N GLU F 146 -32.09 -26.32 -0.47
CA GLU F 146 -32.94 -25.28 -1.02
C GLU F 146 -33.15 -25.49 -2.52
N GLN F 147 -32.14 -26.03 -3.22
CA GLN F 147 -32.25 -26.24 -4.65
C GLN F 147 -33.22 -27.38 -4.99
N ASP F 148 -33.28 -28.41 -4.14
CA ASP F 148 -34.17 -29.53 -4.41
C ASP F 148 -35.64 -29.15 -4.21
N LEU F 149 -35.93 -28.40 -3.14
CA LEU F 149 -37.31 -28.04 -2.85
C LEU F 149 -37.82 -26.97 -3.81
N LEU F 150 -36.92 -26.14 -4.34
CA LEU F 150 -37.34 -25.09 -5.26
C LEU F 150 -37.75 -25.65 -6.61
N ALA F 151 -37.10 -26.71 -7.07
CA ALA F 151 -37.43 -27.33 -8.35
C ALA F 151 -37.92 -28.76 -8.17
N VAL G 2 -12.04 14.34 35.31
CA VAL G 2 -12.54 15.68 35.04
C VAL G 2 -12.39 16.53 36.32
N GLN G 3 -12.10 17.81 36.16
CA GLN G 3 -12.13 18.77 37.26
C GLN G 3 -13.05 19.94 36.88
N LEU G 4 -13.88 20.35 37.83
CA LEU G 4 -14.81 21.46 37.64
C LEU G 4 -14.48 22.54 38.65
N GLN G 5 -14.46 23.79 38.21
CA GLN G 5 -14.20 24.92 39.09
C GLN G 5 -15.17 26.06 38.78
N GLU G 6 -15.96 26.43 39.78
CA GLU G 6 -16.90 27.54 39.69
C GLU G 6 -16.16 28.86 39.91
N SER G 7 -16.62 29.90 39.21
CA SER G 7 -16.08 31.24 39.41
C SER G 7 -17.16 32.27 39.13
N GLY G 8 -16.99 33.45 39.72
CA GLY G 8 -17.87 34.57 39.47
C GLY G 8 -17.96 35.48 40.68
N PRO G 9 -18.73 36.56 40.58
CA PRO G 9 -18.82 37.51 41.70
C PRO G 9 -19.52 36.88 42.90
N GLY G 10 -18.97 37.11 44.09
CA GLY G 10 -19.56 36.58 45.30
C GLY G 10 -20.63 37.44 45.95
N LEU G 11 -20.92 38.60 45.36
CA LEU G 11 -21.94 39.50 45.88
C LEU G 11 -22.72 40.09 44.72
N VAL G 12 -24.05 39.96 44.78
CA VAL G 12 -24.94 40.40 43.70
C VAL G 12 -26.07 41.21 44.34
N LYS G 13 -26.34 42.38 43.78
CA LYS G 13 -27.42 43.22 44.28
C LYS G 13 -28.78 42.67 43.85
N PRO G 14 -29.78 42.74 44.73
CA PRO G 14 -31.12 42.23 44.40
C PRO G 14 -31.71 42.88 43.15
N SER G 15 -32.46 42.06 42.39
CA SER G 15 -33.13 42.39 41.12
C SER G 15 -32.17 42.42 39.93
N GLN G 16 -30.86 42.36 40.18
CA GLN G 16 -29.87 42.33 39.13
C GLN G 16 -29.62 40.88 38.71
N SER G 17 -28.72 40.67 37.77
CA SER G 17 -28.48 39.34 37.23
C SER G 17 -27.24 38.71 37.87
N LEU G 18 -27.33 37.42 38.16
CA LEU G 18 -26.23 36.63 38.68
C LEU G 18 -25.59 35.84 37.54
N SER G 19 -24.29 36.02 37.34
CA SER G 19 -23.55 35.23 36.35
C SER G 19 -22.43 34.46 37.02
N LEU G 20 -22.33 33.16 36.70
CA LEU G 20 -21.22 32.33 37.14
C LEU G 20 -20.63 31.58 35.96
N THR G 21 -19.33 31.30 36.04
CA THR G 21 -18.68 30.48 35.04
C THR G 21 -18.25 29.17 35.69
N CYS G 22 -18.49 28.06 35.01
CA CYS G 22 -17.89 26.77 35.34
C CYS G 22 -16.85 26.46 34.28
N SER G 23 -15.58 26.40 34.69
CA SER G 23 -14.50 26.00 33.80
C SER G 23 -14.22 24.50 33.91
N VAL G 24 -14.33 23.80 32.78
CA VAL G 24 -14.12 22.37 32.69
C VAL G 24 -12.77 22.14 32.01
N THR G 25 -11.98 21.21 32.54
CA THR G 25 -10.74 20.77 31.92
C THR G 25 -10.64 19.25 31.96
N GLY G 26 -9.81 18.70 31.07
CA GLY G 26 -9.63 17.26 30.96
C GLY G 26 -10.67 16.48 30.17
N TYR G 27 -11.76 17.11 29.71
CA TYR G 27 -12.72 16.38 28.89
C TYR G 27 -13.52 17.39 28.07
N SER G 28 -13.96 16.97 26.89
CA SER G 28 -14.70 17.85 25.98
C SER G 28 -16.20 17.73 26.21
N ILE G 29 -16.84 18.88 26.43
CA ILE G 29 -18.29 18.97 26.65
C ILE G 29 -19.13 18.80 25.38
N THR G 30 -18.51 18.69 24.20
CA THR G 30 -19.27 18.45 22.96
C THR G 30 -19.30 17.00 22.47
N SER G 31 -18.86 16.04 23.27
CA SER G 31 -19.05 14.65 22.89
C SER G 31 -19.45 13.81 24.10
N ALA G 32 -20.45 14.23 24.86
CA ALA G 32 -20.34 13.97 26.27
C ALA G 32 -21.70 13.76 26.94
N TYR G 33 -21.60 13.63 28.25
CA TYR G 33 -22.53 13.44 29.35
C TYR G 33 -23.37 14.69 29.62
N TYR G 34 -24.05 14.66 30.77
CA TYR G 34 -24.94 15.74 31.18
C TYR G 34 -24.22 16.59 32.21
N TRP G 35 -24.34 17.90 32.03
CA TRP G 35 -23.69 18.92 32.85
C TRP G 35 -24.73 19.80 33.52
N ASN G 36 -24.77 19.78 34.85
CA ASN G 36 -25.88 20.26 35.65
C ASN G 36 -25.38 21.42 36.53
N TRP G 37 -26.31 22.25 36.95
CA TRP G 37 -26.11 23.18 38.06
C TRP G 37 -27.00 22.79 39.23
N ILE G 38 -26.41 22.66 40.41
CA ILE G 38 -27.11 22.29 41.64
C ILE G 38 -26.64 23.25 42.73
N ARG G 39 -27.57 23.74 43.55
CA ARG G 39 -27.23 24.64 44.64
C ARG G 39 -27.69 24.09 45.98
N GLN G 40 -27.01 24.51 47.04
CA GLN G 40 -27.31 24.09 48.41
C GLN G 40 -27.69 25.31 49.22
N PHE G 41 -28.90 25.30 49.78
CA PHE G 41 -29.42 26.42 50.54
C PHE G 41 -28.87 26.40 51.96
N PRO G 42 -29.00 27.51 52.70
CA PRO G 42 -28.80 27.43 54.15
C PRO G 42 -29.78 26.44 54.78
N GLY G 43 -29.24 25.58 55.63
CA GLY G 43 -30.00 24.46 56.15
C GLY G 43 -29.77 23.18 55.39
N LYS G 44 -28.89 23.20 54.38
CA LYS G 44 -28.45 22.02 53.62
C LYS G 44 -29.60 21.34 52.88
N LYS G 45 -30.29 22.10 52.03
CA LYS G 45 -31.24 21.53 51.10
C LYS G 45 -30.74 21.77 49.67
N LEU G 46 -30.89 20.76 48.83
CA LEU G 46 -30.43 20.81 47.44
C LEU G 46 -31.62 20.93 46.48
N GLU G 47 -31.49 21.82 45.49
CA GLU G 47 -32.49 21.95 44.44
C GLU G 47 -31.77 21.98 43.09
N TRP G 48 -32.16 21.07 42.20
CA TRP G 48 -31.68 21.02 40.82
C TRP G 48 -32.35 22.05 39.89
N MET G 49 -31.52 22.84 39.19
CA MET G 49 -32.01 23.92 38.33
C MET G 49 -32.18 23.49 36.88
N GLY G 50 -31.25 22.69 36.35
CA GLY G 50 -31.31 22.34 34.95
C GLY G 50 -30.03 21.66 34.49
N TYR G 51 -30.04 21.23 33.22
CA TYR G 51 -28.93 20.53 32.60
C TYR G 51 -28.65 21.02 31.19
N LEU G 52 -27.59 20.47 30.60
CA LEU G 52 -27.21 20.68 29.21
C LEU G 52 -26.83 19.35 28.59
N LEU G 53 -26.95 19.25 27.26
CA LEU G 53 -26.45 18.10 26.53
C LEU G 53 -25.37 18.52 25.53
N TYR G 54 -24.58 17.54 25.09
CA TYR G 54 -23.56 17.71 24.05
C TYR G 54 -24.11 18.28 22.74
N ASP G 55 -25.40 18.11 22.46
CA ASP G 55 -26.01 18.60 21.23
C ASP G 55 -26.66 19.97 21.37
N GLY G 56 -26.54 20.61 22.54
CA GLY G 56 -27.02 21.96 22.73
C GLY G 56 -28.44 22.06 23.24
N SER G 57 -29.13 20.93 23.42
CA SER G 57 -30.48 20.96 23.95
C SER G 57 -30.47 21.37 25.42
N THR G 58 -31.50 22.11 25.82
CA THR G 58 -31.58 22.67 27.17
C THR G 58 -32.79 22.12 27.89
N GLY G 59 -32.63 21.95 29.21
CA GLY G 59 -33.72 21.51 30.06
C GLY G 59 -33.66 22.21 31.40
N TYR G 60 -34.81 22.60 31.94
CA TYR G 60 -34.87 23.36 33.18
C TYR G 60 -36.01 22.84 34.04
N ASN G 61 -35.89 23.03 35.34
CA ASN G 61 -36.99 22.74 36.25
C ASN G 61 -38.12 23.73 35.94
N PRO G 62 -39.34 23.24 35.68
CA PRO G 62 -40.47 24.16 35.43
C PRO G 62 -40.74 25.17 36.53
N SER G 63 -40.43 24.84 37.80
CA SER G 63 -40.65 25.73 38.93
C SER G 63 -39.90 27.06 38.82
N LEU G 64 -38.86 27.14 37.99
CA LEU G 64 -38.01 28.32 37.84
C LEU G 64 -38.48 29.22 36.70
N LYS G 65 -39.57 28.83 36.04
CA LYS G 65 -40.18 29.55 34.93
C LYS G 65 -39.23 29.95 33.80
N ASN G 66 -39.26 31.22 33.38
CA ASN G 66 -38.30 31.76 32.42
C ASN G 66 -37.15 32.47 33.14
N ARG G 67 -36.97 32.27 34.45
CA ARG G 67 -35.95 33.04 35.17
C ARG G 67 -34.52 32.68 34.82
N ILE G 68 -34.28 31.55 34.15
CA ILE G 68 -32.92 31.03 33.95
C ILE G 68 -32.68 30.76 32.47
N SER G 69 -31.58 31.29 31.95
CA SER G 69 -31.00 30.86 30.68
C SER G 69 -29.64 30.25 30.98
N ILE G 70 -29.37 29.08 30.42
CA ILE G 70 -28.08 28.41 30.54
C ILE G 70 -27.46 28.23 29.16
N THR G 71 -26.17 28.57 29.05
CA THR G 71 -25.44 28.84 27.82
C THR G 71 -24.03 28.27 27.95
N ARG G 72 -23.30 28.21 26.84
CA ARG G 72 -21.97 27.62 26.87
C ARG G 72 -21.08 28.27 25.81
N ASP G 73 -19.77 28.12 26.02
CA ASP G 73 -18.75 28.50 25.05
C ASP G 73 -17.93 27.24 24.81
N THR G 74 -18.06 26.67 23.61
CA THR G 74 -17.41 25.39 23.31
C THR G 74 -15.93 25.55 22.95
N SER G 75 -15.52 26.75 22.54
CA SER G 75 -14.09 26.99 22.30
C SER G 75 -13.29 26.95 23.59
N LYS G 76 -13.81 27.53 24.66
CA LYS G 76 -13.12 27.57 25.95
C LYS G 76 -13.49 26.39 26.84
N ASN G 77 -14.41 25.52 26.39
CA ASN G 77 -14.89 24.35 27.14
C ASN G 77 -15.49 24.77 28.48
N GLN G 78 -16.27 25.85 28.45
CA GLN G 78 -16.92 26.42 29.61
C GLN G 78 -18.43 26.46 29.36
N PHE G 79 -19.20 26.32 30.43
CA PHE G 79 -20.63 26.61 30.38
C PHE G 79 -21.00 27.54 31.53
N PHE G 80 -22.16 28.18 31.39
CA PHE G 80 -22.48 29.40 32.12
C PHE G 80 -23.88 29.34 32.71
N LEU G 81 -24.05 29.98 33.87
CA LEU G 81 -25.34 30.17 34.50
C LEU G 81 -25.64 31.66 34.50
N LYS G 82 -26.86 32.03 34.10
CA LYS G 82 -27.40 33.36 34.32
C LYS G 82 -28.73 33.26 35.04
N LEU G 83 -28.87 34.01 36.14
CA LEU G 83 -30.09 34.01 36.94
C LEU G 83 -30.64 35.42 37.10
N ASN G 84 -31.81 35.65 36.50
CA ASN G 84 -32.45 36.96 36.48
C ASN G 84 -33.25 37.14 37.76
N SER G 85 -33.50 38.40 38.12
CA SER G 85 -34.50 38.78 39.15
C SER G 85 -34.26 38.07 40.48
N VAL G 86 -33.04 38.22 41.01
CA VAL G 86 -32.64 37.46 42.18
C VAL G 86 -33.30 38.04 43.44
N THR G 87 -33.48 37.17 44.43
CA THR G 87 -33.99 37.47 45.76
C THR G 87 -33.03 36.92 46.81
N PRO G 88 -33.07 37.45 48.04
CA PRO G 88 -32.22 36.88 49.10
C PRO G 88 -32.54 35.43 49.46
N GLU G 89 -33.72 34.91 49.10
CA GLU G 89 -33.97 33.48 49.29
C GLU G 89 -33.32 32.62 48.23
N ASP G 90 -32.70 33.22 47.21
CA ASP G 90 -31.89 32.50 46.24
C ASP G 90 -30.42 32.41 46.63
N THR G 91 -30.06 32.94 47.80
CA THR G 91 -28.71 32.79 48.35
C THR G 91 -28.45 31.33 48.66
N ALA G 92 -27.30 30.82 48.18
CA ALA G 92 -26.98 29.39 48.19
C ALA G 92 -25.58 29.21 47.64
N THR G 93 -25.04 28.01 47.86
CA THR G 93 -23.72 27.63 47.34
C THR G 93 -23.92 26.87 46.04
N TYR G 94 -23.49 27.47 44.93
CA TYR G 94 -23.78 26.97 43.60
C TYR G 94 -22.68 26.03 43.10
N TYR G 95 -23.09 24.82 42.71
CA TYR G 95 -22.18 23.80 42.21
C TYR G 95 -22.48 23.54 40.75
N CYS G 96 -21.44 23.25 39.98
CA CYS G 96 -21.59 22.69 38.64
C CYS G 96 -21.09 21.26 38.68
N SER G 97 -21.86 20.34 38.10
CA SER G 97 -21.73 18.93 38.44
C SER G 97 -21.61 18.07 37.20
N ARG G 98 -20.81 17.02 37.35
CA ARG G 98 -20.75 15.89 36.45
C ARG G 98 -21.36 14.60 36.99
N GLU G 99 -22.35 14.12 36.23
CA GLU G 99 -23.19 12.97 36.51
C GLU G 99 -23.30 12.07 35.29
N GLY G 100 -23.18 10.76 35.46
CA GLY G 100 -23.52 9.84 34.38
C GLY G 100 -22.86 8.49 34.54
N ASN G 101 -23.33 7.47 33.80
CA ASN G 101 -22.72 6.12 33.76
C ASN G 101 -22.47 5.53 35.15
N ASN G 102 -23.35 5.85 36.11
CA ASN G 102 -23.14 5.56 37.53
C ASN G 102 -21.84 6.15 38.06
N ARG G 103 -21.50 7.37 37.61
CA ARG G 103 -20.39 8.16 38.12
C ARG G 103 -20.93 9.54 38.45
N SER G 104 -20.40 10.16 39.50
CA SER G 104 -20.87 11.49 39.91
C SER G 104 -19.70 12.29 40.47
N TYR G 105 -19.38 13.39 39.81
CA TYR G 105 -18.29 14.28 40.23
C TYR G 105 -18.83 15.71 40.40
N TRP G 106 -18.39 16.35 41.48
CA TRP G 106 -18.82 17.68 41.88
C TRP G 106 -17.61 18.59 41.99
N GLY G 107 -17.81 19.87 41.67
CA GLY G 107 -16.82 20.88 42.00
C GLY G 107 -16.78 21.20 43.49
N GLN G 108 -15.81 22.03 43.87
CA GLN G 108 -15.70 22.44 45.26
C GLN G 108 -16.78 23.45 45.65
N GLY G 109 -17.37 24.12 44.67
CA GLY G 109 -18.40 25.08 45.00
C GLY G 109 -17.85 26.47 45.31
N THR G 110 -18.75 27.44 45.26
CA THR G 110 -18.43 28.83 45.60
C THR G 110 -19.63 29.42 46.36
N THR G 111 -19.34 30.42 47.18
CA THR G 111 -20.36 31.04 48.03
C THR G 111 -20.80 32.35 47.38
N LEU G 112 -22.11 32.61 47.42
CA LEU G 112 -22.70 33.83 46.90
C LEU G 112 -23.75 34.31 47.86
N ILE G 113 -23.76 35.62 48.15
CA ILE G 113 -24.72 36.24 49.04
C ILE G 113 -25.47 37.32 48.26
N VAL G 114 -26.79 37.27 48.32
CA VAL G 114 -27.65 38.25 47.65
C VAL G 114 -28.14 39.21 48.72
N SER G 115 -27.54 40.41 48.75
CA SER G 115 -27.91 41.43 49.72
C SER G 115 -27.53 42.79 49.17
N SER G 116 -28.12 43.83 49.77
CA SER G 116 -27.86 45.20 49.36
C SER G 116 -26.80 45.85 50.25
N ASP H 1 -44.47 14.02 40.93
CA ASP H 1 -44.05 14.61 42.20
C ASP H 1 -43.98 13.52 43.27
N ILE H 2 -42.92 12.73 43.23
CA ILE H 2 -42.60 11.81 44.31
C ILE H 2 -42.12 12.58 45.53
N VAL H 3 -42.81 12.41 46.66
CA VAL H 3 -42.47 13.14 47.88
C VAL H 3 -41.67 12.20 48.76
N MET H 4 -40.48 12.63 49.16
CA MET H 4 -39.60 11.84 50.01
C MET H 4 -39.57 12.34 51.45
N THR H 5 -40.13 11.56 52.37
CA THR H 5 -40.15 11.91 53.78
C THR H 5 -39.07 11.05 54.42
N GLN H 6 -38.11 11.69 55.09
CA GLN H 6 -37.10 10.95 55.83
C GLN H 6 -37.47 10.81 57.31
N SER H 7 -37.09 9.65 57.87
CA SER H 7 -37.44 9.25 59.22
C SER H 7 -37.06 10.29 60.26
N HIS H 8 -35.75 10.58 60.37
CA HIS H 8 -35.22 11.49 61.36
C HIS H 8 -34.14 12.36 60.71
N ARG H 9 -33.85 13.49 61.34
CA ARG H 9 -32.83 14.40 60.85
C ARG H 9 -31.53 14.32 61.63
N PHE H 10 -31.60 13.95 62.92
CA PHE H 10 -30.43 13.89 63.79
C PHE H 10 -30.42 12.57 64.54
N MET H 11 -29.26 11.91 64.53
CA MET H 11 -29.09 10.65 65.22
C MET H 11 -27.80 10.67 66.03
N SER H 12 -27.91 10.28 67.30
CA SER H 12 -26.76 10.14 68.18
C SER H 12 -26.26 8.70 68.13
N THR H 13 -24.94 8.52 68.09
CA THR H 13 -24.35 7.19 67.92
C THR H 13 -23.09 7.08 68.78
N SER H 14 -22.63 5.86 68.98
CA SER H 14 -21.35 5.51 69.58
C SER H 14 -20.53 4.70 68.57
N VAL H 15 -19.21 4.83 68.67
CA VAL H 15 -18.26 4.08 67.84
C VAL H 15 -18.48 2.58 68.03
N GLY H 16 -18.67 1.86 66.91
CA GLY H 16 -18.92 0.44 66.97
C GLY H 16 -20.36 -0.04 66.87
N ASP H 17 -21.34 0.85 66.92
CA ASP H 17 -22.72 0.42 66.78
C ASP H 17 -23.15 0.34 65.32
N ARG H 18 -24.01 -0.63 65.03
CA ARG H 18 -24.74 -0.72 63.76
C ARG H 18 -25.77 0.39 63.70
N VAL H 19 -25.89 1.05 62.54
CA VAL H 19 -26.89 2.08 62.27
C VAL H 19 -27.60 1.78 60.96
N SER H 20 -28.91 2.00 60.92
CA SER H 20 -29.75 1.74 59.75
C SER H 20 -30.54 3.00 59.45
N ILE H 21 -30.49 3.43 58.19
CA ILE H 21 -31.21 4.61 57.69
C ILE H 21 -32.32 4.15 56.74
N THR H 22 -33.45 4.85 56.79
CA THR H 22 -34.64 4.49 56.03
C THR H 22 -35.09 5.71 55.22
N CYS H 23 -35.72 5.43 54.08
CA CYS H 23 -36.20 6.44 53.15
C CYS H 23 -37.54 5.96 52.61
N LYS H 24 -38.55 6.82 52.59
CA LYS H 24 -39.88 6.40 52.14
C LYS H 24 -40.30 7.15 50.89
N ALA H 25 -40.55 6.40 49.83
CA ALA H 25 -40.94 6.90 48.52
C ALA H 25 -42.46 7.00 48.45
N SER H 26 -42.96 8.04 47.77
CA SER H 26 -44.41 8.19 47.66
C SER H 26 -45.02 7.11 46.78
N GLN H 27 -44.31 6.71 45.72
CA GLN H 27 -44.72 5.62 44.85
C GLN H 27 -43.68 4.51 44.85
N SER H 28 -44.11 3.32 44.41
CA SER H 28 -43.20 2.21 44.12
C SER H 28 -42.78 2.34 42.66
N VAL H 29 -41.60 2.93 42.43
CA VAL H 29 -41.19 3.25 41.07
C VAL H 29 -40.15 2.27 40.50
N ASP H 30 -39.00 2.14 41.14
CA ASP H 30 -37.89 1.33 40.61
C ASP H 30 -36.95 0.99 41.76
N THR H 31 -35.89 0.25 41.43
CA THR H 31 -34.78 0.00 42.34
C THR H 31 -33.61 0.93 42.10
N ALA H 32 -33.75 1.88 41.16
CA ALA H 32 -32.67 2.82 40.83
C ALA H 32 -32.67 3.95 41.85
N VAL H 33 -32.06 3.68 42.99
CA VAL H 33 -31.96 4.62 44.10
C VAL H 33 -30.48 4.74 44.44
N ALA H 34 -30.03 5.96 44.76
CA ALA H 34 -28.64 6.19 45.12
C ALA H 34 -28.56 6.88 46.47
N TRP H 35 -27.50 6.56 47.21
CA TRP H 35 -27.11 7.28 48.41
C TRP H 35 -25.85 8.10 48.16
N TYR H 36 -25.83 9.32 48.69
CA TYR H 36 -24.70 10.22 48.64
C TYR H 36 -24.18 10.51 50.04
N GLN H 37 -22.86 10.62 50.15
CA GLN H 37 -22.21 11.00 51.40
C GLN H 37 -21.64 12.40 51.24
N GLN H 38 -21.86 13.25 52.23
CA GLN H 38 -21.35 14.62 52.24
C GLN H 38 -20.73 14.94 53.59
N LYS H 39 -19.43 15.18 53.60
CA LYS H 39 -18.77 15.60 54.83
C LYS H 39 -18.75 17.13 54.89
N PRO H 40 -18.65 17.72 56.09
CA PRO H 40 -18.64 19.19 56.18
C PRO H 40 -17.53 19.81 55.37
N GLY H 41 -17.84 20.92 54.70
CA GLY H 41 -16.86 21.62 53.89
C GLY H 41 -16.50 20.93 52.60
N GLN H 42 -17.18 19.85 52.25
CA GLN H 42 -16.91 19.10 51.03
C GLN H 42 -18.20 18.96 50.22
N SER H 43 -18.03 18.71 48.93
CA SER H 43 -19.17 18.39 48.08
C SER H 43 -19.66 16.97 48.36
N PRO H 44 -20.93 16.67 48.07
CA PRO H 44 -21.42 15.28 48.18
C PRO H 44 -20.69 14.32 47.25
N LYS H 45 -20.57 13.07 47.69
CA LYS H 45 -19.92 12.02 46.91
C LYS H 45 -20.86 10.83 46.80
N LEU H 46 -21.02 10.31 45.58
CA LEU H 46 -21.87 9.14 45.35
C LEU H 46 -21.31 7.92 46.07
N LEU H 47 -22.19 7.16 46.72
CA LEU H 47 -21.81 6.01 47.55
C LEU H 47 -22.34 4.68 47.04
N ILE H 48 -23.66 4.55 46.90
CA ILE H 48 -24.32 3.33 46.42
C ILE H 48 -25.06 3.64 45.13
N TYR H 49 -24.97 2.73 44.16
CA TYR H 49 -25.75 2.81 42.94
C TYR H 49 -26.54 1.52 42.75
N TRP H 50 -27.78 1.67 42.26
CA TRP H 50 -28.76 0.60 42.11
C TRP H 50 -29.04 -0.13 43.43
N ALA H 51 -28.96 0.61 44.54
CA ALA H 51 -29.49 0.28 45.87
C ALA H 51 -28.75 -0.84 46.60
N SER H 52 -28.13 -1.77 45.87
CA SER H 52 -27.51 -2.93 46.51
C SER H 52 -26.02 -3.09 46.24
N THR H 53 -25.41 -2.28 45.37
CA THR H 53 -24.03 -2.47 44.95
C THR H 53 -23.14 -1.33 45.41
N ARG H 54 -21.87 -1.64 45.64
CA ARG H 54 -20.91 -0.68 46.16
C ARG H 54 -20.04 -0.12 45.05
N HIS H 55 -19.60 1.13 45.23
CA HIS H 55 -18.68 1.77 44.32
C HIS H 55 -17.25 1.27 44.54
N PRO H 56 -16.36 1.45 43.56
CA PRO H 56 -14.94 1.18 43.80
C PRO H 56 -14.36 2.09 44.88
N GLY H 57 -13.63 1.47 45.80
CA GLY H 57 -13.02 2.14 46.93
C GLY H 57 -13.90 2.27 48.16
N VAL H 58 -15.20 2.04 48.04
CA VAL H 58 -16.13 2.19 49.15
C VAL H 58 -15.88 1.01 50.09
N PRO H 59 -15.80 1.22 51.40
CA PRO H 59 -15.50 0.11 52.30
C PRO H 59 -16.69 -0.84 52.43
N ASP H 60 -16.36 -2.11 52.70
CA ASP H 60 -17.34 -3.19 52.80
C ASP H 60 -18.38 -2.97 53.89
N ARG H 61 -18.08 -2.17 54.92
CA ARG H 61 -19.03 -1.94 56.00
C ARG H 61 -20.30 -1.19 55.57
N PHE H 62 -20.29 -0.55 54.41
CA PHE H 62 -21.48 0.13 53.91
C PHE H 62 -22.29 -0.89 53.10
N THR H 63 -23.55 -1.11 53.50
CA THR H 63 -24.47 -1.91 52.73
C THR H 63 -25.80 -1.19 52.55
N GLY H 64 -26.52 -1.57 51.51
CA GLY H 64 -27.85 -1.05 51.28
C GLY H 64 -28.73 -2.14 50.71
N SER H 65 -30.05 -1.92 50.81
CA SER H 65 -31.02 -2.91 50.38
C SER H 65 -32.39 -2.25 50.29
N GLY H 66 -33.37 -3.04 49.90
CA GLY H 66 -34.75 -2.63 49.77
C GLY H 66 -35.21 -2.56 48.32
N SER H 67 -36.53 -2.50 48.14
CA SER H 67 -37.17 -2.37 46.84
C SER H 67 -38.55 -1.78 47.06
N GLY H 68 -39.26 -1.52 45.96
CA GLY H 68 -40.60 -0.99 46.10
C GLY H 68 -40.67 0.42 46.65
N THR H 69 -41.32 0.55 47.80
CA THR H 69 -41.42 1.81 48.53
C THR H 69 -40.49 1.86 49.73
N ASP H 70 -39.66 0.85 49.93
CA ASP H 70 -38.84 0.71 51.12
C ASP H 70 -37.38 0.54 50.71
N PHE H 71 -36.52 1.38 51.27
CA PHE H 71 -35.10 1.41 50.93
C PHE H 71 -34.31 1.66 52.21
N ILE H 72 -33.46 0.70 52.57
CA ILE H 72 -32.75 0.75 53.84
C ILE H 72 -31.25 0.76 53.57
N LEU H 73 -30.57 1.78 54.08
CA LEU H 73 -29.12 1.84 54.10
C LEU H 73 -28.65 1.45 55.50
N THR H 74 -27.68 0.54 55.57
CA THR H 74 -27.16 0.06 56.84
C THR H 74 -25.68 0.40 56.94
N ILE H 75 -25.29 1.09 58.01
CA ILE H 75 -23.89 1.24 58.40
C ILE H 75 -23.59 0.22 59.49
N SER H 76 -22.46 -0.45 59.36
CA SER H 76 -21.99 -1.41 60.37
C SER H 76 -20.62 -0.99 60.87
N ASN H 77 -20.46 -0.96 62.20
CA ASN H 77 -19.21 -0.62 62.88
C ASN H 77 -18.78 0.80 62.46
N VAL H 78 -19.57 1.76 62.92
CA VAL H 78 -19.36 3.16 62.58
C VAL H 78 -18.06 3.66 63.19
N GLN H 79 -17.20 4.24 62.35
CA GLN H 79 -15.94 4.82 62.77
C GLN H 79 -16.04 6.34 62.72
N SER H 80 -14.92 7.01 63.03
CA SER H 80 -14.91 8.47 63.05
C SER H 80 -15.01 9.08 61.66
N GLU H 81 -14.45 8.41 60.65
CA GLU H 81 -14.47 8.92 59.28
C GLU H 81 -15.85 8.83 58.62
N ASP H 82 -16.83 8.19 59.25
CA ASP H 82 -18.18 8.15 58.71
C ASP H 82 -19.06 9.30 59.17
N LEU H 83 -18.55 10.24 59.97
CA LEU H 83 -19.29 11.46 60.26
C LEU H 83 -19.56 12.25 58.98
N ALA H 84 -20.84 12.46 58.66
CA ALA H 84 -21.26 13.02 57.38
C ALA H 84 -22.78 13.15 57.36
N ASP H 85 -23.30 13.78 56.31
CA ASP H 85 -24.72 13.78 55.99
C ASP H 85 -24.98 12.76 54.88
N TYR H 86 -26.08 12.02 55.00
CA TYR H 86 -26.48 11.04 54.01
C TYR H 86 -27.84 11.38 53.43
N PHE H 87 -27.98 11.18 52.11
CA PHE H 87 -29.19 11.54 51.39
C PHE H 87 -29.62 10.38 50.49
N CYS H 88 -30.89 9.99 50.60
CA CYS H 88 -31.53 9.12 49.61
C CYS H 88 -32.02 9.97 48.44
N HIS H 89 -31.86 9.45 47.22
CA HIS H 89 -32.38 10.10 46.02
C HIS H 89 -32.89 9.08 45.03
N GLN H 90 -33.64 9.57 44.06
CA GLN H 90 -34.15 8.79 42.94
C GLN H 90 -33.71 9.42 41.62
N PHE H 91 -33.58 8.59 40.59
CA PHE H 91 -33.09 9.07 39.29
C PHE H 91 -33.91 8.50 38.14
N ASP H 92 -35.24 8.42 38.31
CA ASP H 92 -36.08 7.81 37.27
C ASP H 92 -36.53 8.84 36.23
N ARG H 93 -37.22 9.88 36.67
CA ARG H 93 -37.81 10.86 35.76
C ARG H 93 -37.53 12.28 36.22
N TYR H 94 -37.43 13.17 35.24
CA TYR H 94 -37.28 14.59 35.53
C TYR H 94 -38.60 15.18 36.05
N PRO H 95 -38.54 16.19 36.94
CA PRO H 95 -37.40 16.87 37.55
C PRO H 95 -36.69 16.06 38.64
N LEU H 96 -35.36 16.15 38.68
CA LEU H 96 -34.59 15.61 39.81
C LEU H 96 -35.07 16.23 41.12
N THR H 97 -35.10 15.43 42.17
CA THR H 97 -35.55 15.81 43.49
C THR H 97 -34.61 15.25 44.54
N PHE H 98 -34.34 16.06 45.57
CA PHE H 98 -33.44 15.65 46.64
C PHE H 98 -34.21 15.44 47.94
N GLY H 99 -33.69 14.51 48.75
CA GLY H 99 -34.06 14.38 50.14
C GLY H 99 -33.66 15.55 51.03
N ASP H 100 -34.06 15.43 52.30
CA ASP H 100 -33.74 16.44 53.30
C ASP H 100 -32.36 16.19 53.91
N GLY H 101 -32.09 14.97 54.33
CA GLY H 101 -30.79 14.65 54.88
C GLY H 101 -30.84 14.33 56.37
N THR H 102 -29.99 13.41 56.78
CA THR H 102 -29.86 13.02 58.18
C THR H 102 -28.43 13.27 58.62
N LYS H 103 -28.27 13.93 59.76
CA LYS H 103 -26.96 14.18 60.35
C LYS H 103 -26.68 13.21 61.48
N LEU H 104 -25.54 12.52 61.39
CA LEU H 104 -25.08 11.64 62.47
C LEU H 104 -24.25 12.43 63.47
N GLU H 105 -24.42 12.11 64.74
CA GLU H 105 -23.54 12.60 65.80
C GLU H 105 -22.87 11.41 66.47
N LEU H 106 -21.61 11.58 66.86
CA LEU H 106 -20.92 10.59 67.68
C LEU H 106 -21.01 10.93 69.16
N VAL I 2 7.60 -33.50 4.86
CA VAL I 2 7.36 -33.27 6.28
C VAL I 2 8.42 -34.04 7.08
N GLN I 3 8.85 -33.47 8.21
CA GLN I 3 9.68 -34.19 9.17
C GLN I 3 9.04 -34.15 10.55
N LEU I 4 9.03 -35.30 11.22
CA LEU I 4 8.48 -35.45 12.56
C LEU I 4 9.60 -35.88 13.49
N GLN I 5 9.66 -35.28 14.68
CA GLN I 5 10.67 -35.65 15.67
C GLN I 5 10.05 -35.74 17.05
N GLU I 6 10.11 -36.94 17.63
CA GLU I 6 9.64 -37.24 18.97
C GLU I 6 10.68 -36.83 20.01
N SER I 7 10.19 -36.39 21.17
CA SER I 7 11.07 -36.06 22.28
C SER I 7 10.34 -36.30 23.59
N GLY I 8 11.12 -36.53 24.64
CA GLY I 8 10.60 -36.67 25.98
C GLY I 8 11.45 -37.60 26.84
N PRO I 9 11.06 -37.78 28.10
CA PRO I 9 11.84 -38.62 29.01
C PRO I 9 11.79 -40.09 28.59
N GLY I 10 12.95 -40.75 28.63
CA GLY I 10 13.03 -42.16 28.28
C GLY I 10 12.77 -43.14 29.40
N LEU I 11 12.51 -42.66 30.61
CA LEU I 11 12.23 -43.52 31.76
C LEU I 11 11.11 -42.90 32.59
N VAL I 12 10.06 -43.68 32.86
CA VAL I 12 8.88 -43.21 33.58
C VAL I 12 8.57 -44.24 34.67
N LYS I 13 8.35 -43.75 35.89
CA LYS I 13 8.02 -44.63 37.00
C LYS I 13 6.56 -45.11 36.92
N PRO I 14 6.32 -46.37 37.27
CA PRO I 14 4.94 -46.92 37.22
C PRO I 14 3.97 -46.13 38.09
N SER I 15 2.72 -46.05 37.58
CA SER I 15 1.57 -45.33 38.18
C SER I 15 1.65 -43.81 37.98
N GLN I 16 2.78 -43.33 37.49
CA GLN I 16 2.97 -41.92 37.20
C GLN I 16 2.48 -41.65 35.78
N SER I 17 2.62 -40.41 35.32
CA SER I 17 2.10 -40.03 34.02
C SER I 17 3.23 -39.99 33.00
N LEU I 18 2.94 -40.45 31.80
CA LEU I 18 3.87 -40.42 30.67
C LEU I 18 3.51 -39.24 29.79
N SER I 19 4.48 -38.36 29.55
CA SER I 19 4.30 -37.24 28.62
C SER I 19 5.34 -37.31 27.51
N LEU I 20 4.87 -37.16 26.27
CA LEU I 20 5.75 -37.08 25.11
C LEU I 20 5.40 -35.88 24.25
N THR I 21 6.42 -35.32 23.58
CA THR I 21 6.22 -34.25 22.64
C THR I 21 6.54 -34.77 21.24
N CYS I 22 5.70 -34.45 20.26
CA CYS I 22 6.01 -34.62 18.85
C CYS I 22 6.28 -33.23 18.29
N SER I 23 7.50 -32.99 17.84
CA SER I 23 7.81 -31.73 17.18
C SER I 23 7.66 -31.95 15.68
N VAL I 24 6.79 -31.17 15.06
CA VAL I 24 6.51 -31.27 13.64
C VAL I 24 7.18 -30.11 12.92
N THR I 25 7.83 -30.40 11.79
CA THR I 25 8.38 -29.38 10.91
C THR I 25 8.00 -29.76 9.48
N GLY I 26 8.01 -28.78 8.59
CA GLY I 26 7.63 -28.99 7.22
C GLY I 26 6.15 -29.02 6.92
N TYR I 27 5.28 -28.97 7.93
CA TYR I 27 3.85 -28.92 7.66
C TYR I 27 3.12 -28.36 8.88
N SER I 28 1.99 -27.67 8.61
CA SER I 28 1.19 -27.04 9.64
C SER I 28 0.11 -27.98 10.16
N ILE I 29 0.06 -28.17 11.48
CA ILE I 29 -0.94 -29.04 12.09
C ILE I 29 -2.36 -28.44 12.12
N THR I 30 -2.53 -27.19 11.70
CA THR I 30 -3.86 -26.59 11.60
C THR I 30 -4.46 -26.56 10.20
N SER I 31 -4.02 -27.41 9.28
CA SER I 31 -4.57 -27.33 7.94
C SER I 31 -5.34 -28.56 7.48
N ALA I 32 -4.76 -29.75 7.56
CA ALA I 32 -5.39 -30.91 6.90
C ALA I 32 -4.89 -32.19 7.57
N TYR I 33 -5.29 -33.33 6.99
CA TYR I 33 -4.94 -34.69 7.40
C TYR I 33 -5.12 -35.09 8.86
N TYR I 34 -4.69 -36.31 9.15
CA TYR I 34 -4.78 -36.92 10.47
C TYR I 34 -3.41 -36.97 11.14
N TRP I 35 -3.37 -36.63 12.42
CA TRP I 35 -2.13 -36.61 13.17
C TRP I 35 -2.25 -37.60 14.33
N ASN I 36 -1.44 -38.65 14.29
CA ASN I 36 -1.63 -39.85 15.08
C ASN I 36 -0.44 -40.08 16.00
N TRP I 37 -0.70 -40.84 17.07
CA TRP I 37 0.33 -41.51 17.86
C TRP I 37 0.16 -43.01 17.71
N ILE I 38 1.24 -43.71 17.38
CA ILE I 38 1.25 -45.16 17.19
C ILE I 38 2.47 -45.69 17.93
N ARG I 39 2.31 -46.82 18.63
CA ARG I 39 3.43 -47.41 19.34
C ARG I 39 3.66 -48.84 18.89
N GLN I 40 4.92 -49.29 19.05
CA GLN I 40 5.34 -50.63 18.67
C GLN I 40 5.89 -51.35 19.91
N PHE I 41 5.29 -52.48 20.26
CA PHE I 41 5.68 -53.21 21.46
C PHE I 41 6.92 -54.06 21.16
N PRO I 42 7.60 -54.56 22.20
CA PRO I 42 8.57 -55.64 21.99
C PRO I 42 7.91 -56.87 21.38
N GLY I 43 8.55 -57.40 20.35
CA GLY I 43 7.95 -58.45 19.54
C GLY I 43 7.29 -57.95 18.28
N LYS I 44 7.46 -56.68 17.94
CA LYS I 44 7.01 -56.07 16.68
C LYS I 44 5.49 -56.15 16.51
N LYS I 45 4.75 -55.66 17.50
CA LYS I 45 3.30 -55.52 17.41
C LYS I 45 2.93 -54.05 17.52
N LEU I 46 2.00 -53.61 16.69
CA LEU I 46 1.54 -52.23 16.65
C LEU I 46 0.15 -52.09 17.26
N GLU I 47 -0.04 -51.05 18.08
CA GLU I 47 -1.35 -50.75 18.61
C GLU I 47 -1.63 -49.26 18.43
N TRP I 48 -2.74 -48.96 17.76
CA TRP I 48 -3.21 -47.59 17.61
C TRP I 48 -3.91 -47.05 18.86
N MET I 49 -3.43 -45.90 19.32
CA MET I 49 -3.89 -45.26 20.54
C MET I 49 -4.98 -44.21 20.29
N GLY I 50 -4.87 -43.43 19.22
CA GLY I 50 -5.82 -42.36 18.98
C GLY I 50 -5.36 -41.45 17.86
N TYR I 51 -6.23 -40.49 17.51
CA TYR I 51 -5.96 -39.56 16.42
C TYR I 51 -6.36 -38.13 16.78
N LEU I 52 -6.24 -37.25 15.78
CA LEU I 52 -6.67 -35.85 15.86
C LEU I 52 -7.20 -35.43 14.50
N LEU I 53 -8.27 -34.63 14.49
CA LEU I 53 -8.68 -33.94 13.27
C LEU I 53 -7.92 -32.64 13.11
N TYR I 54 -7.90 -32.13 11.87
CA TYR I 54 -7.33 -30.82 11.55
C TYR I 54 -7.93 -29.69 12.38
N ASP I 55 -9.16 -29.86 12.86
CA ASP I 55 -9.80 -28.80 13.65
C ASP I 55 -9.62 -29.02 15.15
N GLY I 56 -8.85 -30.03 15.54
CA GLY I 56 -8.52 -30.26 16.93
C GLY I 56 -9.50 -31.18 17.63
N SER I 57 -10.31 -31.89 16.84
CA SER I 57 -11.18 -32.92 17.40
C SER I 57 -10.35 -34.13 17.82
N THR I 58 -10.90 -34.92 18.74
CA THR I 58 -10.17 -36.03 19.35
C THR I 58 -10.92 -37.34 19.17
N GLY I 59 -10.17 -38.44 19.32
CA GLY I 59 -10.73 -39.76 19.33
C GLY I 59 -9.69 -40.74 19.79
N TYR I 60 -10.13 -41.78 20.51
CA TYR I 60 -9.21 -42.71 21.16
C TYR I 60 -9.67 -44.14 20.98
N ASN I 61 -8.71 -45.07 21.02
CA ASN I 61 -9.04 -46.49 21.04
C ASN I 61 -9.75 -46.79 22.36
N PRO I 62 -10.94 -47.40 22.33
CA PRO I 62 -11.63 -47.77 23.59
C PRO I 62 -10.83 -48.67 24.53
N SER I 63 -9.93 -49.53 24.02
CA SER I 63 -9.14 -50.42 24.88
C SER I 63 -8.28 -49.66 25.89
N LEU I 64 -8.02 -48.38 25.64
CA LEU I 64 -7.15 -47.54 26.47
C LEU I 64 -8.01 -46.78 27.48
N LYS I 65 -9.33 -47.03 27.43
CA LYS I 65 -10.31 -46.40 28.32
C LYS I 65 -10.20 -44.88 28.35
N ASN I 66 -10.15 -44.28 29.55
CA ASN I 66 -9.89 -42.86 29.70
C ASN I 66 -8.41 -42.57 30.00
N ARG I 67 -7.50 -43.53 29.79
CA ARG I 67 -6.11 -43.32 30.17
C ARG I 67 -5.36 -42.30 29.32
N ILE I 68 -5.94 -41.83 28.21
CA ILE I 68 -5.21 -41.00 27.24
C ILE I 68 -5.94 -39.68 27.05
N SER I 69 -5.22 -38.57 27.22
CA SER I 69 -5.62 -37.26 26.73
C SER I 69 -4.60 -36.83 25.68
N ILE I 70 -5.08 -36.36 24.52
CA ILE I 70 -4.22 -35.84 23.47
C ILE I 70 -4.56 -34.37 23.22
N THR I 71 -3.53 -33.53 23.13
CA THR I 71 -3.57 -32.08 23.24
C THR I 71 -2.56 -31.50 22.25
N ARG I 72 -2.62 -30.19 22.03
CA ARG I 72 -1.73 -29.58 21.06
C ARG I 72 -1.44 -28.13 21.45
N ASP I 73 -0.34 -27.62 20.91
CA ASP I 73 0.02 -26.20 21.00
C ASP I 73 0.19 -25.71 19.56
N THR I 74 -0.73 -24.87 19.12
CA THR I 74 -0.71 -24.41 17.73
C THR I 74 0.26 -23.27 17.49
N SER I 75 0.68 -22.55 18.54
CA SER I 75 1.72 -21.54 18.37
C SER I 75 3.07 -22.16 18.04
N LYS I 76 3.42 -23.26 18.70
CA LYS I 76 4.70 -23.93 18.50
C LYS I 76 4.62 -25.02 17.43
N ASN I 77 3.41 -25.26 16.89
CA ASN I 77 3.13 -26.30 15.89
C ASN I 77 3.54 -27.68 16.42
N GLN I 78 3.20 -27.93 17.67
CA GLN I 78 3.50 -29.17 18.37
C GLN I 78 2.19 -29.77 18.87
N PHE I 79 2.13 -31.09 18.94
CA PHE I 79 1.06 -31.75 19.66
C PHE I 79 1.65 -32.77 20.62
N PHE I 80 0.85 -33.18 21.60
CA PHE I 80 1.32 -33.78 22.84
C PHE I 80 0.51 -35.01 23.21
N LEU I 81 1.19 -35.97 23.82
CA LEU I 81 0.57 -37.16 24.39
C LEU I 81 0.74 -37.12 25.91
N LYS I 82 -0.33 -37.41 26.63
CA LYS I 82 -0.25 -37.71 28.06
C LYS I 82 -0.93 -39.05 28.33
N LEU I 83 -0.22 -39.93 29.03
CA LEU I 83 -0.72 -41.26 29.37
C LEU I 83 -0.66 -41.51 30.87
N ASN I 84 -1.82 -41.63 31.49
CA ASN I 84 -1.97 -41.79 32.93
C ASN I 84 -1.81 -43.26 33.29
N SER I 85 -1.43 -43.52 34.54
CA SER I 85 -1.51 -44.85 35.17
C SER I 85 -0.77 -45.93 34.37
N VAL I 86 0.51 -45.67 34.11
CA VAL I 86 1.27 -46.53 33.22
C VAL I 86 1.64 -47.83 33.94
N THR I 87 1.84 -48.88 33.16
CA THR I 87 2.28 -50.19 33.60
C THR I 87 3.49 -50.64 32.77
N PRO I 88 4.32 -51.55 33.29
CA PRO I 88 5.46 -52.05 32.50
C PRO I 88 5.06 -52.81 31.23
N GLU I 89 3.82 -53.28 31.10
CA GLU I 89 3.40 -53.88 29.84
C GLU I 89 3.06 -52.82 28.79
N ASP I 90 3.06 -51.55 29.15
CA ASP I 90 2.92 -50.44 28.21
C ASP I 90 4.26 -49.95 27.68
N THR I 91 5.36 -50.57 28.09
CA THR I 91 6.68 -50.26 27.55
C THR I 91 6.73 -50.63 26.07
N ALA I 92 7.20 -49.70 25.24
CA ALA I 92 7.10 -49.80 23.79
C ALA I 92 7.80 -48.59 23.18
N THR I 93 8.00 -48.64 21.87
CA THR I 93 8.62 -47.56 21.11
C THR I 93 7.52 -46.73 20.47
N TYR I 94 7.51 -45.44 20.75
CA TYR I 94 6.40 -44.55 20.45
C TYR I 94 6.68 -43.69 19.23
N TYR I 95 5.80 -43.76 18.25
CA TYR I 95 5.91 -43.02 17.00
C TYR I 95 4.77 -42.00 16.95
N CYS I 96 5.04 -40.84 16.38
CA CYS I 96 3.99 -39.91 15.98
C CYS I 96 3.96 -39.87 14.46
N SER I 97 2.78 -40.14 13.88
CA SER I 97 2.65 -40.32 12.45
C SER I 97 1.54 -39.44 11.91
N ARG I 98 1.67 -39.10 10.63
CA ARG I 98 0.67 -38.31 9.90
C ARG I 98 0.20 -39.12 8.70
N GLU I 99 -1.12 -39.31 8.60
CA GLU I 99 -1.72 -40.15 7.59
C GLU I 99 -2.86 -39.48 6.84
N GLY I 100 -2.88 -39.66 5.52
CA GLY I 100 -4.02 -39.29 4.71
C GLY I 100 -3.72 -39.10 3.24
N ASN I 101 -4.78 -39.07 2.41
CA ASN I 101 -4.73 -38.83 0.96
C ASN I 101 -3.73 -39.76 0.27
N ASN I 102 -3.69 -41.02 0.71
CA ASN I 102 -2.75 -42.05 0.26
C ASN I 102 -1.30 -41.59 0.41
N ARG I 103 -1.02 -40.89 1.51
CA ARG I 103 0.32 -40.42 1.89
C ARG I 103 0.49 -40.75 3.37
N SER I 104 1.38 -41.69 3.69
CA SER I 104 1.64 -42.05 5.08
C SER I 104 3.09 -41.79 5.43
N TYR I 105 3.31 -40.94 6.44
CA TYR I 105 4.64 -40.58 6.90
C TYR I 105 4.76 -40.82 8.40
N TRP I 106 5.90 -41.38 8.78
CA TRP I 106 6.21 -41.76 10.16
C TRP I 106 7.45 -41.04 10.63
N GLY I 107 7.49 -40.70 11.92
CA GLY I 107 8.71 -40.26 12.55
C GLY I 107 9.73 -41.37 12.75
N GLN I 108 10.90 -40.98 13.25
CA GLN I 108 11.95 -41.95 13.53
C GLN I 108 11.65 -42.74 14.80
N GLY I 109 10.78 -42.21 15.65
CA GLY I 109 10.45 -42.93 16.87
C GLY I 109 11.39 -42.61 18.01
N THR I 110 10.93 -42.93 19.22
CA THR I 110 11.70 -42.80 20.44
C THR I 110 11.40 -43.99 21.33
N THR I 111 12.35 -44.28 22.22
CA THR I 111 12.27 -45.46 23.09
C THR I 111 11.94 -45.00 24.51
N LEU I 112 11.07 -45.73 25.18
CA LEU I 112 10.67 -45.47 26.55
C LEU I 112 10.59 -46.78 27.31
N ILE I 113 11.03 -46.77 28.56
CA ILE I 113 10.97 -47.93 29.45
C ILE I 113 10.20 -47.52 30.69
N VAL I 114 9.19 -48.31 31.04
CA VAL I 114 8.37 -48.07 32.23
C VAL I 114 8.85 -49.06 33.29
N SER I 115 9.62 -48.57 34.25
CA SER I 115 10.14 -49.41 35.33
C SER I 115 10.41 -48.54 36.53
N SER I 116 10.49 -49.19 37.70
CA SER I 116 10.75 -48.49 38.95
C SER I 116 12.23 -48.45 39.27
N ASP J 1 -15.34 -54.39 15.77
CA ASP J 1 -14.16 -55.22 15.98
C ASP J 1 -14.04 -56.24 14.86
N ILE J 2 -13.57 -55.79 13.69
CA ILE J 2 -13.17 -56.70 12.62
C ILE J 2 -11.88 -57.40 13.00
N VAL J 3 -11.91 -58.73 13.04
CA VAL J 3 -10.76 -59.52 13.46
C VAL J 3 -10.06 -60.06 12.22
N MET J 4 -8.77 -59.77 12.10
CA MET J 4 -7.94 -60.21 10.98
C MET J 4 -7.01 -61.37 11.38
N THR J 5 -7.28 -62.54 10.83
CA THR J 5 -6.47 -63.72 11.14
C THR J 5 -5.55 -63.92 9.95
N GLN J 6 -4.24 -63.94 10.21
CA GLN J 6 -3.23 -64.25 9.23
C GLN J 6 -2.82 -65.72 9.29
N SER J 7 -2.49 -66.26 8.10
CA SER J 7 -2.22 -67.69 7.90
C SER J 7 -1.13 -68.19 8.83
N HIS J 8 0.09 -67.67 8.69
CA HIS J 8 1.25 -68.15 9.43
C HIS J 8 2.09 -66.97 9.88
N ARG J 9 2.97 -67.21 10.87
CA ARG J 9 3.82 -66.13 11.36
C ARG J 9 5.22 -66.19 10.76
N PHE J 10 5.87 -67.36 10.79
CA PHE J 10 7.19 -67.46 10.18
C PHE J 10 7.13 -68.47 9.04
N MET J 11 7.64 -68.05 7.88
CA MET J 11 7.68 -68.87 6.69
C MET J 11 9.06 -68.75 6.04
N SER J 12 9.64 -69.90 5.71
CA SER J 12 10.91 -69.98 4.98
C SER J 12 10.67 -70.05 3.48
N THR J 13 11.50 -69.32 2.71
CA THR J 13 11.33 -69.20 1.26
C THR J 13 12.71 -69.19 0.62
N SER J 14 12.78 -69.39 -0.70
CA SER J 14 13.98 -69.25 -1.50
C SER J 14 13.81 -68.18 -2.58
N VAL J 15 14.94 -67.56 -2.92
CA VAL J 15 15.04 -66.54 -3.98
C VAL J 15 14.55 -67.09 -5.31
N GLY J 16 13.61 -66.37 -5.94
CA GLY J 16 13.03 -66.78 -7.20
C GLY J 16 11.69 -67.48 -7.16
N ASP J 17 11.19 -67.87 -5.99
CA ASP J 17 9.88 -68.51 -5.95
C ASP J 17 8.78 -67.45 -5.81
N ARG J 18 7.62 -67.71 -6.43
CA ARG J 18 6.41 -66.94 -6.17
C ARG J 18 5.92 -67.28 -4.76
N VAL J 19 5.54 -66.25 -4.01
CA VAL J 19 4.95 -66.42 -2.69
C VAL J 19 3.68 -65.58 -2.58
N SER J 20 2.65 -66.13 -1.92
CA SER J 20 1.35 -65.50 -1.78
C SER J 20 0.99 -65.49 -0.30
N ILE J 21 0.61 -64.31 0.19
CA ILE J 21 0.20 -64.09 1.58
C ILE J 21 -1.30 -63.83 1.60
N THR J 22 -1.97 -64.34 2.63
CA THR J 22 -3.42 -64.29 2.75
C THR J 22 -3.81 -63.68 4.09
N CYS J 23 -4.97 -63.03 4.12
CA CYS J 23 -5.52 -62.36 5.29
C CYS J 23 -7.02 -62.58 5.30
N LYS J 24 -7.57 -62.99 6.44
CA LYS J 24 -8.99 -63.29 6.54
C LYS J 24 -9.69 -62.35 7.50
N ALA J 25 -10.67 -61.62 6.99
CA ALA J 25 -11.45 -60.64 7.73
C ALA J 25 -12.65 -61.31 8.38
N SER J 26 -12.99 -60.83 9.58
CA SER J 26 -14.13 -61.42 10.29
C SER J 26 -15.45 -61.08 9.60
N GLN J 27 -15.57 -59.87 9.04
CA GLN J 27 -16.73 -59.46 8.26
C GLN J 27 -16.32 -59.12 6.84
N SER J 28 -17.30 -59.21 5.93
CA SER J 28 -17.14 -58.73 4.56
C SER J 28 -17.57 -57.27 4.52
N VAL J 29 -16.59 -56.37 4.45
CA VAL J 29 -16.89 -54.94 4.59
C VAL J 29 -16.64 -54.14 3.32
N ASP J 30 -15.41 -54.15 2.78
CA ASP J 30 -15.04 -53.29 1.65
C ASP J 30 -13.82 -53.90 0.96
N THR J 31 -13.45 -53.29 -0.16
CA THR J 31 -12.20 -53.58 -0.84
C THR J 31 -11.09 -52.60 -0.49
N ALA J 32 -11.35 -51.66 0.42
CA ALA J 32 -10.36 -50.67 0.84
C ALA J 32 -9.47 -51.30 1.91
N VAL J 33 -8.45 -52.02 1.45
CA VAL J 33 -7.53 -52.74 2.30
C VAL J 33 -6.12 -52.27 1.92
N ALA J 34 -5.24 -52.12 2.91
CA ALA J 34 -3.88 -51.69 2.65
C ALA J 34 -2.89 -52.67 3.24
N TRP J 35 -1.76 -52.82 2.55
CA TRP J 35 -0.58 -53.52 3.05
C TRP J 35 0.54 -52.53 3.36
N TYR J 36 1.22 -52.77 4.49
CA TYR J 36 2.38 -52.00 4.92
C TYR J 36 3.60 -52.91 4.96
N GLN J 37 4.75 -52.36 4.59
CA GLN J 37 6.02 -53.05 4.67
C GLN J 37 6.85 -52.42 5.78
N GLN J 38 7.45 -53.26 6.63
CA GLN J 38 8.31 -52.80 7.72
C GLN J 38 9.58 -53.62 7.76
N LYS J 39 10.72 -52.97 7.53
CA LYS J 39 12.00 -53.62 7.66
C LYS J 39 12.54 -53.42 9.07
N PRO J 40 13.41 -54.31 9.57
CA PRO J 40 13.94 -54.13 10.94
C PRO J 40 14.62 -52.78 11.13
N GLY J 41 14.38 -52.18 12.28
CA GLY J 41 14.98 -50.89 12.59
C GLY J 41 14.41 -49.72 11.82
N GLN J 42 13.33 -49.93 11.07
CA GLN J 42 12.69 -48.89 10.28
C GLN J 42 11.20 -48.82 10.65
N SER J 43 10.60 -47.66 10.36
CA SER J 43 9.15 -47.55 10.49
C SER J 43 8.45 -48.27 9.35
N PRO J 44 7.20 -48.69 9.54
CA PRO J 44 6.42 -49.28 8.43
C PRO J 44 6.21 -48.30 7.29
N LYS J 45 6.13 -48.84 6.07
CA LYS J 45 5.91 -48.04 4.87
C LYS J 45 4.72 -48.61 4.10
N LEU J 46 3.79 -47.75 3.71
CA LEU J 46 2.63 -48.16 2.95
C LEU J 46 3.03 -48.68 1.56
N LEU J 47 2.43 -49.80 1.17
CA LEU J 47 2.78 -50.49 -0.08
C LEU J 47 1.65 -50.52 -1.10
N ILE J 48 0.50 -51.07 -0.74
CA ILE J 48 -0.67 -51.19 -1.60
C ILE J 48 -1.82 -50.43 -0.96
N TYR J 49 -2.59 -49.69 -1.77
CA TYR J 49 -3.81 -49.05 -1.30
C TYR J 49 -4.97 -49.48 -2.18
N TRP J 50 -6.14 -49.67 -1.56
CA TRP J 50 -7.37 -50.16 -2.20
C TRP J 50 -7.17 -51.53 -2.84
N ALA J 51 -6.27 -52.33 -2.27
CA ALA J 51 -6.06 -53.77 -2.47
C ALA J 51 -5.45 -54.14 -3.82
N SER J 52 -5.66 -53.35 -4.88
CA SER J 52 -5.20 -53.73 -6.21
C SER J 52 -4.25 -52.74 -6.86
N THR J 53 -4.04 -51.55 -6.31
CA THR J 53 -3.26 -50.50 -6.97
C THR J 53 -1.91 -50.32 -6.29
N ARG J 54 -0.92 -49.88 -7.06
CA ARG J 54 0.43 -49.68 -6.59
C ARG J 54 0.72 -48.21 -6.36
N HIS J 55 1.67 -47.93 -5.44
CA HIS J 55 2.23 -46.67 -5.00
C HIS J 55 3.39 -46.25 -5.90
N PRO J 56 3.73 -44.95 -5.93
CA PRO J 56 4.94 -44.53 -6.64
C PRO J 56 6.20 -45.11 -6.02
N GLY J 57 7.08 -45.59 -6.89
CA GLY J 57 8.34 -46.20 -6.53
C GLY J 57 8.28 -47.68 -6.20
N VAL J 58 7.08 -48.23 -5.99
CA VAL J 58 6.91 -49.63 -5.62
C VAL J 58 7.24 -50.46 -6.86
N PRO J 59 8.02 -51.54 -6.74
CA PRO J 59 8.37 -52.30 -7.94
C PRO J 59 7.20 -53.10 -8.46
N ASP J 60 7.20 -53.34 -9.78
CA ASP J 60 6.13 -54.03 -10.48
C ASP J 60 5.88 -55.45 -9.98
N ARG J 61 6.87 -56.09 -9.36
CA ARG J 61 6.71 -57.46 -8.86
C ARG J 61 5.69 -57.58 -7.73
N PHE J 62 5.31 -56.48 -7.09
CA PHE J 62 4.30 -56.52 -6.04
C PHE J 62 2.92 -56.40 -6.67
N THR J 63 2.06 -57.39 -6.43
CA THR J 63 0.65 -57.32 -6.81
C THR J 63 -0.22 -57.72 -5.63
N GLY J 64 -1.47 -57.26 -5.66
CA GLY J 64 -2.45 -57.67 -4.65
C GLY J 64 -3.81 -57.83 -5.29
N SER J 65 -4.69 -58.54 -4.58
CA SER J 65 -6.02 -58.86 -5.08
C SER J 65 -6.88 -59.36 -3.92
N GLY J 66 -8.12 -59.69 -4.22
CA GLY J 66 -9.12 -60.21 -3.29
C GLY J 66 -10.23 -59.23 -2.98
N SER J 67 -11.32 -59.76 -2.40
CA SER J 67 -12.46 -58.96 -1.98
C SER J 67 -13.21 -59.74 -0.91
N GLY J 68 -14.27 -59.12 -0.37
CA GLY J 68 -15.05 -59.79 0.65
C GLY J 68 -14.31 -59.98 1.97
N THR J 69 -14.15 -61.23 2.38
CA THR J 69 -13.39 -61.58 3.56
C THR J 69 -12.00 -62.14 3.25
N ASP J 70 -11.62 -62.19 1.98
CA ASP J 70 -10.39 -62.84 1.55
C ASP J 70 -9.58 -61.87 0.72
N PHE J 71 -8.31 -61.68 1.09
CA PHE J 71 -7.45 -60.71 0.44
C PHE J 71 -6.06 -61.30 0.31
N ILE J 72 -5.54 -61.34 -0.91
CA ILE J 72 -4.32 -62.06 -1.23
C ILE J 72 -3.29 -61.06 -1.76
N LEU J 73 -2.14 -61.02 -1.11
CA LEU J 73 -0.98 -60.28 -1.60
C LEU J 73 0.01 -61.30 -2.15
N THR J 74 0.51 -61.05 -3.36
CA THR J 74 1.46 -61.97 -3.99
C THR J 74 2.76 -61.22 -4.25
N ILE J 75 3.87 -61.77 -3.76
CA ILE J 75 5.21 -61.35 -4.14
C ILE J 75 5.72 -62.33 -5.20
N SER J 76 6.28 -61.80 -6.28
CA SER J 76 6.86 -62.63 -7.33
C SER J 76 8.32 -62.25 -7.53
N ASN J 77 9.17 -63.27 -7.71
CA ASN J 77 10.62 -63.12 -7.94
C ASN J 77 11.24 -62.36 -6.75
N VAL J 78 11.23 -63.06 -5.61
CA VAL J 78 11.69 -62.48 -4.36
C VAL J 78 13.19 -62.23 -4.42
N GLN J 79 13.60 -61.00 -4.11
CA GLN J 79 14.99 -60.61 -4.02
C GLN J 79 15.36 -60.40 -2.55
N SER J 80 16.60 -59.97 -2.32
CA SER J 80 17.10 -59.80 -0.95
C SER J 80 16.51 -58.58 -0.25
N GLU J 81 16.20 -57.52 -1.00
CA GLU J 81 15.64 -56.28 -0.44
C GLU J 81 14.20 -56.41 0.03
N ASP J 82 13.53 -57.54 -0.24
CA ASP J 82 12.17 -57.72 0.24
C ASP J 82 12.07 -58.36 1.62
N LEU J 83 13.19 -58.67 2.27
CA LEU J 83 13.17 -59.10 3.67
C LEU J 83 12.59 -58.00 4.54
N ALA J 84 11.48 -58.29 5.21
CA ALA J 84 10.67 -57.30 5.94
C ALA J 84 9.52 -58.02 6.61
N ASP J 85 8.75 -57.28 7.43
CA ASP J 85 7.47 -57.73 7.94
C ASP J 85 6.35 -57.07 7.14
N TYR J 86 5.31 -57.86 6.84
CA TYR J 86 4.14 -57.37 6.12
C TYR J 86 2.87 -57.56 6.95
N PHE J 87 1.98 -56.57 6.87
CA PHE J 87 0.76 -56.51 7.66
C PHE J 87 -0.41 -56.17 6.75
N CYS J 88 -1.47 -56.97 6.84
CA CYS J 88 -2.78 -56.61 6.27
C CYS J 88 -3.55 -55.71 7.24
N HIS J 89 -4.02 -54.57 6.73
CA HIS J 89 -4.75 -53.61 7.54
C HIS J 89 -6.00 -53.14 6.81
N GLN J 90 -6.96 -52.64 7.58
CA GLN J 90 -8.20 -52.08 7.07
C GLN J 90 -8.41 -50.69 7.66
N PHE J 91 -9.07 -49.82 6.89
CA PHE J 91 -9.30 -48.44 7.29
C PHE J 91 -10.73 -48.03 7.02
N ASP J 92 -11.69 -48.86 7.43
CA ASP J 92 -13.09 -48.56 7.17
C ASP J 92 -13.74 -47.81 8.32
N ARG J 93 -13.69 -48.37 9.53
CA ARG J 93 -14.30 -47.76 10.70
C ARG J 93 -13.38 -47.85 11.91
N TYR J 94 -13.46 -46.84 12.76
CA TYR J 94 -12.71 -46.82 14.01
C TYR J 94 -13.32 -47.78 15.03
N PRO J 95 -12.49 -48.38 15.91
CA PRO J 95 -11.03 -48.26 16.08
C PRO J 95 -10.18 -48.98 15.03
N LEU J 96 -9.07 -48.34 14.64
CA LEU J 96 -8.06 -48.99 13.83
C LEU J 96 -7.55 -50.24 14.54
N THR J 97 -7.29 -51.28 13.77
CA THR J 97 -6.81 -52.57 14.27
C THR J 97 -5.70 -53.10 13.38
N PHE J 98 -4.68 -53.70 14.00
CA PHE J 98 -3.54 -54.25 13.27
C PHE J 98 -3.56 -55.77 13.32
N GLY J 99 -3.04 -56.39 12.26
CA GLY J 99 -2.67 -57.79 12.27
C GLY J 99 -1.54 -58.13 13.22
N ASP J 100 -1.33 -59.45 13.37
CA ASP J 100 -0.22 -59.95 14.17
C ASP J 100 1.11 -59.75 13.46
N GLY J 101 1.15 -60.02 12.15
CA GLY J 101 2.37 -59.83 11.40
C GLY J 101 3.01 -61.11 10.90
N THR J 102 3.62 -61.07 9.72
CA THR J 102 4.33 -62.20 9.16
C THR J 102 5.78 -61.81 8.92
N LYS J 103 6.71 -62.64 9.38
CA LYS J 103 8.14 -62.47 9.18
C LYS J 103 8.64 -63.36 8.05
N LEU J 104 9.32 -62.77 7.07
CA LEU J 104 9.94 -63.56 6.03
C LEU J 104 11.33 -63.99 6.45
N GLU J 105 11.69 -65.23 6.11
CA GLU J 105 13.05 -65.73 6.23
C GLU J 105 13.53 -66.12 4.84
N LEU J 106 14.82 -65.88 4.57
CA LEU J 106 15.42 -66.38 3.33
C LEU J 106 16.11 -67.72 3.56
N VAL K 2 -12.60 8.46 -32.33
CA VAL K 2 -12.43 7.08 -32.78
C VAL K 2 -11.88 7.08 -34.21
N GLN K 3 -11.03 6.11 -34.54
CA GLN K 3 -10.60 5.87 -35.91
C GLN K 3 -10.89 4.44 -36.28
N LEU K 4 -11.43 4.23 -37.48
CA LEU K 4 -11.75 2.91 -38.00
C LEU K 4 -10.93 2.69 -39.27
N GLN K 5 -10.35 1.50 -39.42
CA GLN K 5 -9.59 1.16 -40.61
C GLN K 5 -9.93 -0.25 -41.07
N GLU K 6 -10.46 -0.36 -42.28
CA GLU K 6 -10.76 -1.64 -42.90
C GLU K 6 -9.51 -2.24 -43.51
N SER K 7 -9.42 -3.57 -43.48
CA SER K 7 -8.31 -4.27 -44.11
C SER K 7 -8.77 -5.64 -44.57
N GLY K 8 -8.07 -6.17 -45.56
CA GLY K 8 -8.31 -7.50 -46.05
C GLY K 8 -7.95 -7.62 -47.53
N PRO K 9 -8.12 -8.82 -48.10
CA PRO K 9 -7.76 -9.02 -49.51
C PRO K 9 -8.67 -8.22 -50.43
N GLY K 10 -8.07 -7.59 -51.45
CA GLY K 10 -8.85 -6.81 -52.40
C GLY K 10 -9.37 -7.59 -53.59
N LEU K 11 -9.10 -8.88 -53.66
CA LEU K 11 -9.58 -9.72 -54.75
C LEU K 11 -10.02 -11.07 -54.19
N VAL K 12 -11.24 -11.48 -54.50
CA VAL K 12 -11.85 -12.70 -53.99
C VAL K 12 -12.44 -13.45 -55.18
N LYS K 13 -12.15 -14.74 -55.27
CA LYS K 13 -12.71 -15.56 -56.33
C LYS K 13 -14.17 -15.89 -56.08
N PRO K 14 -15.00 -15.89 -57.15
CA PRO K 14 -16.43 -16.19 -56.99
C PRO K 14 -16.69 -17.55 -56.35
N SER K 15 -17.75 -17.60 -55.54
CA SER K 15 -18.23 -18.77 -54.77
C SER K 15 -17.41 -19.03 -53.52
N GLN K 16 -16.27 -18.35 -53.38
CA GLN K 16 -15.41 -18.47 -52.21
C GLN K 16 -15.88 -17.47 -51.15
N SER K 17 -15.18 -17.42 -50.02
CA SER K 17 -15.59 -16.58 -48.91
C SER K 17 -14.79 -15.29 -48.90
N LEU K 18 -15.47 -14.19 -48.60
CA LEU K 18 -14.87 -12.87 -48.45
C LEU K 18 -14.67 -12.60 -46.97
N SER K 19 -13.44 -12.30 -46.56
CA SER K 19 -13.15 -11.91 -45.19
C SER K 19 -12.51 -10.53 -45.16
N LEU K 20 -13.04 -9.66 -44.29
CA LEU K 20 -12.45 -8.34 -44.05
C LEU K 20 -12.27 -8.13 -42.55
N THR K 21 -11.26 -7.33 -42.20
CA THR K 21 -11.02 -6.94 -40.82
C THR K 21 -11.28 -5.44 -40.71
N CYS K 22 -12.00 -5.02 -39.67
CA CYS K 22 -12.08 -3.62 -39.25
C CYS K 22 -11.22 -3.49 -38.00
N SER K 23 -10.16 -2.71 -38.08
CA SER K 23 -9.34 -2.41 -36.91
C SER K 23 -9.84 -1.10 -36.31
N VAL K 24 -10.23 -1.15 -35.05
CA VAL K 24 -10.77 0.01 -34.35
C VAL K 24 -9.70 0.50 -33.37
N THR K 25 -9.53 1.82 -33.31
CA THR K 25 -8.69 2.48 -32.32
C THR K 25 -9.45 3.68 -31.79
N GLY K 26 -9.07 4.14 -30.60
CA GLY K 26 -9.74 5.25 -29.96
C GLY K 26 -11.03 4.93 -29.22
N TYR K 27 -11.55 3.71 -29.28
CA TYR K 27 -12.75 3.39 -28.50
C TYR K 27 -12.81 1.88 -28.28
N SER K 28 -13.42 1.49 -27.16
CA SER K 28 -13.55 0.09 -26.75
C SER K 28 -14.84 -0.53 -27.28
N ILE K 29 -14.72 -1.67 -27.97
CA ILE K 29 -15.90 -2.36 -28.50
C ILE K 29 -16.75 -3.07 -27.45
N THR K 30 -16.31 -3.11 -26.20
CA THR K 30 -17.11 -3.68 -25.12
C THR K 30 -17.84 -2.66 -24.25
N SER K 31 -18.23 -1.50 -24.77
CA SER K 31 -18.89 -0.55 -23.89
C SER K 31 -20.28 -0.09 -24.32
N ALA K 32 -20.50 0.27 -25.59
CA ALA K 32 -21.77 0.89 -25.98
C ALA K 32 -21.99 0.95 -27.48
N TYR K 33 -23.09 1.60 -27.88
CA TYR K 33 -23.53 1.84 -29.26
C TYR K 33 -23.56 0.62 -30.18
N TYR K 34 -23.84 0.90 -31.45
CA TYR K 34 -23.98 -0.10 -32.50
C TYR K 34 -22.79 -0.08 -33.46
N TRP K 35 -22.30 -1.26 -33.83
CA TRP K 35 -21.15 -1.40 -34.72
C TRP K 35 -21.61 -2.13 -35.97
N ASN K 36 -21.55 -1.43 -37.10
CA ASN K 36 -22.24 -1.80 -38.33
C ASN K 36 -21.22 -2.05 -39.43
N TRP K 37 -21.63 -2.83 -40.41
CA TRP K 37 -21.00 -2.89 -41.72
C TRP K 37 -21.97 -2.35 -42.77
N ILE K 38 -21.51 -1.41 -43.59
CA ILE K 38 -22.32 -0.80 -44.64
C ILE K 38 -21.46 -0.78 -45.89
N ARG K 39 -22.04 -1.11 -47.04
CA ARG K 39 -21.30 -1.10 -48.30
C ARG K 39 -21.98 -0.17 -49.30
N GLN K 40 -21.17 0.34 -50.23
CA GLN K 40 -21.64 1.23 -51.29
C GLN K 40 -21.37 0.60 -52.65
N PHE K 41 -22.43 0.39 -53.43
CA PHE K 41 -22.30 -0.25 -54.72
C PHE K 41 -21.82 0.76 -55.77
N PRO K 42 -21.36 0.29 -56.93
CA PRO K 42 -21.22 1.20 -58.08
C PRO K 42 -22.56 1.85 -58.44
N GLY K 43 -22.52 3.16 -58.63
CA GLY K 43 -23.72 3.94 -58.80
C GLY K 43 -24.23 4.61 -57.54
N LYS K 44 -23.44 4.58 -56.46
CA LYS K 44 -23.71 5.31 -55.21
C LYS K 44 -25.02 4.89 -54.55
N LYS K 45 -25.16 3.59 -54.29
CA LYS K 45 -26.27 3.08 -53.49
C LYS K 45 -25.73 2.38 -52.25
N LEU K 46 -26.37 2.61 -51.11
CA LEU K 46 -25.97 2.04 -49.84
C LEU K 46 -26.93 0.93 -49.41
N GLU K 47 -26.37 -0.18 -48.93
CA GLU K 47 -27.18 -1.27 -48.38
C GLU K 47 -26.59 -1.70 -47.05
N TRP K 48 -27.42 -1.67 -46.00
CA TRP K 48 -27.04 -2.18 -44.69
C TRP K 48 -27.10 -3.70 -44.61
N MET K 49 -26.00 -4.32 -44.20
CA MET K 49 -25.88 -5.77 -44.15
C MET K 49 -26.22 -6.34 -42.79
N GLY K 50 -25.82 -5.68 -41.71
CA GLY K 50 -26.01 -6.18 -40.36
C GLY K 50 -25.22 -5.36 -39.37
N TYR K 51 -25.40 -5.66 -38.09
CA TYR K 51 -24.71 -4.93 -37.04
C TYR K 51 -24.18 -5.87 -35.95
N LEU K 52 -23.55 -5.25 -34.95
CA LEU K 52 -23.15 -5.89 -33.71
C LEU K 52 -23.50 -4.98 -32.54
N LEU K 53 -23.61 -5.58 -31.36
CA LEU K 53 -23.68 -4.81 -30.12
C LEU K 53 -22.48 -5.11 -29.24
N TYR K 54 -22.22 -4.21 -28.28
CA TYR K 54 -21.16 -4.40 -27.28
C TYR K 54 -21.29 -5.71 -26.51
N ASP K 55 -22.49 -6.27 -26.42
CA ASP K 55 -22.73 -7.52 -25.69
C ASP K 55 -22.68 -8.77 -26.56
N GLY K 56 -22.34 -8.63 -27.84
CA GLY K 56 -22.15 -9.77 -28.71
C GLY K 56 -23.37 -10.23 -29.47
N SER K 57 -24.49 -9.53 -29.37
CA SER K 57 -25.69 -9.91 -30.12
C SER K 57 -25.50 -9.61 -31.60
N THR K 58 -26.10 -10.44 -32.44
CA THR K 58 -25.95 -10.36 -33.89
C THR K 58 -27.31 -10.14 -34.56
N GLY K 59 -27.33 -9.24 -35.52
CA GLY K 59 -28.49 -9.04 -36.36
C GLY K 59 -28.07 -8.75 -37.78
N TYR K 60 -28.89 -9.19 -38.73
CA TYR K 60 -28.55 -9.11 -40.15
C TYR K 60 -29.77 -8.68 -40.94
N ASN K 61 -29.51 -8.05 -42.09
CA ASN K 61 -30.58 -7.76 -43.05
C ASN K 61 -31.13 -9.08 -43.57
N PRO K 62 -32.45 -9.32 -43.50
CA PRO K 62 -33.01 -10.58 -44.05
C PRO K 62 -32.74 -10.81 -45.53
N SER K 63 -32.58 -9.75 -46.35
CA SER K 63 -32.31 -9.92 -47.78
C SER K 63 -31.04 -10.71 -48.06
N LEU K 64 -30.13 -10.79 -47.09
CA LEU K 64 -28.84 -11.46 -47.25
C LEU K 64 -28.94 -12.89 -46.75
N LYS K 65 -30.15 -13.29 -46.32
CA LYS K 65 -30.44 -14.63 -45.82
C LYS K 65 -29.46 -15.09 -44.73
N ASN K 66 -28.89 -16.29 -44.88
CA ASN K 66 -27.84 -16.78 -43.99
C ASN K 66 -26.44 -16.53 -44.58
N ARG K 67 -26.30 -15.69 -45.61
CA ARG K 67 -24.99 -15.54 -46.25
C ARG K 67 -23.94 -14.84 -45.39
N ILE K 68 -24.30 -14.25 -44.26
CA ILE K 68 -23.40 -13.41 -43.48
C ILE K 68 -23.30 -13.93 -42.06
N SER K 69 -22.07 -14.18 -41.61
CA SER K 69 -21.75 -14.31 -40.19
C SER K 69 -20.80 -13.18 -39.83
N ILE K 70 -21.09 -12.47 -38.74
CA ILE K 70 -20.23 -11.42 -38.22
C ILE K 70 -19.77 -11.78 -36.81
N THR K 71 -18.47 -11.63 -36.56
CA THR K 71 -17.77 -12.23 -35.44
C THR K 71 -16.76 -11.17 -34.98
N ARG K 72 -16.14 -11.33 -33.80
CA ARG K 72 -15.22 -10.34 -33.29
C ARG K 72 -14.14 -10.97 -32.41
N ASP K 73 -13.05 -10.23 -32.23
CA ASP K 73 -11.98 -10.57 -31.29
C ASP K 73 -11.82 -9.35 -30.38
N THR K 74 -12.22 -9.51 -29.10
CA THR K 74 -12.23 -8.42 -28.15
C THR K 74 -10.85 -8.14 -27.55
N SER K 75 -9.93 -9.11 -27.60
CA SER K 75 -8.56 -8.86 -27.16
C SER K 75 -7.84 -7.87 -28.06
N LYS K 76 -8.03 -8.00 -29.37
CA LYS K 76 -7.39 -7.13 -30.34
C LYS K 76 -8.23 -5.91 -30.69
N ASN K 77 -9.45 -5.83 -30.12
CA ASN K 77 -10.42 -4.75 -30.35
C ASN K 77 -10.76 -4.65 -31.84
N GLN K 78 -10.95 -5.80 -32.48
CA GLN K 78 -11.27 -5.91 -33.89
C GLN K 78 -12.58 -6.68 -34.03
N PHE K 79 -13.35 -6.35 -35.07
CA PHE K 79 -14.47 -7.19 -35.49
C PHE K 79 -14.37 -7.47 -36.97
N PHE K 80 -15.10 -8.50 -37.41
CA PHE K 80 -14.81 -9.20 -38.66
C PHE K 80 -16.09 -9.44 -39.47
N LEU K 81 -15.95 -9.41 -40.78
CA LEU K 81 -17.02 -9.76 -41.71
C LEU K 81 -16.60 -11.03 -42.46
N LYS K 82 -17.51 -11.99 -42.56
CA LYS K 82 -17.39 -13.10 -43.49
C LYS K 82 -18.63 -13.18 -44.36
N LEU K 83 -18.43 -13.24 -45.68
CA LEU K 83 -19.54 -13.31 -46.64
C LEU K 83 -19.38 -14.52 -47.55
N ASN K 84 -20.31 -15.46 -47.42
CA ASN K 84 -20.28 -16.72 -48.14
C ASN K 84 -20.92 -16.51 -49.52
N SER K 85 -20.55 -17.39 -50.47
CA SER K 85 -21.26 -17.54 -51.75
C SER K 85 -21.37 -16.22 -52.52
N VAL K 86 -20.22 -15.58 -52.75
CA VAL K 86 -20.21 -14.24 -53.31
C VAL K 86 -20.52 -14.30 -54.80
N THR K 87 -21.06 -13.20 -55.32
CA THR K 87 -21.36 -12.97 -56.73
C THR K 87 -20.74 -11.64 -57.16
N PRO K 88 -20.52 -11.45 -58.47
CA PRO K 88 -20.03 -10.15 -58.94
C PRO K 88 -20.98 -8.98 -58.69
N GLU K 89 -22.26 -9.22 -58.42
CA GLU K 89 -23.14 -8.12 -58.03
C GLU K 89 -22.96 -7.72 -56.57
N ASP K 90 -22.13 -8.44 -55.81
CA ASP K 90 -21.75 -8.05 -54.46
C ASP K 90 -20.49 -7.21 -54.44
N THR K 91 -19.91 -6.90 -55.59
CA THR K 91 -18.78 -5.99 -55.69
C THR K 91 -19.20 -4.59 -55.26
N ALA K 92 -18.42 -3.99 -54.36
CA ALA K 92 -18.79 -2.75 -53.68
C ALA K 92 -17.63 -2.32 -52.79
N THR K 93 -17.73 -1.10 -52.28
CA THR K 93 -16.77 -0.56 -51.33
C THR K 93 -17.33 -0.73 -49.92
N TYR K 94 -16.60 -1.45 -49.08
CA TYR K 94 -17.10 -1.90 -47.80
C TYR K 94 -16.61 -1.00 -46.67
N TYR K 95 -17.55 -0.46 -45.90
CA TYR K 95 -17.26 0.43 -44.78
C TYR K 95 -17.66 -0.23 -43.47
N CYS K 96 -16.89 0.04 -42.43
CA CYS K 96 -17.30 -0.24 -41.05
C CYS K 96 -17.53 1.09 -40.35
N SER K 97 -18.74 1.28 -39.82
CA SER K 97 -19.18 2.59 -39.36
C SER K 97 -19.71 2.49 -37.94
N ARG K 98 -19.68 3.62 -37.23
CA ARG K 98 -20.04 3.70 -35.83
C ARG K 98 -21.23 4.64 -35.66
N GLU K 99 -22.31 4.14 -35.06
CA GLU K 99 -23.55 4.90 -34.94
C GLU K 99 -24.16 4.90 -33.54
N GLY K 100 -24.59 6.07 -33.10
CA GLY K 100 -25.43 6.23 -31.91
C GLY K 100 -25.39 7.62 -31.32
N ASN K 101 -26.36 7.92 -30.43
CA ASN K 101 -26.44 9.19 -29.69
C ASN K 101 -26.29 10.43 -30.58
N ASN K 102 -26.79 10.31 -31.82
CA ASN K 102 -26.58 11.29 -32.89
C ASN K 102 -25.10 11.56 -33.15
N ARG K 103 -24.30 10.49 -33.16
CA ARG K 103 -22.93 10.49 -33.64
C ARG K 103 -22.83 9.52 -34.80
N SER K 104 -21.94 9.82 -35.76
CA SER K 104 -21.77 8.97 -36.94
C SER K 104 -20.34 9.10 -37.45
N TYR K 105 -19.54 8.06 -37.24
CA TYR K 105 -18.17 8.02 -37.74
C TYR K 105 -17.99 6.78 -38.61
N TRP K 106 -17.31 6.96 -39.74
CA TRP K 106 -17.06 5.98 -40.77
C TRP K 106 -15.56 5.81 -40.99
N GLY K 107 -15.15 4.60 -41.32
CA GLY K 107 -13.80 4.39 -41.83
C GLY K 107 -13.63 4.94 -43.24
N GLN K 108 -12.39 4.87 -43.72
CA GLN K 108 -12.11 5.34 -45.08
C GLN K 108 -12.61 4.35 -46.14
N GLY K 109 -12.82 3.10 -45.76
CA GLY K 109 -13.31 2.15 -46.74
C GLY K 109 -12.19 1.48 -47.52
N THR K 110 -12.53 0.37 -48.15
CA THR K 110 -11.62 -0.36 -49.02
C THR K 110 -12.40 -0.88 -50.22
N THR K 111 -11.70 -1.09 -51.32
CA THR K 111 -12.30 -1.54 -52.56
C THR K 111 -12.04 -3.03 -52.75
N LEU K 112 -13.06 -3.74 -53.21
CA LEU K 112 -12.97 -5.18 -53.48
C LEU K 112 -13.70 -5.47 -54.79
N ILE K 113 -13.12 -6.33 -55.61
CA ILE K 113 -13.71 -6.74 -56.88
C ILE K 113 -13.88 -8.25 -56.85
N VAL K 114 -15.10 -8.72 -57.11
CA VAL K 114 -15.42 -10.14 -57.11
C VAL K 114 -15.38 -10.61 -58.57
N SER K 115 -14.28 -11.24 -58.95
CA SER K 115 -14.12 -11.75 -60.31
C SER K 115 -13.10 -12.88 -60.30
N SER K 116 -13.15 -13.68 -61.36
CA SER K 116 -12.23 -14.81 -61.49
C SER K 116 -11.00 -14.43 -62.29
N ASP L 1 -40.98 -4.12 -42.50
CA ASP L 1 -40.40 -3.55 -43.71
C ASP L 1 -41.08 -2.24 -44.07
N ILE L 2 -40.74 -1.18 -43.34
CA ILE L 2 -41.12 0.18 -43.71
C ILE L 2 -40.31 0.58 -44.94
N VAL L 3 -41.03 0.95 -46.01
CA VAL L 3 -40.38 1.28 -47.28
C VAL L 3 -40.31 2.80 -47.40
N MET L 4 -39.11 3.33 -47.63
CA MET L 4 -38.91 4.77 -47.76
C MET L 4 -38.75 5.08 -49.25
N THR L 5 -39.74 5.73 -49.83
CA THR L 5 -39.75 6.10 -51.24
C THR L 5 -39.45 7.58 -51.42
N GLN L 6 -38.40 7.88 -52.19
CA GLN L 6 -38.10 9.25 -52.59
C GLN L 6 -38.71 9.56 -53.96
N SER L 7 -39.12 10.83 -54.13
CA SER L 7 -39.86 11.28 -55.31
C SER L 7 -39.12 10.97 -56.61
N HIS L 8 -37.95 11.59 -56.80
CA HIS L 8 -37.19 11.44 -58.02
C HIS L 8 -35.70 11.36 -57.67
N ARG L 9 -34.88 11.11 -58.69
CA ARG L 9 -33.46 10.90 -58.49
C ARG L 9 -32.60 12.14 -58.78
N PHE L 10 -32.69 12.72 -59.99
CA PHE L 10 -31.84 13.86 -60.32
C PHE L 10 -32.70 15.05 -60.73
N MET L 11 -32.44 16.19 -60.13
CA MET L 11 -33.13 17.44 -60.41
C MET L 11 -32.10 18.56 -60.53
N SER L 12 -32.22 19.38 -61.58
CA SER L 12 -31.37 20.54 -61.79
C SER L 12 -31.96 21.81 -61.17
N THR L 13 -31.09 22.61 -60.56
CA THR L 13 -31.47 23.81 -59.80
C THR L 13 -30.41 24.87 -60.08
N SER L 14 -30.70 26.13 -59.74
CA SER L 14 -29.76 27.23 -59.77
C SER L 14 -29.55 27.85 -58.39
N VAL L 15 -28.34 28.39 -58.20
CA VAL L 15 -27.92 29.08 -56.98
C VAL L 15 -28.88 30.23 -56.67
N GLY L 16 -29.40 30.24 -55.44
CA GLY L 16 -30.35 31.23 -54.98
C GLY L 16 -31.80 30.80 -55.02
N ASP L 17 -32.12 29.68 -55.66
CA ASP L 17 -33.49 29.19 -55.69
C ASP L 17 -33.75 28.29 -54.48
N ARG L 18 -34.99 28.34 -53.99
CA ARG L 18 -35.48 27.37 -53.02
C ARG L 18 -35.64 26.02 -53.71
N VAL L 19 -35.21 24.96 -53.04
CA VAL L 19 -35.39 23.58 -53.48
C VAL L 19 -35.93 22.76 -52.32
N SER L 20 -36.88 21.86 -52.61
CA SER L 20 -37.54 21.04 -51.62
C SER L 20 -37.45 19.58 -52.06
N ILE L 21 -37.00 18.73 -51.13
CA ILE L 21 -36.89 17.29 -51.35
C ILE L 21 -37.95 16.60 -50.52
N THR L 22 -38.53 15.54 -51.06
CA THR L 22 -39.66 14.84 -50.43
C THR L 22 -39.36 13.36 -50.30
N CYS L 23 -39.96 12.74 -49.29
CA CYS L 23 -39.81 11.33 -48.97
C CYS L 23 -41.14 10.80 -48.49
N LYS L 24 -41.57 9.65 -49.04
CA LYS L 24 -42.86 9.08 -48.69
C LYS L 24 -42.70 7.73 -48.01
N ALA L 25 -43.21 7.64 -46.79
CA ALA L 25 -43.14 6.46 -45.94
C ALA L 25 -44.32 5.55 -46.24
N SER L 26 -44.08 4.25 -46.17
CA SER L 26 -45.16 3.29 -46.43
C SER L 26 -46.20 3.31 -45.32
N GLN L 27 -45.78 3.51 -44.08
CA GLN L 27 -46.69 3.66 -42.95
C GLN L 27 -46.50 5.03 -42.28
N SER L 28 -47.52 5.44 -41.53
CA SER L 28 -47.41 6.62 -40.67
C SER L 28 -47.02 6.15 -39.28
N VAL L 29 -45.71 6.13 -39.02
CA VAL L 29 -45.20 5.52 -37.80
C VAL L 29 -44.92 6.55 -36.69
N ASP L 30 -44.06 7.53 -36.93
CA ASP L 30 -43.64 8.50 -35.92
C ASP L 30 -43.08 9.73 -36.62
N THR L 31 -42.58 10.66 -35.83
CA THR L 31 -41.84 11.81 -36.33
C THR L 31 -40.33 11.63 -36.25
N ALA L 32 -39.87 10.44 -35.84
CA ALA L 32 -38.44 10.16 -35.70
C ALA L 32 -37.87 9.81 -37.07
N VAL L 33 -37.54 10.84 -37.82
CA VAL L 33 -36.98 10.72 -39.17
C VAL L 33 -35.70 11.54 -39.19
N ALA L 34 -34.68 11.04 -39.88
CA ALA L 34 -33.40 11.74 -39.98
C ALA L 34 -33.02 11.91 -41.44
N TRP L 35 -32.37 13.03 -41.74
CA TRP L 35 -31.70 13.26 -43.01
C TRP L 35 -30.18 13.22 -42.86
N TYR L 36 -29.52 12.60 -43.83
CA TYR L 36 -28.07 12.53 -43.91
C TYR L 36 -27.59 13.24 -45.16
N GLN L 37 -26.45 13.92 -45.05
CA GLN L 37 -25.80 14.56 -46.18
C GLN L 37 -24.53 13.79 -46.50
N GLN L 38 -24.30 13.51 -47.78
CA GLN L 38 -23.10 12.80 -48.24
C GLN L 38 -22.52 13.52 -49.45
N LYS L 39 -21.30 14.02 -49.30
CA LYS L 39 -20.61 14.63 -50.43
C LYS L 39 -19.75 13.57 -51.11
N PRO L 40 -19.43 13.75 -52.40
CA PRO L 40 -18.62 12.74 -53.10
C PRO L 40 -17.27 12.53 -52.42
N GLY L 41 -16.85 11.28 -52.33
CA GLY L 41 -15.58 10.96 -51.69
C GLY L 41 -15.57 11.10 -50.19
N GLN L 42 -16.74 11.36 -49.58
CA GLN L 42 -16.87 11.52 -48.14
C GLN L 42 -17.92 10.56 -47.62
N SER L 43 -17.84 10.29 -46.32
CA SER L 43 -18.88 9.53 -45.65
C SER L 43 -20.14 10.39 -45.44
N PRO L 44 -21.31 9.77 -45.31
CA PRO L 44 -22.53 10.51 -44.95
C PRO L 44 -22.41 11.19 -43.60
N LYS L 45 -23.07 12.34 -43.45
CA LYS L 45 -23.07 13.08 -42.19
C LYS L 45 -24.51 13.36 -41.79
N LEU L 46 -24.84 13.08 -40.53
CA LEU L 46 -26.18 13.33 -40.00
C LEU L 46 -26.48 14.84 -40.01
N LEU L 47 -27.68 15.19 -40.46
CA LEU L 47 -28.08 16.59 -40.63
C LEU L 47 -29.24 17.03 -39.73
N ILE L 48 -30.39 16.36 -39.85
CA ILE L 48 -31.59 16.66 -39.08
C ILE L 48 -31.95 15.44 -38.24
N TYR L 49 -32.36 15.67 -36.98
CA TYR L 49 -32.89 14.60 -36.14
C TYR L 49 -34.26 15.01 -35.63
N TRP L 50 -35.16 14.02 -35.56
CA TRP L 50 -36.57 14.21 -35.18
C TRP L 50 -37.30 15.19 -36.10
N ALA L 51 -36.88 15.22 -37.37
CA ALA L 51 -37.55 15.81 -38.53
C ALA L 51 -37.56 17.35 -38.55
N SER L 52 -37.51 18.02 -37.40
CA SER L 52 -37.63 19.47 -37.39
C SER L 52 -36.45 20.21 -36.75
N THR L 53 -35.55 19.54 -36.06
CA THR L 53 -34.48 20.19 -35.30
C THR L 53 -33.15 20.10 -36.03
N ARG L 54 -32.29 21.09 -35.79
CA ARG L 54 -31.01 21.18 -36.47
C ARG L 54 -29.87 20.71 -35.56
N HIS L 55 -28.86 20.10 -36.18
CA HIS L 55 -27.68 19.63 -35.48
C HIS L 55 -26.71 20.79 -35.22
N PRO L 56 -25.78 20.63 -34.27
CA PRO L 56 -24.72 21.62 -34.11
C PRO L 56 -23.84 21.74 -35.35
N GLY L 57 -23.57 22.99 -35.72
CA GLY L 57 -22.81 23.35 -36.90
C GLY L 57 -23.60 23.42 -38.18
N VAL L 58 -24.82 22.89 -38.19
CA VAL L 58 -25.63 22.89 -39.42
C VAL L 58 -26.11 24.31 -39.69
N PRO L 59 -26.03 24.80 -40.93
CA PRO L 59 -26.43 26.19 -41.18
C PRO L 59 -27.94 26.35 -41.11
N ASP L 60 -28.36 27.56 -40.74
CA ASP L 60 -29.76 27.90 -40.55
C ASP L 60 -30.62 27.72 -41.80
N ARG L 61 -30.01 27.75 -42.99
CA ARG L 61 -30.76 27.60 -44.24
C ARG L 61 -31.37 26.21 -44.41
N PHE L 62 -30.94 25.22 -43.65
CA PHE L 62 -31.53 23.89 -43.72
C PHE L 62 -32.73 23.83 -42.78
N THR L 63 -33.91 23.52 -43.32
CA THR L 63 -35.10 23.26 -42.52
C THR L 63 -35.77 21.96 -42.97
N GLY L 64 -36.54 21.38 -42.06
CA GLY L 64 -37.34 20.21 -42.38
C GLY L 64 -38.66 20.28 -41.65
N SER L 65 -39.62 19.49 -42.14
CA SER L 65 -40.98 19.50 -41.62
C SER L 65 -41.70 18.25 -42.13
N GLY L 66 -42.96 18.11 -41.74
CA GLY L 66 -43.82 17.02 -42.14
C GLY L 66 -44.12 16.06 -41.00
N SER L 67 -45.14 15.23 -41.22
CA SER L 67 -45.55 14.21 -40.26
C SER L 67 -46.29 13.12 -41.03
N GLY L 68 -46.69 12.07 -40.31
CA GLY L 68 -47.43 11.00 -40.94
C GLY L 68 -46.60 10.18 -41.93
N THR L 69 -47.03 10.16 -43.18
CA THR L 69 -46.28 9.51 -44.25
C THR L 69 -45.54 10.49 -45.15
N ASP L 70 -45.59 11.79 -44.85
CA ASP L 70 -45.06 12.81 -45.74
C ASP L 70 -44.09 13.69 -44.97
N PHE L 71 -42.88 13.84 -45.50
CA PHE L 71 -41.81 14.58 -44.84
C PHE L 71 -41.04 15.36 -45.89
N ILE L 72 -40.91 16.66 -45.68
CA ILE L 72 -40.34 17.58 -46.66
C ILE L 72 -39.09 18.20 -46.07
N LEU L 73 -37.97 18.06 -46.76
CA LEU L 73 -36.74 18.78 -46.45
C LEU L 73 -36.63 19.94 -47.44
N THR L 74 -36.36 21.14 -46.93
CA THR L 74 -36.24 22.32 -47.78
C THR L 74 -34.84 22.90 -47.62
N ILE L 75 -34.15 23.08 -48.75
CA ILE L 75 -32.92 23.86 -48.82
C ILE L 75 -33.29 25.24 -49.35
N SER L 76 -32.75 26.28 -48.73
CA SER L 76 -32.97 27.65 -49.19
C SER L 76 -31.63 28.36 -49.34
N ASN L 77 -31.51 29.15 -50.42
CA ASN L 77 -30.31 29.94 -50.75
C ASN L 77 -29.10 29.01 -50.87
N VAL L 78 -29.16 28.19 -51.93
CA VAL L 78 -28.17 27.14 -52.15
C VAL L 78 -26.83 27.75 -52.51
N GLN L 79 -25.78 27.31 -51.82
CA GLN L 79 -24.41 27.69 -52.11
C GLN L 79 -23.68 26.50 -52.72
N SER L 80 -22.37 26.68 -52.98
CA SER L 80 -21.58 25.62 -53.62
C SER L 80 -21.36 24.43 -52.70
N GLU L 81 -21.26 24.65 -51.40
CA GLU L 81 -21.02 23.60 -50.41
C GLU L 81 -22.21 22.67 -50.19
N ASP L 82 -23.38 22.97 -50.76
CA ASP L 82 -24.51 22.04 -50.61
C ASP L 82 -24.59 20.97 -51.68
N LEU L 83 -23.64 20.93 -52.63
CA LEU L 83 -23.58 19.81 -53.56
C LEU L 83 -23.31 18.52 -52.81
N ALA L 84 -24.21 17.54 -52.89
CA ALA L 84 -24.16 16.33 -52.05
C ALA L 84 -25.32 15.41 -52.44
N ASP L 85 -25.31 14.21 -51.84
CA ASP L 85 -26.44 13.30 -51.86
C ASP L 85 -27.18 13.39 -50.53
N TYR L 86 -28.50 13.38 -50.57
CA TYR L 86 -29.34 13.42 -49.37
C TYR L 86 -30.23 12.19 -49.28
N PHE L 87 -30.39 11.67 -48.06
CA PHE L 87 -31.14 10.45 -47.83
C PHE L 87 -32.11 10.64 -46.65
N CYS L 88 -33.38 10.32 -46.87
CA CYS L 88 -34.35 10.14 -45.79
C CYS L 88 -34.24 8.75 -45.19
N HIS L 89 -34.47 8.62 -43.88
CA HIS L 89 -34.54 7.33 -43.22
C HIS L 89 -35.55 7.35 -42.08
N GLN L 90 -35.82 6.16 -41.55
CA GLN L 90 -36.61 5.96 -40.36
C GLN L 90 -35.77 5.22 -39.32
N PHE L 91 -35.98 5.54 -38.05
CA PHE L 91 -35.21 4.95 -36.96
C PHE L 91 -36.13 4.50 -35.84
N ASP L 92 -37.20 3.77 -36.20
CA ASP L 92 -38.18 3.31 -35.21
C ASP L 92 -37.99 1.83 -34.89
N ARG L 93 -37.97 0.97 -35.91
CA ARG L 93 -37.80 -0.47 -35.72
C ARG L 93 -36.89 -1.04 -36.80
N TYR L 94 -36.15 -2.08 -36.42
CA TYR L 94 -35.36 -2.84 -37.37
C TYR L 94 -36.27 -3.63 -38.31
N PRO L 95 -35.84 -3.86 -39.56
CA PRO L 95 -34.60 -3.46 -40.24
C PRO L 95 -34.46 -1.99 -40.66
N LEU L 96 -33.25 -1.46 -40.51
CA LEU L 96 -32.89 -0.16 -41.06
C LEU L 96 -33.13 -0.15 -42.57
N THR L 97 -33.59 0.98 -43.09
CA THR L 97 -33.90 1.13 -44.50
C THR L 97 -33.40 2.47 -45.03
N PHE L 98 -32.86 2.46 -46.25
CA PHE L 98 -32.33 3.64 -46.89
C PHE L 98 -33.22 4.02 -48.06
N GLY L 99 -33.30 5.33 -48.34
CA GLY L 99 -33.79 5.81 -49.60
C GLY L 99 -32.92 5.41 -50.78
N ASP L 100 -33.46 5.66 -51.98
CA ASP L 100 -32.64 5.51 -53.18
C ASP L 100 -31.63 6.63 -53.30
N GLY L 101 -31.90 7.78 -52.67
CA GLY L 101 -30.98 8.90 -52.68
C GLY L 101 -31.25 9.90 -53.77
N THR L 102 -31.03 11.18 -53.49
CA THR L 102 -31.20 12.24 -54.49
C THR L 102 -29.87 12.96 -54.64
N LYS L 103 -29.45 13.14 -55.89
CA LYS L 103 -28.24 13.88 -56.25
C LYS L 103 -28.62 15.26 -56.74
N LEU L 104 -28.01 16.29 -56.15
CA LEU L 104 -28.23 17.64 -56.64
C LEU L 104 -27.23 17.95 -57.75
N GLU L 105 -27.70 18.65 -58.77
CA GLU L 105 -26.85 19.22 -59.81
C GLU L 105 -27.05 20.73 -59.79
N LEU L 106 -25.97 21.48 -60.03
CA LEU L 106 -26.10 22.92 -60.21
C LEU L 106 -26.21 23.29 -61.68
#